data_5F13
#
_entry.id   5F13
#
_cell.length_a   223.035
_cell.length_b   95.550
_cell.length_c   78.097
_cell.angle_alpha   90.00
_cell.angle_beta   105.84
_cell.angle_gamma   90.00
#
_symmetry.space_group_name_H-M   'C 1 2 1'
#
loop_
_entity.id
_entity.type
_entity.pdbx_description
1 polymer 'Protein-glutamate O-methyltransferase'
2 non-polymer 'MANGANESE (II) ION'
3 non-polymer 'PHOSPHATE ION'
4 non-polymer 'CHLORIDE ION'
5 non-polymer 1,2-ETHANEDIOL
6 water water
#
_entity_poly.entity_id   1
_entity_poly.type   'polypeptide(L)'
_entity_poly.pdbx_seq_one_letter_code
;HMTIPGRFMTIDKGTFGEYTASTRWPIIIQNAIDDLSKHQETEKSNGTKFEQGEVIKKELKEFRQEIIDRVPLRPFTEEE
IKIANVPLSFNEYLKKHPEVNWGAVEWLFSEVYLYRRVNVLFQRQCEWAKFDIFNRLKQSTFESSFYGVVELALRYENLL
PQLREMKQNPGNEIDDILKVLFKEFIEISLWGNATDLSLLTNATLEDIKSIQGAKARAASESKIVVNDTEKAWEVLTKAR
ADANSREIRVDFVLDNSGFELYADLMLAAFLLQSGLATKCIFHAKDIPYMVSDVMLKDFDILVHDLRDREFFPSGEPSTK
ESRALDLFAGEMEKFVSSGKIEFREDSFWTTELDYWNLDANETKYHGSILHKDLQKSNLVIFKGDLNYRKLTGDRKWPRT
TKWETAIGPLATNGITSLSLRTCKADVQVALPEGLDAKLSQEWEKENPGRGSWWCCSGKWAVICFCSGIHK
;
_entity_poly.pdbx_strand_id   A,B,C
#
# COMPACT_ATOMS: atom_id res chain seq x y z
N ILE A 4 9.42 -42.14 -38.39
CA ILE A 4 8.18 -41.36 -38.32
C ILE A 4 7.03 -42.23 -37.80
N PRO A 5 6.34 -41.78 -36.74
CA PRO A 5 5.19 -42.57 -36.26
C PRO A 5 4.08 -42.65 -37.31
N GLY A 6 3.28 -43.71 -37.24
CA GLY A 6 2.15 -43.87 -38.13
C GLY A 6 1.00 -42.98 -37.70
N ARG A 7 -0.01 -42.88 -38.55
CA ARG A 7 -1.17 -42.05 -38.24
C ARG A 7 -2.12 -42.79 -37.31
N PHE A 8 -2.94 -42.04 -36.57
CA PHE A 8 -3.95 -42.64 -35.72
C PHE A 8 -4.98 -43.40 -36.54
N MET A 9 -5.28 -44.61 -36.09
CA MET A 9 -6.21 -45.49 -36.80
C MET A 9 -7.56 -45.52 -36.09
N THR A 10 -8.56 -46.10 -36.74
CA THR A 10 -9.86 -46.29 -36.12
C THR A 10 -9.89 -47.60 -35.32
N ILE A 11 -8.74 -48.27 -35.26
CA ILE A 11 -8.58 -49.51 -34.48
C ILE A 11 -7.70 -49.33 -33.25
N ASP A 12 -7.03 -48.19 -33.15
CA ASP A 12 -6.16 -47.94 -32.00
C ASP A 12 -6.99 -48.00 -30.72
N LYS A 13 -6.90 -49.13 -30.03
CA LYS A 13 -7.71 -49.37 -28.85
C LYS A 13 -7.48 -48.30 -27.79
N GLY A 14 -8.56 -47.75 -27.27
CA GLY A 14 -8.48 -46.80 -26.17
C GLY A 14 -8.40 -45.35 -26.61
N THR A 15 -8.25 -45.11 -27.91
CA THR A 15 -8.11 -43.76 -28.42
C THR A 15 -9.47 -43.12 -28.67
N PHE A 16 -9.52 -41.79 -28.60
CA PHE A 16 -10.73 -41.05 -28.85
C PHE A 16 -11.15 -41.17 -30.31
N GLY A 17 -10.19 -41.47 -31.18
CA GLY A 17 -10.47 -41.68 -32.58
C GLY A 17 -11.32 -42.91 -32.79
N GLU A 18 -10.94 -44.01 -32.14
CA GLU A 18 -11.68 -45.25 -32.23
C GLU A 18 -13.14 -45.05 -31.85
N TYR A 19 -13.36 -44.41 -30.71
CA TYR A 19 -14.70 -44.12 -30.23
C TYR A 19 -15.48 -43.28 -31.26
N THR A 20 -14.84 -42.23 -31.76
CA THR A 20 -15.48 -41.30 -32.69
C THR A 20 -15.96 -42.00 -33.95
N ALA A 21 -15.08 -42.83 -34.53
CA ALA A 21 -15.39 -43.48 -35.79
C ALA A 21 -16.55 -44.47 -35.68
N SER A 22 -16.73 -45.05 -34.49
CA SER A 22 -17.76 -46.06 -34.29
C SER A 22 -19.07 -45.47 -33.76
N THR A 23 -18.97 -44.33 -33.08
CA THR A 23 -20.13 -43.74 -32.40
C THR A 23 -20.59 -42.44 -33.03
N ARG A 24 -19.66 -41.54 -33.31
CA ARG A 24 -20.00 -40.21 -33.77
C ARG A 24 -20.45 -40.18 -35.23
N TRP A 25 -19.75 -40.91 -36.09
CA TRP A 25 -20.00 -40.81 -37.53
C TRP A 25 -21.36 -41.38 -37.93
N PRO A 26 -21.75 -42.52 -37.37
CA PRO A 26 -23.12 -42.97 -37.68
C PRO A 26 -24.16 -41.91 -37.32
N ILE A 27 -23.92 -41.18 -36.23
CA ILE A 27 -24.86 -40.14 -35.78
C ILE A 27 -24.86 -38.95 -36.74
N ILE A 28 -23.69 -38.58 -37.23
CA ILE A 28 -23.58 -37.47 -38.17
C ILE A 28 -24.41 -37.77 -39.42
N ILE A 29 -24.31 -38.99 -39.93
CA ILE A 29 -25.07 -39.39 -41.11
C ILE A 29 -26.55 -39.38 -40.81
N GLN A 30 -26.93 -39.81 -39.61
CA GLN A 30 -28.33 -39.83 -39.22
C GLN A 30 -28.88 -38.41 -39.10
N ASN A 31 -28.08 -37.50 -38.56
CA ASN A 31 -28.48 -36.11 -38.48
C ASN A 31 -28.69 -35.53 -39.88
N ALA A 32 -27.84 -35.93 -40.81
CA ALA A 32 -27.97 -35.51 -42.21
C ALA A 32 -29.29 -36.01 -42.79
N ILE A 33 -29.68 -37.21 -42.38
CA ILE A 33 -30.94 -37.80 -42.82
C ILE A 33 -32.12 -37.04 -42.24
N ASP A 34 -32.05 -36.72 -40.96
CA ASP A 34 -33.13 -36.01 -40.29
C ASP A 34 -33.27 -34.59 -40.80
N ASP A 35 -32.14 -33.90 -40.97
CA ASP A 35 -32.15 -32.52 -41.42
C ASP A 35 -32.62 -32.43 -42.87
N LEU A 36 -32.44 -33.50 -43.62
CA LEU A 36 -32.92 -33.55 -44.99
C LEU A 36 -34.44 -33.64 -45.01
N SER A 37 -35.00 -34.39 -44.06
CA SER A 37 -36.45 -34.51 -43.94
C SER A 37 -37.07 -33.18 -43.51
N LYS A 38 -36.46 -32.54 -42.52
CA LYS A 38 -36.95 -31.25 -42.03
C LYS A 38 -37.10 -30.26 -43.18
N HIS A 39 -36.22 -30.36 -44.16
CA HIS A 39 -36.24 -29.45 -45.30
C HIS A 39 -37.41 -29.77 -46.25
N GLN A 40 -37.69 -31.06 -46.42
CA GLN A 40 -38.74 -31.48 -47.34
C GLN A 40 -40.12 -31.06 -46.86
N GLU A 41 -40.25 -30.80 -45.56
CA GLU A 41 -41.52 -30.37 -44.98
C GLU A 41 -42.11 -29.18 -45.72
N THR A 42 -41.29 -28.15 -45.94
CA THR A 42 -41.77 -26.91 -46.55
C THR A 42 -41.78 -26.98 -48.08
N GLU A 43 -41.98 -28.18 -48.62
CA GLU A 43 -42.01 -28.37 -50.06
C GLU A 43 -42.97 -29.50 -50.43
N LYS A 44 -43.55 -29.41 -51.63
CA LYS A 44 -44.49 -30.41 -52.12
C LYS A 44 -43.96 -31.83 -51.93
N SER A 45 -44.87 -32.77 -51.70
CA SER A 45 -44.48 -34.16 -51.47
C SER A 45 -44.50 -34.98 -52.75
N ASN A 46 -44.42 -34.31 -53.89
CA ASN A 46 -44.34 -34.98 -55.17
C ASN A 46 -43.44 -34.19 -56.12
N GLY A 47 -43.07 -34.81 -57.24
CA GLY A 47 -42.22 -34.16 -58.22
C GLY A 47 -40.78 -34.59 -58.13
N THR A 48 -39.95 -34.04 -59.01
CA THR A 48 -38.56 -34.43 -59.13
C THR A 48 -37.74 -34.12 -57.88
N LYS A 49 -37.82 -32.88 -57.40
CA LYS A 49 -37.02 -32.45 -56.27
C LYS A 49 -37.27 -33.35 -55.04
N PHE A 50 -38.53 -33.67 -54.81
CA PHE A 50 -38.90 -34.51 -53.67
C PHE A 50 -38.37 -35.93 -53.83
N GLU A 51 -38.56 -36.49 -55.03
CA GLU A 51 -38.09 -37.85 -55.32
C GLU A 51 -36.58 -37.97 -55.17
N GLN A 52 -35.86 -36.96 -55.66
CA GLN A 52 -34.41 -36.96 -55.58
C GLN A 52 -33.96 -36.89 -54.12
N GLY A 53 -34.72 -36.17 -53.31
CA GLY A 53 -34.46 -36.09 -51.88
C GLY A 53 -34.59 -37.46 -51.24
N GLU A 54 -35.64 -38.18 -51.63
CA GLU A 54 -35.88 -39.52 -51.10
C GLU A 54 -34.74 -40.47 -51.44
N VAL A 55 -34.23 -40.39 -52.66
CA VAL A 55 -33.12 -41.24 -53.08
C VAL A 55 -31.88 -40.94 -52.23
N ILE A 56 -31.60 -39.66 -52.03
CA ILE A 56 -30.46 -39.25 -51.21
C ILE A 56 -30.60 -39.80 -49.80
N LYS A 57 -31.82 -39.73 -49.26
CA LYS A 57 -32.08 -40.20 -47.91
C LYS A 57 -31.85 -41.70 -47.78
N LYS A 58 -32.25 -42.45 -48.81
CA LYS A 58 -32.05 -43.89 -48.81
C LYS A 58 -30.56 -44.23 -48.94
N GLU A 59 -29.85 -43.43 -49.72
CA GLU A 59 -28.43 -43.66 -49.95
C GLU A 59 -27.61 -43.31 -48.71
N LEU A 60 -28.03 -42.28 -48.00
CA LEU A 60 -27.42 -41.92 -46.73
C LEU A 60 -27.64 -43.02 -45.70
N LYS A 61 -28.87 -43.49 -45.60
CA LYS A 61 -29.22 -44.57 -44.70
C LYS A 61 -28.36 -45.80 -44.98
N GLU A 62 -28.09 -46.05 -46.25
CA GLU A 62 -27.26 -47.16 -46.67
C GLU A 62 -25.80 -46.89 -46.32
N PHE A 63 -25.40 -45.62 -46.45
CA PHE A 63 -24.02 -45.23 -46.17
C PHE A 63 -23.72 -45.35 -44.68
N ARG A 64 -24.70 -44.96 -43.86
CA ARG A 64 -24.57 -45.08 -42.41
C ARG A 64 -24.35 -46.54 -42.02
N GLN A 65 -25.09 -47.43 -42.68
CA GLN A 65 -25.03 -48.85 -42.39
C GLN A 65 -23.70 -49.45 -42.81
N GLU A 66 -23.09 -48.89 -43.84
CA GLU A 66 -21.77 -49.34 -44.30
C GLU A 66 -20.71 -49.12 -43.22
N ILE A 67 -20.74 -47.93 -42.62
CA ILE A 67 -19.78 -47.56 -41.58
C ILE A 67 -19.92 -48.48 -40.38
N ILE A 68 -21.17 -48.69 -39.94
CA ILE A 68 -21.45 -49.54 -38.81
C ILE A 68 -20.93 -50.95 -39.06
N ASP A 69 -21.22 -51.48 -40.24
CA ASP A 69 -20.80 -52.84 -40.59
C ASP A 69 -19.29 -52.91 -40.89
N ARG A 70 -18.62 -51.78 -40.84
CA ARG A 70 -17.17 -51.73 -41.04
C ARG A 70 -16.76 -52.30 -42.40
N VAL A 71 -17.47 -51.91 -43.45
CA VAL A 71 -17.18 -52.41 -44.79
C VAL A 71 -15.93 -51.75 -45.34
N PRO A 72 -15.31 -52.38 -46.36
CA PRO A 72 -14.17 -51.72 -47.02
C PRO A 72 -14.58 -50.40 -47.65
N LEU A 73 -13.69 -49.41 -47.60
CA LEU A 73 -13.94 -48.15 -48.29
C LEU A 73 -13.73 -48.34 -49.78
N ARG A 74 -14.80 -48.18 -50.56
CA ARG A 74 -14.71 -48.35 -52.00
C ARG A 74 -14.14 -47.10 -52.64
N PRO A 75 -13.49 -47.26 -53.81
CA PRO A 75 -13.02 -46.08 -54.55
C PRO A 75 -14.17 -45.33 -55.22
N PHE A 76 -13.91 -44.12 -55.69
CA PHE A 76 -14.91 -43.36 -56.44
C PHE A 76 -14.89 -43.79 -57.90
N THR A 77 -16.08 -43.93 -58.49
CA THR A 77 -16.20 -44.36 -59.88
C THR A 77 -15.80 -43.24 -60.84
N GLU A 78 -15.51 -43.62 -62.08
CA GLU A 78 -15.16 -42.68 -63.13
C GLU A 78 -16.21 -41.58 -63.27
N GLU A 79 -17.48 -41.97 -63.24
CA GLU A 79 -18.58 -41.01 -63.38
C GLU A 79 -18.67 -40.07 -62.18
N GLU A 80 -18.66 -40.65 -60.98
CA GLU A 80 -18.72 -39.86 -59.76
C GLU A 80 -17.65 -38.76 -59.74
N ILE A 81 -16.41 -39.14 -60.07
CA ILE A 81 -15.31 -38.18 -60.13
C ILE A 81 -15.66 -37.03 -61.06
N LYS A 82 -16.24 -37.35 -62.21
CA LYS A 82 -16.57 -36.36 -63.21
C LYS A 82 -17.75 -35.50 -62.78
N ILE A 83 -18.82 -36.13 -62.32
CA ILE A 83 -20.04 -35.42 -61.93
C ILE A 83 -19.81 -34.50 -60.74
N ALA A 84 -19.17 -35.01 -59.69
CA ALA A 84 -18.99 -34.26 -58.45
C ALA A 84 -17.60 -33.62 -58.36
N ASN A 85 -16.81 -33.78 -59.41
CA ASN A 85 -15.48 -33.18 -59.46
C ASN A 85 -14.63 -33.60 -58.26
N VAL A 86 -14.57 -34.90 -58.01
CA VAL A 86 -13.79 -35.44 -56.91
C VAL A 86 -12.30 -35.42 -57.24
N PRO A 87 -11.47 -34.83 -56.36
CA PRO A 87 -10.03 -34.91 -56.64
C PRO A 87 -9.53 -36.35 -56.68
N LEU A 88 -8.51 -36.60 -57.50
CA LEU A 88 -8.03 -37.95 -57.74
C LEU A 88 -7.18 -38.49 -56.59
N SER A 89 -6.91 -37.64 -55.60
CA SER A 89 -6.06 -38.03 -54.49
C SER A 89 -6.65 -39.21 -53.72
N PHE A 90 -7.97 -39.23 -53.57
CA PHE A 90 -8.65 -40.26 -52.79
C PHE A 90 -8.40 -41.67 -53.34
N ASN A 91 -8.64 -41.85 -54.64
CA ASN A 91 -8.46 -43.15 -55.25
C ASN A 91 -6.99 -43.58 -55.22
N GLU A 92 -6.08 -42.61 -55.32
CA GLU A 92 -4.66 -42.91 -55.25
C GLU A 92 -4.30 -43.47 -53.86
N TYR A 93 -4.97 -42.95 -52.83
CA TYR A 93 -4.76 -43.41 -51.47
C TYR A 93 -5.18 -44.86 -51.29
N LEU A 94 -6.36 -45.20 -51.80
CA LEU A 94 -6.92 -46.54 -51.63
C LEU A 94 -6.10 -47.61 -52.34
N LYS A 95 -5.51 -47.24 -53.49
CA LYS A 95 -4.62 -48.15 -54.19
C LYS A 95 -3.44 -48.52 -53.29
N LYS A 96 -2.94 -47.53 -52.56
CA LYS A 96 -1.81 -47.74 -51.65
C LYS A 96 -2.26 -48.32 -50.32
N HIS A 97 -3.56 -48.26 -50.04
CA HIS A 97 -4.12 -48.79 -48.79
C HIS A 97 -5.25 -49.77 -49.09
N PRO A 98 -4.93 -50.90 -49.74
CA PRO A 98 -5.94 -51.86 -50.16
C PRO A 98 -6.69 -52.53 -49.02
N GLU A 99 -8.00 -52.65 -49.16
CA GLU A 99 -8.83 -53.44 -48.24
C GLU A 99 -9.08 -52.74 -46.90
N VAL A 100 -8.69 -51.47 -46.77
CA VAL A 100 -8.99 -50.73 -45.55
C VAL A 100 -10.50 -50.60 -45.38
N ASN A 101 -10.98 -50.85 -44.17
CA ASN A 101 -12.39 -50.73 -43.87
C ASN A 101 -12.63 -49.70 -42.78
N TRP A 102 -13.89 -49.32 -42.58
CA TRP A 102 -14.23 -48.30 -41.60
C TRP A 102 -13.80 -48.73 -40.20
N GLY A 103 -13.78 -50.03 -39.98
CA GLY A 103 -13.38 -50.56 -38.69
C GLY A 103 -11.88 -50.50 -38.48
N ALA A 104 -11.14 -50.35 -39.57
CA ALA A 104 -9.67 -50.31 -39.51
C ALA A 104 -9.12 -49.48 -40.66
N VAL A 105 -8.73 -48.26 -40.37
CA VAL A 105 -8.30 -47.31 -41.38
C VAL A 105 -7.80 -46.05 -40.70
N GLU A 106 -6.95 -45.30 -41.38
CA GLU A 106 -6.44 -44.05 -40.81
C GLU A 106 -7.59 -43.09 -40.53
N TRP A 107 -7.57 -42.51 -39.34
CA TRP A 107 -8.62 -41.61 -38.89
C TRP A 107 -8.79 -40.42 -39.81
N LEU A 108 -7.68 -39.77 -40.16
CA LEU A 108 -7.72 -38.57 -40.99
C LEU A 108 -8.40 -38.84 -42.34
N PHE A 109 -7.86 -39.80 -43.08
CA PHE A 109 -8.39 -40.10 -44.41
C PHE A 109 -9.87 -40.43 -44.38
N SER A 110 -10.27 -41.36 -43.52
CA SER A 110 -11.62 -41.87 -43.52
C SER A 110 -12.63 -40.77 -43.16
N GLU A 111 -12.20 -39.82 -42.33
CA GLU A 111 -13.07 -38.73 -41.92
C GLU A 111 -13.33 -37.78 -43.09
N VAL A 112 -12.27 -37.46 -43.83
CA VAL A 112 -12.38 -36.64 -45.03
C VAL A 112 -13.18 -37.38 -46.09
N TYR A 113 -12.91 -38.68 -46.20
CA TYR A 113 -13.59 -39.55 -47.16
C TYR A 113 -15.10 -39.57 -46.90
N LEU A 114 -15.46 -39.62 -45.62
CA LEU A 114 -16.86 -39.65 -45.22
C LEU A 114 -17.64 -38.50 -45.86
N TYR A 115 -17.10 -37.29 -45.75
CA TYR A 115 -17.81 -36.10 -46.22
C TYR A 115 -17.75 -35.95 -47.73
N ARG A 116 -16.77 -36.60 -48.36
CA ARG A 116 -16.72 -36.61 -49.81
C ARG A 116 -17.83 -37.51 -50.37
N ARG A 117 -18.00 -38.68 -49.77
CA ARG A 117 -19.06 -39.60 -50.16
C ARG A 117 -20.42 -38.91 -50.06
N VAL A 118 -20.65 -38.24 -48.94
CA VAL A 118 -21.91 -37.53 -48.72
C VAL A 118 -22.14 -36.51 -49.84
N ASN A 119 -21.10 -35.77 -50.18
CA ASN A 119 -21.21 -34.73 -51.20
C ASN A 119 -21.57 -35.30 -52.57
N VAL A 120 -20.98 -36.45 -52.90
CA VAL A 120 -21.25 -37.11 -54.17
C VAL A 120 -22.74 -37.44 -54.30
N LEU A 121 -23.35 -37.85 -53.20
CA LEU A 121 -24.77 -38.19 -53.21
C LEU A 121 -25.61 -36.98 -53.62
N PHE A 122 -25.25 -35.81 -53.12
CA PHE A 122 -26.02 -34.60 -53.42
C PHE A 122 -25.74 -34.07 -54.82
N GLN A 123 -24.49 -34.17 -55.26
CA GLN A 123 -24.11 -33.62 -56.56
C GLN A 123 -24.64 -34.47 -57.71
N ARG A 124 -25.09 -35.68 -57.41
CA ARG A 124 -25.68 -36.54 -58.45
C ARG A 124 -27.15 -36.23 -58.68
N GLN A 125 -27.73 -35.37 -57.84
CA GLN A 125 -29.10 -34.93 -58.00
C GLN A 125 -29.12 -33.44 -58.35
N CYS A 126 -29.57 -33.12 -59.56
CA CYS A 126 -29.50 -31.75 -60.05
C CYS A 126 -30.20 -30.77 -59.11
N GLU A 127 -31.34 -31.19 -58.56
CA GLU A 127 -32.12 -30.34 -57.68
C GLU A 127 -31.48 -30.17 -56.30
N TRP A 128 -30.45 -30.96 -56.01
CA TRP A 128 -29.82 -30.94 -54.69
C TRP A 128 -28.31 -30.70 -54.74
N ALA A 129 -27.78 -30.46 -55.93
CA ALA A 129 -26.33 -30.31 -56.10
C ALA A 129 -25.74 -29.14 -55.33
N LYS A 130 -26.49 -28.05 -55.23
CA LYS A 130 -26.00 -26.85 -54.55
C LYS A 130 -26.42 -26.79 -53.08
N PHE A 131 -27.02 -27.87 -52.58
CA PHE A 131 -27.58 -27.86 -51.25
C PHE A 131 -26.55 -28.27 -50.19
N ASP A 132 -26.50 -27.49 -49.11
CA ASP A 132 -25.62 -27.77 -47.99
C ASP A 132 -26.42 -28.44 -46.88
N ILE A 133 -26.23 -29.75 -46.74
CA ILE A 133 -26.98 -30.54 -45.76
C ILE A 133 -26.69 -30.12 -44.31
N PHE A 134 -25.62 -29.34 -44.10
CA PHE A 134 -25.23 -28.95 -42.75
C PHE A 134 -25.57 -27.50 -42.44
N ASN A 135 -26.20 -26.81 -43.38
CA ASN A 135 -26.48 -25.39 -43.22
C ASN A 135 -27.56 -25.12 -42.17
N ARG A 136 -28.47 -26.07 -41.98
CA ARG A 136 -29.48 -25.94 -40.96
C ARG A 136 -28.81 -25.83 -39.59
N LEU A 137 -27.83 -26.69 -39.35
CA LEU A 137 -27.12 -26.71 -38.08
C LEU A 137 -26.23 -25.48 -37.91
N LYS A 138 -25.50 -25.13 -38.96
CA LYS A 138 -24.66 -23.93 -38.96
C LYS A 138 -25.47 -22.71 -38.51
N GLN A 139 -26.64 -22.55 -39.12
CA GLN A 139 -27.50 -21.41 -38.85
C GLN A 139 -28.08 -21.44 -37.44
N SER A 140 -28.62 -22.59 -37.05
CA SER A 140 -29.26 -22.72 -35.75
C SER A 140 -28.25 -22.47 -34.63
N THR A 141 -27.03 -22.98 -34.80
CA THR A 141 -25.98 -22.80 -33.80
C THR A 141 -25.60 -21.34 -33.68
N PHE A 142 -25.39 -20.69 -34.82
CA PHE A 142 -25.00 -19.28 -34.83
C PHE A 142 -26.12 -18.42 -34.27
N GLU A 143 -27.35 -18.83 -34.54
CA GLU A 143 -28.53 -18.11 -34.09
C GLU A 143 -28.61 -18.07 -32.56
N SER A 144 -28.03 -19.08 -31.91
CA SER A 144 -28.07 -19.17 -30.46
C SER A 144 -26.88 -18.44 -29.82
N SER A 145 -25.95 -17.99 -30.65
CA SER A 145 -24.83 -17.18 -30.18
C SER A 145 -25.22 -15.70 -30.12
N PHE A 146 -26.50 -15.43 -30.34
CA PHE A 146 -27.02 -14.07 -30.45
C PHE A 146 -26.43 -13.09 -29.45
N TYR A 147 -26.44 -13.45 -28.16
CA TYR A 147 -25.98 -12.53 -27.13
C TYR A 147 -24.47 -12.35 -27.18
N GLY A 148 -23.74 -13.41 -27.51
CA GLY A 148 -22.31 -13.31 -27.67
C GLY A 148 -21.95 -12.42 -28.86
N VAL A 149 -22.72 -12.55 -29.93
CA VAL A 149 -22.49 -11.77 -31.14
C VAL A 149 -22.69 -10.29 -30.87
N VAL A 150 -23.74 -9.96 -30.12
CA VAL A 150 -24.03 -8.57 -29.78
C VAL A 150 -22.93 -8.00 -28.89
N GLU A 151 -22.55 -8.76 -27.87
CA GLU A 151 -21.53 -8.32 -26.92
C GLU A 151 -20.26 -7.90 -27.66
N LEU A 152 -19.78 -8.79 -28.52
CA LEU A 152 -18.55 -8.54 -29.27
C LEU A 152 -18.72 -7.37 -30.25
N ALA A 153 -19.90 -7.27 -30.85
CA ALA A 153 -20.20 -6.18 -31.76
C ALA A 153 -20.11 -4.84 -31.03
N LEU A 154 -20.70 -4.77 -29.85
CA LEU A 154 -20.68 -3.55 -29.05
C LEU A 154 -19.26 -3.17 -28.66
N ARG A 155 -18.48 -4.18 -28.27
CA ARG A 155 -17.09 -3.96 -27.87
C ARG A 155 -16.29 -3.33 -29.01
N TYR A 156 -16.43 -3.89 -30.20
CA TYR A 156 -15.71 -3.39 -31.36
C TYR A 156 -16.09 -1.96 -31.68
N GLU A 157 -17.38 -1.67 -31.61
CA GLU A 157 -17.88 -0.32 -31.87
C GLU A 157 -17.24 0.70 -30.94
N ASN A 158 -17.03 0.31 -29.69
CA ASN A 158 -16.44 1.21 -28.70
C ASN A 158 -14.92 1.24 -28.77
N LEU A 159 -14.34 0.24 -29.42
CA LEU A 159 -12.88 0.18 -29.59
C LEU A 159 -12.45 0.85 -30.88
N LEU A 160 -13.36 0.92 -31.84
CA LEU A 160 -13.04 1.42 -33.17
C LEU A 160 -12.45 2.83 -33.15
N PRO A 161 -13.08 3.76 -32.42
CA PRO A 161 -12.52 5.12 -32.40
C PRO A 161 -11.13 5.14 -31.79
N GLN A 162 -10.90 4.26 -30.82
CA GLN A 162 -9.62 4.17 -30.14
C GLN A 162 -8.53 3.64 -31.07
N LEU A 163 -8.78 2.47 -31.65
CA LEU A 163 -7.82 1.83 -32.56
C LEU A 163 -7.37 2.78 -33.66
N ARG A 164 -8.32 3.47 -34.27
CA ARG A 164 -8.01 4.44 -35.31
C ARG A 164 -6.97 5.44 -34.79
N GLU A 165 -7.17 5.90 -33.56
CA GLU A 165 -6.24 6.81 -32.91
C GLU A 165 -4.88 6.13 -32.71
N MET A 166 -4.91 4.94 -32.13
CA MET A 166 -3.68 4.18 -31.88
C MET A 166 -2.89 4.01 -33.16
N LYS A 167 -3.59 3.84 -34.28
CA LYS A 167 -2.95 3.72 -35.58
C LYS A 167 -2.46 5.09 -36.05
N ASN A 172 4.59 4.29 -28.66
CA ASN A 172 5.05 3.14 -27.90
C ASN A 172 4.23 2.94 -26.63
N GLU A 173 3.51 3.98 -26.23
CA GLU A 173 2.62 3.89 -25.07
C GLU A 173 1.38 3.06 -25.43
N ILE A 174 1.00 3.10 -26.71
CA ILE A 174 -0.15 2.36 -27.18
C ILE A 174 0.15 0.87 -27.32
N ASP A 175 1.40 0.56 -27.66
CA ASP A 175 1.81 -0.83 -27.87
C ASP A 175 1.54 -1.69 -26.64
N ASP A 176 1.66 -1.10 -25.46
CA ASP A 176 1.36 -1.81 -24.22
C ASP A 176 -0.11 -2.23 -24.20
N ILE A 177 -0.98 -1.34 -24.65
CA ILE A 177 -2.40 -1.61 -24.73
C ILE A 177 -2.72 -2.47 -25.95
N LEU A 178 -1.98 -2.23 -27.03
CA LEU A 178 -2.24 -2.93 -28.29
C LEU A 178 -1.82 -4.39 -28.16
N LYS A 179 -0.76 -4.65 -27.39
CA LYS A 179 -0.30 -6.01 -27.18
C LYS A 179 -1.36 -6.81 -26.44
N VAL A 180 -2.06 -6.16 -25.53
CA VAL A 180 -3.09 -6.82 -24.75
C VAL A 180 -4.29 -7.12 -25.65
N LEU A 181 -4.77 -6.10 -26.35
CA LEU A 181 -5.90 -6.28 -27.28
C LEU A 181 -5.61 -7.43 -28.24
N PHE A 182 -4.38 -7.50 -28.72
CA PHE A 182 -3.95 -8.58 -29.61
C PHE A 182 -4.16 -9.93 -28.94
N LYS A 183 -3.76 -10.03 -27.68
CA LYS A 183 -3.90 -11.27 -26.92
C LYS A 183 -5.36 -11.65 -26.72
N GLU A 184 -6.22 -10.66 -26.53
CA GLU A 184 -7.63 -10.92 -26.30
C GLU A 184 -8.33 -11.41 -27.56
N PHE A 185 -8.06 -10.76 -28.69
CA PHE A 185 -8.68 -11.16 -29.95
C PHE A 185 -8.17 -12.51 -30.44
N ILE A 186 -6.88 -12.77 -30.22
CA ILE A 186 -6.30 -14.06 -30.54
C ILE A 186 -7.03 -15.15 -29.76
N GLU A 187 -7.24 -14.91 -28.47
CA GLU A 187 -7.82 -15.93 -27.60
C GLU A 187 -9.31 -16.13 -27.85
N ILE A 188 -10.03 -15.05 -28.14
CA ILE A 188 -11.44 -15.17 -28.50
C ILE A 188 -11.57 -15.97 -29.78
N SER A 189 -10.65 -15.75 -30.71
CA SER A 189 -10.63 -16.49 -31.96
C SER A 189 -10.35 -17.96 -31.71
N LEU A 190 -9.51 -18.23 -30.70
CA LEU A 190 -9.13 -19.59 -30.34
C LEU A 190 -10.31 -20.38 -29.76
N TRP A 191 -11.04 -19.76 -28.83
CA TRP A 191 -12.14 -20.44 -28.16
C TRP A 191 -13.46 -20.28 -28.92
N GLY A 192 -13.39 -19.66 -30.09
CA GLY A 192 -14.57 -19.42 -30.90
C GLY A 192 -15.46 -20.64 -31.07
N SER A 210 -11.23 -3.70 -16.63
CA SER A 210 -11.89 -4.00 -15.36
C SER A 210 -11.34 -5.26 -14.72
N ILE A 211 -11.73 -5.52 -13.48
CA ILE A 211 -11.30 -6.72 -12.77
C ILE A 211 -11.79 -7.97 -13.48
N GLN A 212 -13.00 -7.91 -14.02
CA GLN A 212 -13.60 -9.06 -14.68
C GLN A 212 -12.78 -9.49 -15.90
N GLY A 213 -12.34 -8.52 -16.69
CA GLY A 213 -11.58 -8.79 -17.89
C GLY A 213 -10.24 -9.44 -17.61
N ALA A 214 -9.58 -8.99 -16.53
CA ALA A 214 -8.29 -9.54 -16.15
C ALA A 214 -8.43 -10.97 -15.64
N LYS A 215 -9.41 -11.17 -14.76
CA LYS A 215 -9.69 -12.50 -14.23
C LYS A 215 -10.09 -13.46 -15.36
N ALA A 216 -10.75 -12.90 -16.37
CA ALA A 216 -11.26 -13.71 -17.48
C ALA A 216 -10.14 -14.23 -18.36
N ARG A 217 -9.25 -13.35 -18.81
CA ARG A 217 -8.18 -13.77 -19.71
C ARG A 217 -7.07 -14.49 -18.94
N ALA A 218 -7.17 -14.49 -17.62
CA ALA A 218 -6.25 -15.28 -16.80
C ALA A 218 -6.77 -16.71 -16.68
N ALA A 219 -8.09 -16.86 -16.67
CA ALA A 219 -8.72 -18.17 -16.68
C ALA A 219 -8.48 -18.85 -18.02
N SER A 220 -8.69 -18.10 -19.09
CA SER A 220 -8.45 -18.60 -20.44
C SER A 220 -7.01 -19.04 -20.65
N GLU A 221 -6.07 -18.15 -20.31
CA GLU A 221 -4.65 -18.37 -20.58
C GLU A 221 -4.06 -19.50 -19.75
N SER A 222 -4.70 -19.83 -18.62
CA SER A 222 -4.23 -20.94 -17.80
C SER A 222 -4.50 -22.27 -18.48
N LYS A 223 -5.51 -22.30 -19.36
CA LYS A 223 -5.89 -23.50 -20.07
C LYS A 223 -5.12 -23.67 -21.37
N ILE A 224 -4.41 -22.62 -21.77
CA ILE A 224 -3.55 -22.68 -22.95
C ILE A 224 -2.18 -23.19 -22.54
N VAL A 225 -1.98 -24.49 -22.68
CA VAL A 225 -0.79 -25.16 -22.13
C VAL A 225 0.47 -24.88 -22.93
N VAL A 226 0.32 -24.37 -24.14
CA VAL A 226 1.44 -23.91 -24.95
C VAL A 226 1.01 -22.60 -25.62
N ASN A 227 1.76 -21.54 -25.38
CA ASN A 227 1.36 -20.21 -25.85
C ASN A 227 2.49 -19.46 -26.53
N ASP A 228 2.44 -19.39 -27.86
CA ASP A 228 3.45 -18.67 -28.63
C ASP A 228 2.89 -17.36 -29.21
N THR A 229 1.89 -16.80 -28.56
CA THR A 229 1.25 -15.58 -29.05
C THR A 229 2.26 -14.45 -29.19
N GLU A 230 3.18 -14.36 -28.23
CA GLU A 230 4.15 -13.27 -28.19
C GLU A 230 4.99 -13.24 -29.46
N LYS A 231 5.21 -14.40 -30.06
CA LYS A 231 6.03 -14.49 -31.26
C LYS A 231 5.27 -13.97 -32.47
N ALA A 232 3.97 -14.25 -32.53
CA ALA A 232 3.13 -13.71 -33.60
C ALA A 232 3.05 -12.19 -33.45
N TRP A 233 2.92 -11.74 -32.21
CA TRP A 233 2.87 -10.32 -31.91
C TRP A 233 4.12 -9.61 -32.43
N GLU A 234 5.27 -10.26 -32.25
CA GLU A 234 6.54 -9.67 -32.64
C GLU A 234 6.73 -9.65 -34.15
N VAL A 235 6.14 -10.62 -34.84
CA VAL A 235 6.20 -10.66 -36.30
C VAL A 235 5.46 -9.46 -36.89
N LEU A 236 4.27 -9.19 -36.35
CA LEU A 236 3.41 -8.16 -36.91
C LEU A 236 3.84 -6.75 -36.53
N THR A 237 4.33 -6.58 -35.30
CA THR A 237 4.82 -5.28 -34.87
C THR A 237 6.01 -4.84 -35.71
N LYS A 238 6.91 -5.78 -35.97
CA LYS A 238 8.10 -5.51 -36.75
C LYS A 238 7.74 -5.23 -38.21
N ALA A 239 6.73 -5.96 -38.70
CA ALA A 239 6.27 -5.77 -40.08
C ALA A 239 5.71 -4.36 -40.24
N ARG A 240 4.97 -3.90 -39.24
CA ARG A 240 4.38 -2.58 -39.25
C ARG A 240 5.44 -1.49 -39.20
N ALA A 241 6.47 -1.71 -38.40
CA ALA A 241 7.52 -0.71 -38.19
C ALA A 241 8.29 -0.44 -39.48
N ASP A 242 8.69 -1.50 -40.16
CA ASP A 242 9.50 -1.39 -41.38
C ASP A 242 8.90 -0.40 -42.38
N ALA A 243 9.64 0.66 -42.68
CA ALA A 243 9.19 1.66 -43.64
C ALA A 243 8.95 1.03 -45.01
N ASN A 244 9.68 -0.06 -45.28
CA ASN A 244 9.46 -0.84 -46.49
C ASN A 244 8.39 -1.90 -46.25
N SER A 245 7.52 -1.65 -45.28
CA SER A 245 6.41 -2.56 -44.97
C SER A 245 5.60 -2.88 -46.21
N ARG A 246 5.18 -1.83 -46.92
CA ARG A 246 4.29 -1.99 -48.06
C ARG A 246 3.02 -2.72 -47.60
N GLU A 247 2.86 -3.96 -48.01
CA GLU A 247 1.70 -4.76 -47.61
C GLU A 247 2.04 -5.69 -46.44
N ILE A 248 1.13 -5.76 -45.47
CA ILE A 248 1.22 -6.74 -44.39
C ILE A 248 0.09 -7.73 -44.55
N ARG A 249 0.41 -8.91 -45.06
CA ARG A 249 -0.60 -9.91 -45.37
C ARG A 249 -0.74 -10.94 -44.25
N VAL A 250 -1.96 -11.13 -43.78
CA VAL A 250 -2.26 -12.19 -42.82
C VAL A 250 -3.26 -13.16 -43.44
N ASP A 251 -3.01 -14.45 -43.27
CA ASP A 251 -3.90 -15.48 -43.82
C ASP A 251 -4.60 -16.26 -42.71
N PHE A 252 -5.84 -16.62 -42.98
CA PHE A 252 -6.61 -17.46 -42.07
C PHE A 252 -7.01 -18.76 -42.78
N VAL A 253 -6.50 -19.88 -42.31
CA VAL A 253 -7.01 -21.18 -42.73
C VAL A 253 -8.14 -21.54 -41.78
N LEU A 254 -9.38 -21.41 -42.27
CA LEU A 254 -10.55 -21.42 -41.41
C LEU A 254 -10.96 -22.80 -40.89
N ASP A 255 -11.83 -22.77 -39.88
CA ASP A 255 -12.40 -23.98 -39.31
C ASP A 255 -13.93 -23.88 -39.37
N ASN A 256 -14.58 -23.70 -38.22
CA ASN A 256 -16.03 -23.69 -38.18
C ASN A 256 -16.62 -22.33 -38.53
N SER A 257 -17.85 -22.33 -39.05
CA SER A 257 -18.56 -21.09 -39.31
C SER A 257 -19.34 -20.69 -38.07
N GLY A 258 -20.22 -19.71 -38.23
CA GLY A 258 -20.98 -19.21 -37.10
C GLY A 258 -20.12 -18.30 -36.23
N PHE A 259 -20.11 -18.56 -34.94
CA PHE A 259 -19.44 -17.65 -34.01
C PHE A 259 -17.93 -17.66 -34.17
N GLU A 260 -17.36 -18.79 -34.55
CA GLU A 260 -15.90 -18.86 -34.69
C GLU A 260 -15.46 -17.99 -35.87
N LEU A 261 -16.17 -18.09 -36.99
CA LEU A 261 -15.86 -17.25 -38.15
C LEU A 261 -16.00 -15.78 -37.77
N TYR A 262 -17.06 -15.50 -37.00
CA TYR A 262 -17.30 -14.15 -36.49
C TYR A 262 -16.10 -13.66 -35.69
N ALA A 263 -15.57 -14.53 -34.84
CA ALA A 263 -14.41 -14.17 -34.02
C ALA A 263 -13.18 -13.94 -34.90
N ASP A 264 -13.00 -14.77 -35.91
CA ASP A 264 -11.87 -14.62 -36.84
C ASP A 264 -11.95 -13.29 -37.58
N LEU A 265 -13.16 -12.90 -37.97
CA LEU A 265 -13.37 -11.64 -38.67
C LEU A 265 -13.13 -10.46 -37.72
N MET A 266 -13.39 -10.67 -36.43
CA MET A 266 -13.15 -9.66 -35.42
C MET A 266 -11.65 -9.41 -35.28
N LEU A 267 -10.89 -10.50 -35.25
CA LEU A 267 -9.44 -10.41 -35.17
C LEU A 267 -8.90 -9.66 -36.39
N ALA A 268 -9.38 -10.05 -37.57
CA ALA A 268 -8.96 -9.42 -38.81
C ALA A 268 -9.26 -7.93 -38.79
N ALA A 269 -10.47 -7.58 -38.33
CA ALA A 269 -10.86 -6.18 -38.24
C ALA A 269 -9.95 -5.43 -37.28
N PHE A 270 -9.63 -6.06 -36.17
CA PHE A 270 -8.71 -5.47 -35.20
C PHE A 270 -7.35 -5.21 -35.83
N LEU A 271 -6.82 -6.21 -36.52
CA LEU A 271 -5.50 -6.08 -37.16
C LEU A 271 -5.49 -4.99 -38.22
N LEU A 272 -6.57 -4.88 -38.99
CA LEU A 272 -6.65 -3.89 -40.05
C LEU A 272 -6.74 -2.47 -39.49
N GLN A 273 -7.61 -2.29 -38.50
CA GLN A 273 -7.84 -0.99 -37.91
C GLN A 273 -6.63 -0.52 -37.09
N SER A 274 -5.86 -1.48 -36.57
CA SER A 274 -4.71 -1.16 -35.74
C SER A 274 -3.44 -1.01 -36.57
N GLY A 275 -3.49 -1.44 -37.84
CA GLY A 275 -2.34 -1.33 -38.72
C GLY A 275 -1.40 -2.53 -38.61
N LEU A 276 -1.78 -3.51 -37.80
CA LEU A 276 -1.00 -4.73 -37.67
C LEU A 276 -1.18 -5.63 -38.90
N ALA A 277 -2.06 -5.20 -39.81
CA ALA A 277 -2.24 -5.87 -41.09
C ALA A 277 -2.89 -4.90 -42.06
N THR A 278 -2.62 -5.09 -43.35
CA THR A 278 -3.21 -4.26 -44.39
C THR A 278 -4.13 -5.11 -45.28
N LYS A 279 -3.96 -6.43 -45.20
CA LYS A 279 -4.79 -7.34 -45.99
C LYS A 279 -4.92 -8.68 -45.28
N CYS A 280 -6.16 -9.14 -45.14
CA CYS A 280 -6.43 -10.43 -44.52
C CYS A 280 -7.15 -11.36 -45.49
N ILE A 281 -6.52 -12.49 -45.79
CA ILE A 281 -7.07 -13.45 -46.74
C ILE A 281 -7.59 -14.68 -46.00
N PHE A 282 -8.84 -15.04 -46.28
CA PHE A 282 -9.47 -16.18 -45.63
C PHE A 282 -9.60 -17.37 -46.59
N HIS A 283 -9.21 -18.54 -46.11
CA HIS A 283 -9.24 -19.75 -46.92
C HIS A 283 -10.31 -20.69 -46.41
N ALA A 284 -11.32 -20.94 -47.25
CA ALA A 284 -12.49 -21.72 -46.87
C ALA A 284 -12.59 -23.02 -47.67
N LYS A 285 -13.58 -23.83 -47.32
CA LYS A 285 -13.81 -25.12 -47.97
C LYS A 285 -14.71 -24.95 -49.18
N ASP A 286 -14.65 -25.91 -50.10
CA ASP A 286 -15.40 -25.83 -51.35
C ASP A 286 -16.62 -26.73 -51.35
N ILE A 287 -16.73 -27.61 -50.36
CA ILE A 287 -17.92 -28.45 -50.20
C ILE A 287 -18.37 -28.44 -48.74
N PRO A 288 -19.62 -28.88 -48.48
CA PRO A 288 -20.03 -29.14 -47.09
C PRO A 288 -19.05 -30.12 -46.44
N TYR A 289 -18.54 -29.76 -45.27
CA TYR A 289 -17.33 -30.39 -44.76
C TYR A 289 -17.30 -30.36 -43.24
N MET A 290 -17.06 -31.51 -42.63
CA MET A 290 -16.90 -31.59 -41.17
C MET A 290 -18.11 -31.00 -40.47
N VAL A 291 -19.27 -31.10 -41.12
CA VAL A 291 -20.50 -30.51 -40.64
C VAL A 291 -20.45 -28.98 -40.70
N SER A 292 -19.69 -28.37 -39.81
CA SER A 292 -19.81 -26.93 -39.58
C SER A 292 -18.69 -26.07 -40.19
N ASP A 293 -17.81 -26.66 -40.98
CA ASP A 293 -16.69 -25.89 -41.50
C ASP A 293 -17.13 -24.85 -42.54
N VAL A 294 -16.45 -23.71 -42.51
CA VAL A 294 -16.81 -22.58 -43.35
C VAL A 294 -16.65 -22.89 -44.83
N MET A 295 -17.69 -22.59 -45.59
CA MET A 295 -17.62 -22.56 -47.03
C MET A 295 -17.58 -21.10 -47.48
N LEU A 296 -17.22 -20.88 -48.73
CA LEU A 296 -17.17 -19.53 -49.28
C LEU A 296 -18.51 -18.82 -49.05
N LYS A 297 -19.60 -19.54 -49.32
CA LYS A 297 -20.94 -18.99 -49.17
C LYS A 297 -21.26 -18.59 -47.73
N ASP A 298 -20.62 -19.25 -46.77
CA ASP A 298 -20.98 -19.07 -45.36
C ASP A 298 -20.58 -17.70 -44.84
N PHE A 299 -19.73 -17.00 -45.59
CA PHE A 299 -19.37 -15.63 -45.23
C PHE A 299 -20.50 -14.67 -45.54
N ASP A 300 -21.02 -14.72 -46.76
CA ASP A 300 -22.14 -13.88 -47.15
C ASP A 300 -23.38 -14.16 -46.29
N ILE A 301 -23.55 -15.42 -45.91
CA ILE A 301 -24.66 -15.81 -45.05
C ILE A 301 -24.48 -15.17 -43.67
N LEU A 302 -23.26 -15.22 -43.15
CA LEU A 302 -22.98 -14.63 -41.84
C LEU A 302 -23.33 -13.15 -41.83
N VAL A 303 -22.90 -12.43 -42.86
CA VAL A 303 -23.15 -11.00 -42.95
C VAL A 303 -24.65 -10.73 -43.05
N HIS A 304 -25.34 -11.55 -43.83
CA HIS A 304 -26.78 -11.39 -44.00
C HIS A 304 -27.50 -11.65 -42.68
N ASP A 305 -26.96 -12.57 -41.89
CA ASP A 305 -27.54 -12.88 -40.59
C ASP A 305 -27.47 -11.68 -39.65
N LEU A 306 -26.33 -11.01 -39.63
CA LEU A 306 -26.12 -9.84 -38.79
C LEU A 306 -27.22 -8.80 -38.99
N ARG A 307 -27.66 -8.65 -40.24
CA ARG A 307 -28.67 -7.65 -40.58
C ARG A 307 -30.09 -8.19 -40.49
N ASP A 308 -30.22 -9.51 -40.40
CA ASP A 308 -31.52 -10.16 -40.33
C ASP A 308 -32.08 -10.09 -38.91
N ARG A 309 -33.16 -9.33 -38.73
CA ARG A 309 -33.71 -9.09 -37.40
C ARG A 309 -34.71 -10.16 -36.99
N GLU A 310 -35.02 -11.08 -37.89
CA GLU A 310 -35.75 -12.28 -37.52
C GLU A 310 -34.76 -13.32 -36.99
N PHE A 311 -33.53 -13.23 -37.47
CA PHE A 311 -32.46 -14.16 -37.08
C PHE A 311 -31.77 -13.67 -35.81
N PHE A 312 -31.31 -12.42 -35.84
CA PHE A 312 -30.77 -11.75 -34.65
C PHE A 312 -31.73 -10.61 -34.26
N PRO A 313 -32.69 -10.89 -33.37
CA PRO A 313 -33.72 -9.91 -33.05
C PRO A 313 -33.26 -8.83 -32.08
N SER A 314 -32.57 -7.82 -32.60
CA SER A 314 -32.10 -6.71 -31.78
C SER A 314 -33.07 -5.53 -31.81
N GLY A 315 -34.16 -5.68 -32.55
CA GLY A 315 -35.20 -4.65 -32.60
C GLY A 315 -35.01 -3.66 -33.72
N GLU A 316 -35.59 -2.47 -33.58
CA GLU A 316 -35.47 -1.43 -34.58
C GLU A 316 -34.00 -1.15 -34.91
N PRO A 317 -33.74 -0.63 -36.13
CA PRO A 317 -32.37 -0.29 -36.53
C PRO A 317 -31.66 0.67 -35.59
N SER A 318 -32.43 1.42 -34.81
CA SER A 318 -31.85 2.46 -33.95
C SER A 318 -31.44 1.95 -32.57
N THR A 319 -31.74 0.68 -32.28
CA THR A 319 -31.37 0.10 -30.99
C THR A 319 -29.86 0.01 -30.85
N LYS A 320 -29.40 0.02 -29.60
CA LYS A 320 -27.99 -0.11 -29.28
C LYS A 320 -27.39 -1.34 -29.93
N GLU A 321 -28.20 -2.40 -30.02
CA GLU A 321 -27.73 -3.70 -30.49
C GLU A 321 -27.77 -3.79 -32.01
N SER A 322 -28.86 -3.32 -32.62
CA SER A 322 -28.97 -3.34 -34.07
C SER A 322 -27.89 -2.50 -34.73
N ARG A 323 -27.65 -1.31 -34.17
CA ARG A 323 -26.60 -0.43 -34.66
C ARG A 323 -25.24 -1.15 -34.66
N ALA A 324 -24.96 -1.85 -33.56
CA ALA A 324 -23.68 -2.53 -33.41
C ALA A 324 -23.53 -3.66 -34.42
N LEU A 325 -24.62 -4.39 -34.65
CA LEU A 325 -24.62 -5.46 -35.63
C LEU A 325 -24.49 -4.89 -37.05
N ASP A 326 -25.20 -3.78 -37.30
CA ASP A 326 -25.17 -3.15 -38.62
C ASP A 326 -23.82 -2.52 -38.92
N LEU A 327 -23.19 -1.93 -37.92
CA LEU A 327 -21.86 -1.35 -38.09
C LEU A 327 -20.90 -2.40 -38.59
N PHE A 328 -20.80 -3.50 -37.86
CA PHE A 328 -19.81 -4.53 -38.16
C PHE A 328 -20.07 -5.14 -39.53
N ALA A 329 -21.34 -5.35 -39.87
CA ALA A 329 -21.72 -5.86 -41.19
C ALA A 329 -21.25 -4.88 -42.25
N GLY A 330 -21.41 -3.59 -41.97
CA GLY A 330 -20.96 -2.55 -42.87
C GLY A 330 -19.45 -2.50 -42.97
N GLU A 331 -18.77 -2.79 -41.85
CA GLU A 331 -17.32 -2.84 -41.85
C GLU A 331 -16.82 -3.98 -42.72
N MET A 332 -17.50 -5.12 -42.65
CA MET A 332 -17.14 -6.28 -43.46
C MET A 332 -17.25 -5.96 -44.94
N GLU A 333 -18.32 -5.29 -45.34
CA GLU A 333 -18.51 -4.92 -46.73
C GLU A 333 -17.43 -3.94 -47.20
N LYS A 334 -17.11 -2.98 -46.35
CA LYS A 334 -16.09 -1.97 -46.68
C LYS A 334 -14.73 -2.63 -46.88
N PHE A 335 -14.35 -3.49 -45.95
CA PHE A 335 -13.09 -4.22 -46.05
C PHE A 335 -13.02 -4.99 -47.36
N VAL A 336 -14.10 -5.69 -47.69
CA VAL A 336 -14.14 -6.49 -48.92
C VAL A 336 -14.01 -5.60 -50.15
N SER A 337 -14.80 -4.55 -50.21
CA SER A 337 -14.84 -3.70 -51.40
C SER A 337 -13.53 -2.92 -51.59
N SER A 338 -12.82 -2.68 -50.50
CA SER A 338 -11.56 -1.95 -50.58
C SER A 338 -10.37 -2.91 -50.68
N GLY A 339 -10.66 -4.21 -50.68
CA GLY A 339 -9.63 -5.22 -50.88
C GLY A 339 -8.80 -5.52 -49.66
N LYS A 340 -9.32 -5.21 -48.48
CA LYS A 340 -8.60 -5.47 -47.23
C LYS A 340 -8.96 -6.86 -46.68
N ILE A 341 -10.13 -7.35 -47.06
CA ILE A 341 -10.52 -8.73 -46.74
C ILE A 341 -10.89 -9.46 -48.02
N GLU A 342 -10.33 -10.66 -48.18
CA GLU A 342 -10.64 -11.48 -49.35
C GLU A 342 -10.87 -12.93 -48.93
N PHE A 343 -11.95 -13.52 -49.42
CA PHE A 343 -12.25 -14.92 -49.18
C PHE A 343 -11.87 -15.80 -50.37
N ARG A 344 -11.34 -16.97 -50.08
CA ARG A 344 -10.98 -17.93 -51.13
C ARG A 344 -11.39 -19.33 -50.74
N GLU A 345 -11.48 -20.20 -51.72
CA GLU A 345 -11.67 -21.62 -51.48
C GLU A 345 -10.72 -22.39 -52.37
N ASP A 346 -10.43 -23.62 -52.01
CA ASP A 346 -9.56 -24.46 -52.81
C ASP A 346 -9.81 -25.92 -52.46
N SER A 347 -9.92 -26.75 -53.48
CA SER A 347 -10.24 -28.16 -53.29
C SER A 347 -9.20 -28.83 -52.40
N PHE A 348 -7.99 -28.26 -52.34
CA PHE A 348 -6.92 -28.84 -51.55
C PHE A 348 -7.35 -29.03 -50.10
N TRP A 349 -8.05 -28.04 -49.56
CA TRP A 349 -8.42 -28.05 -48.14
C TRP A 349 -9.40 -29.18 -47.83
N THR A 350 -10.07 -29.71 -48.84
CA THR A 350 -11.02 -30.80 -48.64
C THR A 350 -10.54 -32.13 -49.22
N THR A 351 -9.23 -32.25 -49.42
CA THR A 351 -8.64 -33.55 -49.73
C THR A 351 -8.08 -34.14 -48.43
N GLU A 352 -7.59 -35.36 -48.51
CA GLU A 352 -7.08 -36.06 -47.34
C GLU A 352 -5.65 -35.63 -46.98
N LEU A 353 -5.01 -34.90 -47.89
CA LEU A 353 -3.60 -34.55 -47.75
C LEU A 353 -3.32 -33.70 -46.53
N ASP A 354 -2.37 -34.14 -45.69
CA ASP A 354 -1.94 -33.33 -44.56
C ASP A 354 -1.07 -32.19 -45.09
N TYR A 355 -0.74 -31.24 -44.22
CA TYR A 355 -0.11 -30.00 -44.67
C TYR A 355 1.41 -30.13 -44.82
N TRP A 356 1.94 -31.34 -44.63
CA TRP A 356 3.28 -31.63 -45.09
C TRP A 356 3.30 -31.55 -46.61
N ASN A 357 2.11 -31.64 -47.20
CA ASN A 357 1.94 -31.55 -48.64
C ASN A 357 1.85 -30.10 -49.12
N LEU A 358 1.81 -29.15 -48.18
CA LEU A 358 1.94 -27.74 -48.55
C LEU A 358 3.39 -27.46 -48.91
N ASP A 359 3.81 -28.01 -50.05
CA ASP A 359 5.22 -28.04 -50.42
C ASP A 359 5.34 -27.97 -51.94
N ALA A 360 6.51 -27.56 -52.42
CA ALA A 360 6.73 -27.38 -53.85
C ALA A 360 6.58 -28.69 -54.63
N ASN A 361 6.75 -29.81 -53.93
CA ASN A 361 6.71 -31.12 -54.59
C ASN A 361 5.29 -31.62 -54.86
N GLU A 362 4.32 -31.06 -54.17
CA GLU A 362 2.91 -31.45 -54.36
C GLU A 362 2.30 -30.67 -55.52
N THR A 363 2.50 -31.17 -56.74
CA THR A 363 2.08 -30.44 -57.94
C THR A 363 0.84 -31.03 -58.60
N LYS A 364 0.14 -31.92 -57.92
CA LYS A 364 -1.02 -32.59 -58.50
C LYS A 364 -2.34 -32.11 -57.91
N TYR A 365 -2.34 -31.72 -56.65
CA TYR A 365 -3.58 -31.36 -55.97
C TYR A 365 -3.55 -29.97 -55.31
N HIS A 366 -2.71 -29.09 -55.86
CA HIS A 366 -2.68 -27.65 -55.52
C HIS A 366 -1.86 -27.33 -54.28
N GLY A 367 -1.22 -28.32 -53.68
CA GLY A 367 -0.37 -28.08 -52.52
C GLY A 367 0.72 -27.08 -52.86
N SER A 368 1.37 -27.28 -53.99
CA SER A 368 2.45 -26.41 -54.43
C SER A 368 1.95 -24.98 -54.69
N ILE A 369 0.77 -24.87 -55.30
CA ILE A 369 0.19 -23.56 -55.59
C ILE A 369 -0.01 -22.79 -54.28
N LEU A 370 -0.62 -23.44 -53.30
CA LEU A 370 -0.92 -22.80 -52.03
C LEU A 370 0.35 -22.49 -51.24
N HIS A 371 1.32 -23.39 -51.31
CA HIS A 371 2.60 -23.19 -50.63
C HIS A 371 3.29 -21.92 -51.10
N LYS A 372 3.38 -21.76 -52.43
CA LYS A 372 4.08 -20.61 -53.00
C LYS A 372 3.35 -19.32 -52.66
N ASP A 373 2.02 -19.37 -52.66
CA ASP A 373 1.23 -18.20 -52.37
C ASP A 373 1.33 -17.83 -50.89
N LEU A 374 1.27 -18.84 -50.03
CA LEU A 374 1.33 -18.62 -48.58
C LEU A 374 2.71 -18.11 -48.14
N GLN A 375 3.72 -18.28 -48.98
CA GLN A 375 5.05 -17.74 -48.70
C GLN A 375 5.02 -16.22 -48.66
N LYS A 376 4.09 -15.62 -49.40
CA LYS A 376 3.95 -14.17 -49.43
C LYS A 376 3.35 -13.63 -48.15
N SER A 377 2.76 -14.51 -47.36
CA SER A 377 2.08 -14.11 -46.14
C SER A 377 3.07 -13.77 -45.02
N ASN A 378 2.71 -12.79 -44.20
CA ASN A 378 3.52 -12.43 -43.04
C ASN A 378 3.19 -13.33 -41.85
N LEU A 379 1.95 -13.81 -41.81
CA LEU A 379 1.51 -14.73 -40.76
C LEU A 379 0.32 -15.56 -41.25
N VAL A 380 0.49 -16.88 -41.27
CA VAL A 380 -0.60 -17.78 -41.64
C VAL A 380 -1.19 -18.42 -40.39
N ILE A 381 -2.42 -18.05 -40.07
CA ILE A 381 -3.09 -18.58 -38.88
C ILE A 381 -3.93 -19.80 -39.22
N PHE A 382 -3.58 -20.93 -38.63
CA PHE A 382 -4.36 -22.16 -38.80
C PHE A 382 -5.33 -22.35 -37.65
N LYS A 383 -6.61 -22.31 -37.95
CA LYS A 383 -7.64 -22.42 -36.92
C LYS A 383 -8.14 -23.85 -36.74
N GLY A 384 -8.24 -24.27 -35.49
CA GLY A 384 -8.99 -25.47 -35.16
C GLY A 384 -8.21 -26.77 -35.12
N ASP A 385 -8.93 -27.83 -34.78
CA ASP A 385 -8.33 -29.12 -34.50
C ASP A 385 -7.92 -29.87 -35.76
N LEU A 386 -8.81 -29.90 -36.74
CA LEU A 386 -8.51 -30.61 -37.98
C LEU A 386 -7.27 -30.00 -38.64
N ASN A 387 -7.23 -28.68 -38.75
CA ASN A 387 -6.07 -28.00 -39.31
C ASN A 387 -4.80 -28.36 -38.55
N TYR A 388 -4.92 -28.45 -37.23
CA TYR A 388 -3.81 -28.85 -36.37
C TYR A 388 -3.41 -30.29 -36.67
N ARG A 389 -4.38 -31.16 -36.85
CA ARG A 389 -4.11 -32.56 -37.13
C ARG A 389 -3.39 -32.71 -38.45
N LYS A 390 -3.76 -31.88 -39.43
CA LYS A 390 -3.10 -31.91 -40.73
C LYS A 390 -1.70 -31.30 -40.68
N LEU A 391 -1.53 -30.29 -39.84
CA LEU A 391 -0.20 -29.72 -39.63
C LEU A 391 0.78 -30.80 -39.17
N THR A 392 0.29 -31.65 -38.27
CA THR A 392 1.14 -32.64 -37.61
C THR A 392 1.03 -34.02 -38.26
N GLY A 393 0.25 -34.11 -39.33
CA GLY A 393 0.05 -35.37 -40.03
C GLY A 393 -0.82 -36.35 -39.25
N ASP A 394 -1.43 -35.89 -38.17
CA ASP A 394 -2.30 -36.72 -37.34
C ASP A 394 -1.58 -37.98 -36.88
N ARG A 395 -0.31 -37.83 -36.52
CA ARG A 395 0.54 -38.97 -36.19
C ARG A 395 0.72 -39.18 -34.70
N LYS A 396 1.14 -40.38 -34.33
CA LYS A 396 1.28 -40.75 -32.92
C LYS A 396 2.61 -40.30 -32.34
N TRP A 397 2.93 -39.02 -32.52
CA TRP A 397 4.13 -38.43 -31.95
C TRP A 397 4.17 -38.59 -30.43
N PRO A 398 5.37 -38.78 -29.86
CA PRO A 398 5.48 -38.55 -28.42
C PRO A 398 5.03 -37.13 -28.10
N ARG A 399 4.29 -36.95 -27.00
CA ARG A 399 3.63 -35.67 -26.77
C ARG A 399 4.61 -34.54 -26.39
N THR A 400 5.87 -34.89 -26.16
CA THR A 400 6.91 -33.90 -25.91
C THR A 400 7.66 -33.54 -27.19
N THR A 401 7.23 -34.09 -28.32
CA THR A 401 7.89 -33.87 -29.60
C THR A 401 7.90 -32.38 -29.98
N LYS A 402 9.05 -31.90 -30.45
CA LYS A 402 9.17 -30.53 -30.91
C LYS A 402 8.11 -30.18 -31.94
N TRP A 403 7.65 -28.93 -31.93
CA TRP A 403 6.66 -28.47 -32.89
C TRP A 403 7.20 -28.54 -34.31
N GLU A 404 8.43 -28.08 -34.50
CA GLU A 404 9.06 -28.07 -35.81
C GLU A 404 9.21 -29.47 -36.39
N THR A 405 9.38 -30.46 -35.52
CA THR A 405 9.52 -31.84 -35.95
C THR A 405 8.18 -32.38 -36.45
N ALA A 406 7.11 -32.02 -35.74
CA ALA A 406 5.78 -32.56 -36.03
C ALA A 406 5.22 -32.02 -37.34
N ILE A 407 5.58 -30.79 -37.70
CA ILE A 407 5.03 -30.18 -38.91
C ILE A 407 5.93 -30.39 -40.12
N GLY A 408 6.99 -31.18 -39.95
CA GLY A 408 7.85 -31.58 -41.06
C GLY A 408 8.34 -30.41 -41.90
N PRO A 409 8.10 -30.46 -43.23
CA PRO A 409 8.67 -29.43 -44.11
C PRO A 409 8.12 -28.03 -43.88
N LEU A 410 7.02 -27.90 -43.13
CA LEU A 410 6.46 -26.59 -42.83
C LEU A 410 7.37 -25.77 -41.92
N ALA A 411 8.41 -26.40 -41.39
CA ALA A 411 9.35 -25.72 -40.52
C ALA A 411 10.48 -25.06 -41.30
N THR A 412 10.58 -25.35 -42.59
CA THR A 412 11.76 -24.97 -43.35
C THR A 412 11.51 -24.51 -44.79
N ASN A 413 10.24 -24.41 -45.19
CA ASN A 413 9.93 -24.00 -46.57
C ASN A 413 9.27 -22.62 -46.66
N GLY A 414 9.55 -21.76 -45.70
CA GLY A 414 9.26 -20.35 -45.83
C GLY A 414 7.83 -19.93 -45.59
N ILE A 415 7.13 -20.63 -44.70
CA ILE A 415 5.79 -20.21 -44.30
C ILE A 415 5.76 -19.91 -42.80
N THR A 416 5.48 -18.66 -42.47
CA THR A 416 5.32 -18.23 -41.09
C THR A 416 3.93 -18.60 -40.60
N SER A 417 3.86 -19.55 -39.67
CA SER A 417 2.57 -20.09 -39.26
C SER A 417 2.30 -19.93 -37.78
N LEU A 418 1.01 -19.91 -37.45
CA LEU A 418 0.54 -19.85 -36.07
C LEU A 418 -0.70 -20.71 -35.95
N SER A 419 -0.58 -21.84 -35.25
CA SER A 419 -1.71 -22.72 -35.05
C SER A 419 -2.48 -22.34 -33.79
N LEU A 420 -3.77 -22.08 -33.94
CA LEU A 420 -4.66 -21.87 -32.81
C LEU A 420 -5.58 -23.07 -32.70
N ARG A 421 -5.33 -23.92 -31.71
CA ARG A 421 -6.04 -25.19 -31.61
C ARG A 421 -6.62 -25.47 -30.23
N THR A 422 -7.94 -25.62 -30.16
CA THR A 422 -8.59 -26.20 -29.00
C THR A 422 -8.38 -27.71 -29.09
N CYS A 423 -7.87 -28.31 -28.02
CA CYS A 423 -7.45 -29.71 -28.07
C CYS A 423 -8.65 -30.66 -28.08
N LYS A 424 -8.90 -31.25 -29.24
CA LYS A 424 -10.06 -32.12 -29.41
C LYS A 424 -9.73 -33.42 -30.15
N ALA A 425 -8.46 -33.83 -30.08
CA ALA A 425 -8.04 -35.08 -30.72
C ALA A 425 -6.87 -35.71 -29.98
N ASP A 426 -6.64 -36.98 -30.24
CA ASP A 426 -5.57 -37.73 -29.56
C ASP A 426 -4.20 -37.12 -29.82
N VAL A 427 -3.97 -36.64 -31.03
CA VAL A 427 -2.68 -36.08 -31.39
C VAL A 427 -2.38 -34.89 -30.51
N GLN A 428 -1.13 -34.77 -30.09
CA GLN A 428 -0.69 -33.67 -29.24
C GLN A 428 0.83 -33.65 -29.18
N VAL A 429 1.42 -32.47 -29.34
CA VAL A 429 2.87 -32.33 -29.35
C VAL A 429 3.32 -31.05 -28.64
N ALA A 430 4.63 -30.89 -28.52
CA ALA A 430 5.23 -29.66 -28.01
C ALA A 430 4.96 -29.44 -26.52
N LEU A 431 4.54 -30.48 -25.81
CA LEU A 431 4.30 -30.35 -24.39
C LEU A 431 5.61 -30.40 -23.61
N PRO A 432 5.74 -29.56 -22.57
CA PRO A 432 6.92 -29.67 -21.71
C PRO A 432 6.88 -30.97 -20.90
N GLU A 433 8.03 -31.38 -20.37
CA GLU A 433 8.13 -32.64 -19.65
C GLU A 433 7.15 -32.72 -18.50
N GLY A 434 6.50 -33.87 -18.36
CA GLY A 434 5.65 -34.14 -17.22
C GLY A 434 4.27 -33.51 -17.25
N LEU A 435 4.02 -32.65 -18.22
CA LEU A 435 2.73 -31.97 -18.31
C LEU A 435 1.61 -32.93 -18.75
N ASP A 436 1.96 -33.90 -19.59
CA ASP A 436 0.98 -34.89 -20.02
C ASP A 436 0.46 -35.68 -18.83
N ALA A 437 1.38 -36.17 -18.01
CA ALA A 437 1.01 -36.96 -16.83
C ALA A 437 0.14 -36.17 -15.87
N LYS A 438 0.54 -34.93 -15.61
CA LYS A 438 -0.19 -34.06 -14.69
C LYS A 438 -1.66 -33.90 -15.11
N LEU A 439 -1.86 -33.47 -16.35
CA LEU A 439 -3.21 -33.24 -16.86
C LEU A 439 -3.98 -34.54 -17.02
N SER A 440 -3.28 -35.62 -17.37
CA SER A 440 -3.93 -36.93 -17.49
C SER A 440 -4.50 -37.35 -16.15
N GLN A 441 -3.70 -37.20 -15.09
CA GLN A 441 -4.13 -37.57 -13.74
C GLN A 441 -5.28 -36.68 -13.30
N GLU A 442 -5.26 -35.42 -13.76
CA GLU A 442 -6.32 -34.47 -13.43
C GLU A 442 -7.62 -34.88 -14.13
N TRP A 443 -7.50 -35.26 -15.40
CA TRP A 443 -8.66 -35.58 -16.22
C TRP A 443 -9.27 -36.94 -15.89
N GLU A 444 -8.53 -37.74 -15.10
CA GLU A 444 -8.99 -39.07 -14.72
C GLU A 444 -10.25 -39.00 -13.85
N LYS A 445 -10.42 -37.87 -13.15
CA LYS A 445 -11.59 -37.67 -12.29
C LYS A 445 -12.84 -37.48 -13.13
N GLU A 446 -12.68 -36.90 -14.32
CA GLU A 446 -13.80 -36.62 -15.21
C GLU A 446 -14.08 -37.82 -16.11
N ASN A 447 -13.01 -38.43 -16.62
CA ASN A 447 -13.11 -39.59 -17.50
C ASN A 447 -12.22 -40.73 -16.99
N PRO A 448 -12.73 -41.50 -16.00
CA PRO A 448 -11.92 -42.52 -15.34
C PRO A 448 -11.38 -43.59 -16.27
N GLY A 449 -10.10 -43.91 -16.14
CA GLY A 449 -9.47 -44.94 -16.94
C GLY A 449 -9.03 -44.44 -18.31
N ARG A 450 -9.33 -43.18 -18.61
CA ARG A 450 -8.99 -42.60 -19.91
C ARG A 450 -8.50 -41.17 -19.73
N GLY A 451 -7.61 -40.97 -18.76
CA GLY A 451 -7.11 -39.65 -18.44
C GLY A 451 -6.37 -38.97 -19.58
N SER A 452 -5.80 -39.77 -20.47
CA SER A 452 -5.04 -39.23 -21.59
C SER A 452 -5.94 -38.54 -22.62
N TRP A 453 -7.25 -38.60 -22.39
CA TRP A 453 -8.21 -37.93 -23.26
C TRP A 453 -8.42 -36.45 -22.90
N TRP A 454 -7.54 -35.90 -22.06
CA TRP A 454 -7.66 -34.50 -21.69
C TRP A 454 -7.51 -33.61 -22.92
N CYS A 455 -6.68 -34.05 -23.86
CA CYS A 455 -6.43 -33.28 -25.07
C CYS A 455 -7.50 -33.56 -26.14
N CYS A 456 -8.59 -34.21 -25.75
CA CYS A 456 -9.69 -34.51 -26.67
C CYS A 456 -10.99 -33.85 -26.22
N SER A 457 -10.97 -33.24 -25.04
CA SER A 457 -12.19 -32.72 -24.41
C SER A 457 -12.52 -31.28 -24.79
N GLY A 458 -11.54 -30.57 -25.37
CA GLY A 458 -11.73 -29.19 -25.75
C GLY A 458 -11.57 -28.22 -24.59
N LYS A 459 -11.15 -28.74 -23.43
CA LYS A 459 -10.98 -27.91 -22.24
C LYS A 459 -9.64 -27.17 -22.25
N TRP A 460 -8.65 -27.75 -22.92
CA TRP A 460 -7.33 -27.14 -23.03
C TRP A 460 -7.05 -26.72 -24.47
N ALA A 461 -6.03 -25.88 -24.66
CA ALA A 461 -5.71 -25.38 -25.99
C ALA A 461 -4.22 -25.11 -26.14
N VAL A 462 -3.78 -24.94 -27.38
CA VAL A 462 -2.39 -24.61 -27.65
C VAL A 462 -2.28 -23.55 -28.74
N ILE A 463 -1.22 -22.75 -28.65
CA ILE A 463 -0.91 -21.75 -29.66
C ILE A 463 0.55 -21.94 -30.07
N CYS A 464 0.76 -22.56 -31.23
CA CYS A 464 2.11 -22.88 -31.69
C CYS A 464 2.53 -22.03 -32.88
N PHE A 465 3.77 -21.52 -32.80
CA PHE A 465 4.30 -20.65 -33.83
C PHE A 465 5.52 -21.27 -34.50
N CYS A 466 5.69 -20.99 -35.79
CA CYS A 466 6.92 -21.34 -36.48
C CYS A 466 7.22 -20.32 -37.57
N SER A 467 8.50 -20.00 -37.74
CA SER A 467 8.93 -18.96 -38.65
C SER A 467 8.99 -19.44 -40.10
N GLY A 468 9.24 -20.73 -40.28
CA GLY A 468 9.34 -21.31 -41.61
C GLY A 468 10.76 -21.49 -42.10
N ILE A 469 11.72 -21.09 -41.29
CA ILE A 469 13.13 -21.27 -41.61
C ILE A 469 13.99 -21.37 -40.36
N ILE B 4 35.64 14.66 -2.17
CA ILE B 4 34.22 14.96 -2.25
C ILE B 4 34.01 16.44 -2.56
N PRO B 5 33.15 16.75 -3.55
CA PRO B 5 32.94 18.15 -3.91
C PRO B 5 32.32 18.97 -2.78
N GLY B 6 32.57 20.28 -2.78
CA GLY B 6 31.98 21.17 -1.79
C GLY B 6 30.50 21.39 -2.07
N ARG B 7 29.82 22.04 -1.14
CA ARG B 7 28.41 22.36 -1.32
C ARG B 7 28.24 23.61 -2.17
N PHE B 8 27.08 23.74 -2.80
CA PHE B 8 26.77 24.94 -3.57
C PHE B 8 26.72 26.16 -2.65
N MET B 9 27.23 27.28 -3.14
CA MET B 9 27.32 28.51 -2.35
C MET B 9 26.48 29.62 -2.96
N THR B 10 26.19 30.63 -2.16
CA THR B 10 25.45 31.79 -2.65
C THR B 10 26.34 32.69 -3.49
N ILE B 11 27.64 32.40 -3.52
CA ILE B 11 28.60 33.17 -4.31
C ILE B 11 28.85 32.56 -5.68
N ASP B 12 28.59 31.26 -5.79
CA ASP B 12 28.84 30.54 -7.03
C ASP B 12 28.15 31.22 -8.20
N LYS B 13 28.92 31.97 -8.98
CA LYS B 13 28.39 32.68 -10.12
C LYS B 13 27.69 31.72 -11.08
N GLY B 14 26.60 32.19 -11.70
CA GLY B 14 25.92 31.43 -12.72
C GLY B 14 25.09 30.26 -12.19
N THR B 15 24.88 30.21 -10.88
CA THR B 15 24.06 29.16 -10.29
C THR B 15 22.70 29.70 -9.86
N PHE B 16 21.69 28.84 -9.91
CA PHE B 16 20.34 29.20 -9.48
C PHE B 16 20.35 29.61 -8.01
N GLY B 17 21.21 28.97 -7.22
CA GLY B 17 21.34 29.28 -5.82
C GLY B 17 21.77 30.72 -5.60
N GLU B 18 22.58 31.26 -6.51
CA GLU B 18 23.03 32.64 -6.42
C GLU B 18 21.84 33.58 -6.54
N TYR B 19 21.04 33.38 -7.57
CA TYR B 19 19.82 34.18 -7.77
C TYR B 19 18.86 34.03 -6.60
N THR B 20 18.70 32.79 -6.14
CA THR B 20 17.74 32.49 -5.10
C THR B 20 18.04 33.28 -3.83
N ALA B 21 19.27 33.13 -3.33
CA ALA B 21 19.65 33.76 -2.08
C ALA B 21 19.49 35.27 -2.12
N SER B 22 19.93 35.89 -3.22
CA SER B 22 19.93 37.35 -3.33
C SER B 22 18.56 37.93 -3.66
N THR B 23 17.73 37.18 -4.38
CA THR B 23 16.47 37.72 -4.87
C THR B 23 15.25 37.14 -4.15
N ARG B 24 15.14 35.82 -4.15
CA ARG B 24 13.94 35.15 -3.64
C ARG B 24 13.72 35.39 -2.14
N TRP B 25 14.77 35.29 -1.35
CA TRP B 25 14.64 35.32 0.11
C TRP B 25 14.20 36.69 0.65
N PRO B 26 14.74 37.79 0.10
CA PRO B 26 14.19 39.08 0.53
C PRO B 26 12.69 39.21 0.26
N ILE B 27 12.21 38.56 -0.80
CA ILE B 27 10.80 38.62 -1.15
C ILE B 27 9.97 37.81 -0.17
N ILE B 28 10.50 36.66 0.24
CA ILE B 28 9.81 35.80 1.19
C ILE B 28 9.60 36.53 2.51
N ILE B 29 10.66 37.15 3.01
CA ILE B 29 10.57 37.87 4.28
C ILE B 29 9.57 39.00 4.14
N GLN B 30 9.50 39.61 2.97
CA GLN B 30 8.56 40.69 2.73
C GLN B 30 7.12 40.16 2.78
N ASN B 31 6.90 39.01 2.14
CA ASN B 31 5.58 38.38 2.14
C ASN B 31 5.12 38.07 3.56
N ALA B 32 6.07 37.65 4.40
CA ALA B 32 5.78 37.35 5.80
C ALA B 32 5.36 38.61 6.53
N ILE B 33 6.01 39.73 6.22
CA ILE B 33 5.65 41.02 6.79
C ILE B 33 4.25 41.40 6.36
N ASP B 34 3.96 41.23 5.07
CA ASP B 34 2.68 41.60 4.50
C ASP B 34 1.56 40.71 5.02
N ASP B 35 1.83 39.41 5.07
CA ASP B 35 0.84 38.45 5.58
C ASP B 35 0.60 38.72 7.07
N LEU B 36 1.65 39.07 7.78
CA LEU B 36 1.54 39.45 9.18
C LEU B 36 0.61 40.66 9.31
N SER B 37 0.82 41.65 8.45
CA SER B 37 -0.05 42.80 8.37
C SER B 37 -1.48 42.39 8.04
N LYS B 38 -1.61 41.55 7.00
CA LYS B 38 -2.92 41.06 6.59
C LYS B 38 -3.65 40.46 7.77
N HIS B 39 -2.92 39.74 8.62
CA HIS B 39 -3.49 39.11 9.80
C HIS B 39 -3.82 40.15 10.87
N GLN B 40 -3.03 41.22 10.92
CA GLN B 40 -3.28 42.30 11.87
C GLN B 40 -4.62 42.97 11.62
N GLU B 41 -5.05 43.00 10.36
CA GLU B 41 -6.31 43.62 9.98
C GLU B 41 -7.50 42.97 10.67
N THR B 42 -7.38 41.68 10.93
CA THR B 42 -8.50 40.90 11.45
C THR B 42 -8.56 40.91 12.98
N GLU B 43 -7.70 41.69 13.61
CA GLU B 43 -7.64 41.76 15.07
C GLU B 43 -7.61 43.22 15.54
N LYS B 44 -7.84 43.42 16.83
CA LYS B 44 -7.86 44.78 17.39
C LYS B 44 -6.51 45.46 17.23
N SER B 45 -6.52 46.78 17.12
CA SER B 45 -5.31 47.54 16.84
C SER B 45 -4.61 48.00 18.11
N ASN B 46 -4.77 47.23 19.19
CA ASN B 46 -4.05 47.49 20.43
C ASN B 46 -4.05 46.24 21.30
N GLY B 47 -3.40 46.34 22.46
CA GLY B 47 -3.27 45.20 23.35
C GLY B 47 -1.97 44.48 23.09
N THR B 48 -1.67 43.48 23.92
CA THR B 48 -0.40 42.76 23.85
C THR B 48 -0.17 42.14 22.47
N LYS B 49 -1.17 41.45 21.93
CA LYS B 49 -0.97 40.71 20.70
C LYS B 49 -0.60 41.62 19.54
N PHE B 50 -1.35 42.70 19.37
CA PHE B 50 -1.08 43.64 18.29
C PHE B 50 0.32 44.22 18.42
N GLU B 51 0.62 44.77 19.59
CA GLU B 51 1.92 45.39 19.84
C GLU B 51 3.06 44.40 19.64
N GLN B 52 2.86 43.16 20.07
CA GLN B 52 3.85 42.12 19.85
C GLN B 52 4.05 41.88 18.36
N GLY B 53 2.96 41.99 17.60
CA GLY B 53 3.03 41.88 16.16
C GLY B 53 3.88 42.99 15.58
N GLU B 54 3.77 44.18 16.16
CA GLU B 54 4.54 45.33 15.71
C GLU B 54 6.03 45.10 15.89
N VAL B 55 6.40 44.42 16.97
CA VAL B 55 7.79 44.12 17.25
C VAL B 55 8.33 43.12 16.23
N ILE B 56 7.55 42.08 15.96
CA ILE B 56 7.95 41.06 14.99
C ILE B 56 8.07 41.68 13.61
N LYS B 57 7.08 42.48 13.25
CA LYS B 57 7.04 43.12 11.94
C LYS B 57 8.29 43.95 11.72
N LYS B 58 8.66 44.73 12.73
CA LYS B 58 9.84 45.58 12.64
C LYS B 58 11.11 44.75 12.50
N GLU B 59 11.24 43.73 13.35
CA GLU B 59 12.42 42.87 13.33
C GLU B 59 12.52 42.11 12.02
N LEU B 60 11.38 41.78 11.43
CA LEU B 60 11.36 41.13 10.12
C LEU B 60 11.90 42.06 9.05
N LYS B 61 11.51 43.33 9.13
CA LYS B 61 12.00 44.34 8.20
C LYS B 61 13.52 44.42 8.29
N GLU B 62 14.03 44.45 9.51
CA GLU B 62 15.46 44.53 9.75
C GLU B 62 16.17 43.26 9.26
N PHE B 63 15.57 42.12 9.52
CA PHE B 63 16.17 40.85 9.11
C PHE B 63 16.26 40.78 7.58
N ARG B 64 15.20 41.22 6.91
CA ARG B 64 15.21 41.28 5.45
C ARG B 64 16.36 42.14 4.97
N GLN B 65 16.62 43.23 5.69
CA GLN B 65 17.67 44.16 5.31
C GLN B 65 19.05 43.58 5.58
N GLU B 66 19.16 42.77 6.63
CA GLU B 66 20.39 42.04 6.91
C GLU B 66 20.80 41.20 5.70
N ILE B 67 19.83 40.49 5.15
CA ILE B 67 20.07 39.60 4.01
C ILE B 67 20.48 40.39 2.78
N ILE B 68 19.86 41.55 2.59
CA ILE B 68 20.21 42.42 1.46
C ILE B 68 21.60 42.99 1.66
N ASP B 69 21.89 43.45 2.88
CA ASP B 69 23.19 44.05 3.18
C ASP B 69 24.30 43.01 3.22
N ARG B 70 23.94 41.74 3.13
CA ARG B 70 24.92 40.65 3.11
C ARG B 70 25.80 40.67 4.36
N VAL B 71 25.16 40.73 5.53
CA VAL B 71 25.89 40.76 6.78
C VAL B 71 26.32 39.35 7.18
N PRO B 72 27.31 39.25 8.09
CA PRO B 72 27.69 37.93 8.61
C PRO B 72 26.55 37.27 9.35
N LEU B 73 26.40 35.96 9.20
CA LEU B 73 25.38 35.21 9.93
C LEU B 73 25.78 35.10 11.40
N ARG B 74 24.93 35.63 12.28
CA ARG B 74 25.23 35.63 13.71
C ARG B 74 24.76 34.32 14.36
N PRO B 75 25.50 33.85 15.37
CA PRO B 75 25.00 32.71 16.14
C PRO B 75 23.71 33.05 16.87
N PHE B 76 22.97 32.03 17.31
CA PHE B 76 21.83 32.23 18.18
C PHE B 76 22.29 32.40 19.62
N THR B 77 21.68 33.33 20.35
CA THR B 77 22.04 33.55 21.73
C THR B 77 21.51 32.42 22.62
N GLU B 78 22.11 32.27 23.80
CA GLU B 78 21.67 31.26 24.76
C GLU B 78 20.21 31.49 25.14
N GLU B 79 19.79 32.75 25.16
CA GLU B 79 18.42 33.09 25.51
C GLU B 79 17.48 32.70 24.38
N GLU B 80 17.88 32.97 23.14
CA GLU B 80 17.10 32.58 21.98
C GLU B 80 16.98 31.06 21.93
N ILE B 81 18.07 30.36 22.27
CA ILE B 81 18.07 28.91 22.29
C ILE B 81 17.03 28.38 23.25
N LYS B 82 17.01 28.93 24.46
CA LYS B 82 16.10 28.46 25.51
C LYS B 82 14.64 28.69 25.11
N ILE B 83 14.31 29.92 24.77
CA ILE B 83 12.92 30.31 24.52
C ILE B 83 12.34 29.59 23.30
N ALA B 84 13.17 29.33 22.30
CA ALA B 84 12.67 28.79 21.03
C ALA B 84 13.14 27.37 20.78
N ASN B 85 13.87 26.81 21.74
CA ASN B 85 14.36 25.44 21.62
C ASN B 85 15.12 25.22 20.30
N VAL B 86 16.04 26.12 20.01
CA VAL B 86 16.86 26.03 18.81
C VAL B 86 17.87 24.89 18.95
N PRO B 87 17.95 24.01 17.94
CA PRO B 87 18.99 22.96 18.01
C PRO B 87 20.39 23.58 18.07
N LEU B 88 21.29 22.94 18.81
CA LEU B 88 22.63 23.49 19.01
C LEU B 88 23.54 23.26 17.81
N SER B 89 23.03 22.56 16.81
CA SER B 89 23.81 22.26 15.61
C SER B 89 24.19 23.53 14.87
N PHE B 90 23.31 24.53 14.92
CA PHE B 90 23.52 25.77 14.18
C PHE B 90 24.80 26.48 14.63
N ASN B 91 24.90 26.77 15.92
CA ASN B 91 26.06 27.47 16.45
C ASN B 91 27.33 26.65 16.30
N GLU B 92 27.19 25.33 16.31
CA GLU B 92 28.32 24.44 16.12
C GLU B 92 28.86 24.59 14.70
N TYR B 93 27.95 24.76 13.74
CA TYR B 93 28.31 24.95 12.35
C TYR B 93 28.99 26.29 12.12
N LEU B 94 28.45 27.33 12.75
CA LEU B 94 28.98 28.68 12.56
C LEU B 94 30.38 28.83 13.14
N LYS B 95 30.66 28.15 14.24
CA LYS B 95 31.99 28.15 14.81
C LYS B 95 32.99 27.57 13.81
N LYS B 96 32.59 26.49 13.14
CA LYS B 96 33.44 25.83 12.16
C LYS B 96 33.43 26.54 10.80
N HIS B 97 32.58 27.53 10.66
CA HIS B 97 32.50 28.33 9.44
C HIS B 97 32.52 29.81 9.75
N PRO B 98 33.69 30.36 10.12
CA PRO B 98 33.80 31.76 10.53
C PRO B 98 33.51 32.77 9.43
N GLU B 99 32.78 33.83 9.77
CA GLU B 99 32.62 35.00 8.90
C GLU B 99 31.84 34.71 7.61
N VAL B 100 31.05 33.65 7.59
CA VAL B 100 30.18 33.42 6.44
C VAL B 100 29.04 34.44 6.47
N ASN B 101 28.81 35.08 5.33
CA ASN B 101 27.74 36.06 5.22
C ASN B 101 26.71 35.62 4.18
N TRP B 102 25.56 36.30 4.18
CA TRP B 102 24.46 35.93 3.30
C TRP B 102 24.88 35.91 1.84
N GLY B 103 25.80 36.80 1.47
CA GLY B 103 26.27 36.88 0.11
C GLY B 103 27.27 35.80 -0.22
N ALA B 104 27.79 35.12 0.80
CA ALA B 104 28.80 34.09 0.61
C ALA B 104 28.71 33.04 1.72
N VAL B 105 27.85 32.05 1.52
CA VAL B 105 27.59 31.03 2.53
C VAL B 105 26.99 29.80 1.83
N GLU B 106 27.15 28.64 2.45
CA GLU B 106 26.57 27.42 1.91
C GLU B 106 25.05 27.57 1.78
N TRP B 107 24.57 27.35 0.56
CA TRP B 107 23.16 27.49 0.23
C TRP B 107 22.25 26.73 1.20
N LEU B 108 22.54 25.45 1.41
CA LEU B 108 21.70 24.61 2.25
C LEU B 108 21.58 25.18 3.65
N PHE B 109 22.70 25.51 4.27
CA PHE B 109 22.68 26.02 5.64
C PHE B 109 21.90 27.31 5.77
N SER B 110 22.26 28.32 4.99
CA SER B 110 21.65 29.64 5.11
C SER B 110 20.15 29.61 4.88
N GLU B 111 19.68 28.64 4.09
CA GLU B 111 18.25 28.53 3.81
C GLU B 111 17.52 27.95 5.02
N VAL B 112 18.10 26.91 5.63
CA VAL B 112 17.56 26.37 6.86
C VAL B 112 17.68 27.42 7.97
N TYR B 113 18.84 28.06 8.02
CA TYR B 113 19.11 29.08 9.03
C TYR B 113 18.11 30.23 8.94
N LEU B 114 17.70 30.56 7.73
CA LEU B 114 16.78 31.68 7.51
C LEU B 114 15.46 31.47 8.26
N TYR B 115 14.88 30.29 8.10
CA TYR B 115 13.57 30.00 8.67
C TYR B 115 13.65 29.80 10.18
N ARG B 116 14.84 29.53 10.68
CA ARG B 116 15.02 29.41 12.12
C ARG B 116 15.03 30.79 12.74
N ARG B 117 15.70 31.73 12.08
CA ARG B 117 15.73 33.11 12.55
C ARG B 117 14.33 33.69 12.60
N VAL B 118 13.53 33.38 11.58
CA VAL B 118 12.16 33.86 11.52
C VAL B 118 11.32 33.26 12.65
N ASN B 119 11.48 31.97 12.87
CA ASN B 119 10.75 31.29 13.93
C ASN B 119 11.06 31.90 15.29
N VAL B 120 12.35 32.13 15.55
CA VAL B 120 12.79 32.72 16.81
C VAL B 120 12.00 33.99 17.09
N LEU B 121 11.78 34.80 16.06
CA LEU B 121 11.09 36.07 16.22
C LEU B 121 9.67 35.86 16.74
N PHE B 122 9.01 34.82 16.26
CA PHE B 122 7.63 34.55 16.66
C PHE B 122 7.56 33.92 18.05
N GLN B 123 8.47 32.99 18.34
CA GLN B 123 8.46 32.32 19.63
C GLN B 123 8.88 33.23 20.77
N ARG B 124 9.50 34.36 20.44
CA ARG B 124 9.92 35.32 21.45
C ARG B 124 8.72 36.11 21.98
N GLN B 125 7.66 36.20 21.17
CA GLN B 125 6.44 36.86 21.56
C GLN B 125 5.40 35.81 21.93
N CYS B 126 5.03 35.76 23.20
CA CYS B 126 4.17 34.68 23.71
C CYS B 126 2.90 34.49 22.88
N GLU B 127 2.27 35.59 22.49
CA GLU B 127 0.99 35.52 21.80
C GLU B 127 1.12 35.03 20.36
N TRP B 128 2.37 34.92 19.88
CA TRP B 128 2.61 34.51 18.50
C TRP B 128 3.50 33.28 18.40
N ALA B 129 3.73 32.62 19.53
CA ALA B 129 4.62 31.45 19.57
C ALA B 129 4.12 30.32 18.68
N LYS B 130 2.80 30.13 18.63
CA LYS B 130 2.21 29.02 17.90
C LYS B 130 1.67 29.43 16.53
N PHE B 131 1.92 30.68 16.14
CA PHE B 131 1.41 31.20 14.89
C PHE B 131 2.28 30.78 13.72
N ASP B 132 1.61 30.35 12.64
CA ASP B 132 2.31 29.95 11.42
C ASP B 132 2.16 31.05 10.38
N ILE B 133 3.24 31.79 10.14
CA ILE B 133 3.20 32.96 9.28
C ILE B 133 2.96 32.59 7.81
N PHE B 134 2.99 31.30 7.49
CA PHE B 134 2.79 30.85 6.12
C PHE B 134 1.45 30.15 5.92
N ASN B 135 0.66 30.04 6.98
CA ASN B 135 -0.61 29.31 6.91
C ASN B 135 -1.59 29.94 5.91
N ARG B 136 -1.65 31.26 5.90
CA ARG B 136 -2.49 31.97 4.96
C ARG B 136 -2.15 31.58 3.52
N LEU B 137 -0.86 31.43 3.25
CA LEU B 137 -0.40 31.07 1.91
C LEU B 137 -0.73 29.62 1.59
N LYS B 138 -0.44 28.73 2.53
CA LYS B 138 -0.75 27.31 2.39
C LYS B 138 -2.21 27.11 2.02
N GLN B 139 -3.10 27.73 2.79
CA GLN B 139 -4.54 27.57 2.60
C GLN B 139 -5.01 28.07 1.25
N SER B 140 -4.70 29.33 0.93
CA SER B 140 -5.15 29.93 -0.32
C SER B 140 -4.68 29.13 -1.52
N THR B 141 -3.50 28.53 -1.41
CA THR B 141 -2.95 27.70 -2.48
C THR B 141 -3.72 26.38 -2.60
N PHE B 142 -4.10 25.82 -1.46
CA PHE B 142 -4.82 24.56 -1.43
C PHE B 142 -6.27 24.78 -1.85
N GLU B 143 -6.80 25.97 -1.56
CA GLU B 143 -8.17 26.31 -1.91
C GLU B 143 -8.33 26.42 -3.42
N SER B 144 -7.29 26.91 -4.10
CA SER B 144 -7.35 27.10 -5.54
C SER B 144 -7.14 25.79 -6.29
N SER B 145 -6.79 24.73 -5.55
CA SER B 145 -6.65 23.40 -6.11
C SER B 145 -7.95 22.63 -5.98
N PHE B 146 -9.02 23.34 -5.69
CA PHE B 146 -10.35 22.76 -5.48
C PHE B 146 -10.71 21.74 -6.57
N TYR B 147 -10.53 22.14 -7.82
CA TYR B 147 -10.83 21.28 -8.96
C TYR B 147 -10.11 19.93 -8.84
N GLY B 148 -8.81 19.98 -8.64
CA GLY B 148 -7.99 18.78 -8.60
C GLY B 148 -8.28 17.88 -7.41
N VAL B 149 -8.56 18.50 -6.26
CA VAL B 149 -8.86 17.75 -5.05
C VAL B 149 -10.08 16.87 -5.24
N VAL B 150 -11.12 17.45 -5.85
CA VAL B 150 -12.37 16.73 -6.07
C VAL B 150 -12.18 15.60 -7.07
N GLU B 151 -11.48 15.88 -8.16
CA GLU B 151 -11.23 14.88 -9.19
C GLU B 151 -10.59 13.63 -8.60
N LEU B 152 -9.59 13.83 -7.76
CA LEU B 152 -8.92 12.71 -7.11
C LEU B 152 -9.85 12.01 -6.13
N ALA B 153 -10.59 12.79 -5.36
CA ALA B 153 -11.55 12.24 -4.41
C ALA B 153 -12.56 11.33 -5.12
N LEU B 154 -13.06 11.80 -6.26
CA LEU B 154 -13.99 11.01 -7.06
C LEU B 154 -13.29 9.75 -7.56
N ARG B 155 -12.07 9.91 -8.08
CA ARG B 155 -11.30 8.78 -8.57
C ARG B 155 -11.11 7.73 -7.47
N TYR B 156 -10.89 8.21 -6.25
CA TYR B 156 -10.61 7.30 -5.13
C TYR B 156 -11.87 6.54 -4.72
N GLU B 157 -13.00 7.25 -4.61
CA GLU B 157 -14.24 6.63 -4.21
C GLU B 157 -14.62 5.49 -5.15
N ASN B 158 -14.42 5.71 -6.45
CA ASN B 158 -14.79 4.73 -7.45
C ASN B 158 -13.79 3.58 -7.57
N LEU B 159 -12.56 3.83 -7.11
CA LEU B 159 -11.53 2.80 -7.12
C LEU B 159 -11.62 1.91 -5.89
N LEU B 160 -12.19 2.45 -4.81
CA LEU B 160 -12.14 1.78 -3.52
C LEU B 160 -12.82 0.41 -3.54
N PRO B 161 -14.06 0.33 -4.04
CA PRO B 161 -14.67 -0.99 -4.15
C PRO B 161 -13.79 -1.98 -4.91
N GLN B 162 -13.13 -1.49 -5.95
CA GLN B 162 -12.31 -2.33 -6.81
C GLN B 162 -11.02 -2.73 -6.11
N LEU B 163 -10.47 -1.82 -5.32
CA LEU B 163 -9.23 -2.08 -4.58
C LEU B 163 -9.41 -3.18 -3.54
N ARG B 164 -10.51 -3.13 -2.81
CA ARG B 164 -10.82 -4.15 -1.82
C ARG B 164 -10.91 -5.51 -2.49
N GLU B 165 -11.46 -5.54 -3.70
CA GLU B 165 -11.61 -6.78 -4.45
C GLU B 165 -10.26 -7.28 -4.95
N MET B 166 -9.36 -6.35 -5.25
CA MET B 166 -8.04 -6.71 -5.77
C MET B 166 -7.15 -7.27 -4.67
N LYS B 167 -7.32 -6.78 -3.45
CA LYS B 167 -6.58 -7.29 -2.31
C LYS B 167 -7.16 -8.63 -1.85
N GLN B 168 -8.49 -8.75 -1.91
CA GLN B 168 -9.19 -9.94 -1.44
C GLN B 168 -8.90 -11.16 -2.30
N ASN B 169 -8.72 -10.93 -3.60
CA ASN B 169 -8.45 -12.02 -4.55
C ASN B 169 -7.22 -11.71 -5.40
N PRO B 170 -6.02 -11.78 -4.78
CA PRO B 170 -4.79 -11.35 -5.45
C PRO B 170 -4.08 -12.45 -6.25
N GLY B 171 -3.78 -12.16 -7.50
CA GLY B 171 -2.98 -13.03 -8.34
C GLY B 171 -2.20 -12.19 -9.33
N ASN B 172 -1.38 -12.84 -10.16
CA ASN B 172 -0.59 -12.11 -11.15
C ASN B 172 -1.48 -11.31 -12.08
N GLU B 173 -2.71 -11.79 -12.30
CA GLU B 173 -3.67 -11.09 -13.12
C GLU B 173 -3.95 -9.70 -12.57
N ILE B 174 -4.12 -9.61 -11.25
CA ILE B 174 -4.46 -8.36 -10.59
C ILE B 174 -3.23 -7.50 -10.38
N ASP B 175 -2.07 -8.14 -10.22
CA ASP B 175 -0.81 -7.42 -10.04
C ASP B 175 -0.57 -6.44 -11.19
N ASP B 176 -0.84 -6.89 -12.40
CA ASP B 176 -0.63 -6.08 -13.59
C ASP B 176 -1.45 -4.79 -13.52
N ILE B 177 -2.67 -4.90 -13.01
CA ILE B 177 -3.55 -3.74 -12.85
C ILE B 177 -2.98 -2.81 -11.77
N LEU B 178 -2.56 -3.41 -10.66
CA LEU B 178 -2.06 -2.66 -9.52
C LEU B 178 -0.82 -1.85 -9.88
N LYS B 179 0.04 -2.41 -10.72
CA LYS B 179 1.25 -1.73 -11.16
C LYS B 179 0.91 -0.39 -11.81
N VAL B 180 -0.08 -0.40 -12.70
CA VAL B 180 -0.53 0.82 -13.36
C VAL B 180 -0.95 1.86 -12.33
N LEU B 181 -1.75 1.44 -11.35
CA LEU B 181 -2.22 2.34 -10.31
C LEU B 181 -1.06 2.79 -9.44
N PHE B 182 -0.09 1.91 -9.22
CA PHE B 182 1.08 2.23 -8.42
C PHE B 182 1.85 3.37 -9.06
N LYS B 183 2.16 3.24 -10.35
CA LYS B 183 2.86 4.28 -11.08
C LYS B 183 2.03 5.56 -11.10
N GLU B 184 0.73 5.42 -11.29
CA GLU B 184 -0.17 6.56 -11.27
C GLU B 184 -0.02 7.36 -9.99
N PHE B 185 -0.27 6.72 -8.84
CA PHE B 185 -0.24 7.40 -7.56
C PHE B 185 1.16 7.89 -7.19
N ILE B 186 2.19 7.14 -7.59
CA ILE B 186 3.58 7.59 -7.41
C ILE B 186 3.77 8.91 -8.12
N GLU B 187 3.39 8.96 -9.39
CA GLU B 187 3.65 10.13 -10.23
C GLU B 187 2.78 11.32 -9.81
N ILE B 188 1.58 11.05 -9.33
CA ILE B 188 0.71 12.12 -8.83
C ILE B 188 1.34 12.70 -7.58
N SER B 189 1.88 11.83 -6.73
CA SER B 189 2.61 12.25 -5.54
C SER B 189 3.84 13.05 -5.93
N LEU B 190 4.53 12.57 -6.96
CA LEU B 190 5.75 13.21 -7.43
C LEU B 190 5.52 14.66 -7.85
N TRP B 191 4.56 14.86 -8.76
CA TRP B 191 4.35 16.18 -9.35
C TRP B 191 3.56 17.11 -8.43
N GLY B 192 3.04 16.58 -7.33
CA GLY B 192 2.34 17.38 -6.35
C GLY B 192 1.35 18.35 -6.98
N ASN B 193 1.66 19.64 -6.90
CA ASN B 193 0.83 20.66 -7.55
C ASN B 193 1.67 21.53 -8.48
N ASP B 207 -10.93 4.68 -17.92
CA ASP B 207 -10.32 5.98 -18.17
C ASP B 207 -8.81 5.89 -17.95
N ILE B 208 -8.41 5.47 -16.76
CA ILE B 208 -7.00 5.26 -16.45
C ILE B 208 -6.41 4.19 -17.37
N LYS B 209 -7.27 3.32 -17.90
CA LYS B 209 -6.84 2.26 -18.79
C LYS B 209 -7.12 2.60 -20.26
N SER B 210 -7.61 3.81 -20.51
CA SER B 210 -7.94 4.25 -21.86
C SER B 210 -6.76 4.95 -22.53
N ILE B 211 -7.03 5.62 -23.66
CA ILE B 211 -5.98 6.33 -24.38
C ILE B 211 -5.53 7.56 -23.63
N GLN B 212 -6.47 8.48 -23.41
CA GLN B 212 -6.19 9.74 -22.72
C GLN B 212 -5.36 9.47 -21.47
N GLY B 213 -5.74 8.44 -20.73
CA GLY B 213 -5.00 8.02 -19.56
C GLY B 213 -3.59 7.60 -19.92
N ALA B 214 -3.45 6.87 -21.02
CA ALA B 214 -2.15 6.41 -21.49
C ALA B 214 -1.35 7.58 -22.06
N LYS B 215 -2.04 8.52 -22.68
CA LYS B 215 -1.40 9.71 -23.23
C LYS B 215 -0.89 10.60 -22.09
N ALA B 216 -1.58 10.56 -20.97
CA ALA B 216 -1.20 11.36 -19.80
C ALA B 216 0.04 10.81 -19.13
N ARG B 217 0.06 9.50 -18.88
CA ARG B 217 1.19 8.86 -18.22
C ARG B 217 2.46 9.05 -19.04
N ALA B 218 2.38 8.84 -20.35
CA ALA B 218 3.54 8.93 -21.22
C ALA B 218 4.15 10.32 -21.21
N ALA B 219 3.29 11.34 -21.15
CA ALA B 219 3.75 12.72 -21.10
C ALA B 219 4.48 13.00 -19.80
N SER B 220 3.88 12.58 -18.69
CA SER B 220 4.50 12.73 -17.38
C SER B 220 5.80 11.95 -17.30
N GLU B 221 5.75 10.68 -17.70
CA GLU B 221 6.91 9.80 -17.58
C GLU B 221 8.06 10.22 -18.49
N SER B 222 7.75 10.99 -19.53
CA SER B 222 8.79 11.47 -20.44
C SER B 222 9.67 12.51 -19.74
N LYS B 223 9.06 13.29 -18.86
CA LYS B 223 9.78 14.31 -18.12
C LYS B 223 10.41 13.75 -16.86
N ILE B 224 10.22 12.45 -16.62
CA ILE B 224 10.90 11.76 -15.53
C ILE B 224 12.18 11.13 -16.07
N VAL B 225 13.24 11.93 -16.09
CA VAL B 225 14.48 11.56 -16.79
C VAL B 225 15.20 10.38 -16.14
N VAL B 226 14.80 10.01 -14.93
CA VAL B 226 15.30 8.80 -14.28
C VAL B 226 14.15 8.21 -13.47
N ASN B 227 13.86 6.92 -13.71
CA ASN B 227 12.67 6.30 -13.14
C ASN B 227 12.93 4.91 -12.57
N ASP B 228 13.10 4.85 -11.26
CA ASP B 228 13.33 3.58 -10.57
C ASP B 228 12.10 3.17 -9.77
N THR B 229 10.92 3.38 -10.35
CA THR B 229 9.67 3.07 -9.67
C THR B 229 9.43 1.56 -9.60
N GLU B 230 9.88 0.86 -10.63
CA GLU B 230 9.74 -0.59 -10.69
C GLU B 230 10.38 -1.25 -9.48
N LYS B 231 11.53 -0.72 -9.06
CA LYS B 231 12.29 -1.31 -7.96
C LYS B 231 11.53 -1.17 -6.65
N ALA B 232 10.88 -0.04 -6.44
CA ALA B 232 10.07 0.17 -5.24
C ALA B 232 8.84 -0.75 -5.27
N TRP B 233 8.33 -0.98 -6.47
CA TRP B 233 7.22 -1.91 -6.68
C TRP B 233 7.63 -3.34 -6.29
N GLU B 234 8.91 -3.64 -6.46
CA GLU B 234 9.44 -4.96 -6.17
C GLU B 234 9.61 -5.19 -4.66
N VAL B 235 10.07 -4.17 -3.95
CA VAL B 235 10.29 -4.30 -2.51
C VAL B 235 8.97 -4.54 -1.80
N LEU B 236 7.91 -3.91 -2.28
CA LEU B 236 6.60 -4.01 -1.65
C LEU B 236 5.88 -5.30 -2.04
N THR B 237 5.86 -5.62 -3.33
CA THR B 237 5.24 -6.86 -3.79
C THR B 237 5.90 -8.05 -3.11
N LYS B 238 7.23 -8.03 -3.07
CA LYS B 238 7.99 -9.06 -2.39
C LYS B 238 7.58 -9.15 -0.92
N ALA B 239 7.60 -8.01 -0.24
CA ALA B 239 7.31 -7.97 1.19
C ALA B 239 5.92 -8.50 1.50
N ARG B 240 4.99 -8.32 0.57
CA ARG B 240 3.62 -8.78 0.75
C ARG B 240 3.52 -10.30 0.76
N ALA B 241 4.57 -10.97 0.29
CA ALA B 241 4.59 -12.42 0.23
C ALA B 241 5.68 -13.00 1.12
N ASP B 242 6.03 -12.27 2.17
CA ASP B 242 7.07 -12.69 3.10
C ASP B 242 6.58 -13.84 3.99
N GLU B 247 3.43 -7.40 7.72
CA GLU B 247 3.93 -6.22 8.43
C GLU B 247 4.77 -5.35 7.49
N ILE B 248 4.08 -4.53 6.69
CA ILE B 248 4.75 -3.69 5.71
C ILE B 248 4.65 -2.22 6.10
N ARG B 249 5.79 -1.63 6.45
CA ARG B 249 5.84 -0.24 6.89
C ARG B 249 6.41 0.67 5.79
N VAL B 250 5.68 1.74 5.50
CA VAL B 250 6.14 2.74 4.54
C VAL B 250 6.28 4.10 5.21
N ASP B 251 7.37 4.80 4.91
CA ASP B 251 7.64 6.09 5.53
C ASP B 251 7.60 7.22 4.51
N PHE B 252 7.06 8.35 4.94
CA PHE B 252 7.02 9.55 4.11
C PHE B 252 7.76 10.69 4.79
N VAL B 253 8.92 11.04 4.25
CA VAL B 253 9.62 12.26 4.65
C VAL B 253 9.04 13.38 3.81
N LEU B 254 8.09 14.12 4.38
CA LEU B 254 7.21 14.97 3.60
C LEU B 254 7.87 16.25 3.12
N ASP B 255 7.21 16.90 2.17
CA ASP B 255 7.65 18.17 1.63
C ASP B 255 6.56 19.22 1.88
N ASN B 256 5.84 19.62 0.84
CA ASN B 256 4.85 20.67 0.96
C ASN B 256 3.48 20.16 1.40
N SER B 257 2.71 21.06 2.01
CA SER B 257 1.35 20.74 2.40
C SER B 257 0.40 21.01 1.21
N GLY B 258 -0.89 21.13 1.50
CA GLY B 258 -1.86 21.33 0.45
C GLY B 258 -1.96 20.10 -0.44
N PHE B 259 -2.00 20.32 -1.74
CA PHE B 259 -2.26 19.23 -2.68
C PHE B 259 -1.18 18.16 -2.66
N GLU B 260 0.07 18.54 -2.44
CA GLU B 260 1.14 17.56 -2.38
C GLU B 260 0.92 16.58 -1.21
N LEU B 261 0.59 17.13 -0.04
CA LEU B 261 0.26 16.29 1.11
C LEU B 261 -0.95 15.42 0.79
N TYR B 262 -1.96 16.05 0.18
CA TYR B 262 -3.17 15.34 -0.25
C TYR B 262 -2.81 14.19 -1.17
N ALA B 263 -1.89 14.43 -2.09
CA ALA B 263 -1.43 13.40 -3.02
C ALA B 263 -0.70 12.28 -2.27
N ASP B 264 0.06 12.65 -1.25
CA ASP B 264 0.80 11.67 -0.45
C ASP B 264 -0.15 10.78 0.35
N LEU B 265 -1.19 11.38 0.92
CA LEU B 265 -2.20 10.62 1.65
C LEU B 265 -2.94 9.68 0.70
N MET B 266 -3.13 10.11 -0.54
CA MET B 266 -3.76 9.27 -1.55
C MET B 266 -2.91 8.04 -1.84
N LEU B 267 -1.60 8.24 -1.95
CA LEU B 267 -0.68 7.14 -2.18
C LEU B 267 -0.76 6.16 -1.01
N ALA B 268 -0.69 6.69 0.20
CA ALA B 268 -0.79 5.88 1.40
C ALA B 268 -2.10 5.10 1.40
N ALA B 269 -3.20 5.81 1.16
CA ALA B 269 -4.51 5.19 1.15
C ALA B 269 -4.57 4.07 0.13
N PHE B 270 -3.98 4.30 -1.04
CA PHE B 270 -3.93 3.28 -2.08
C PHE B 270 -3.14 2.06 -1.62
N LEU B 271 -1.97 2.32 -1.03
CA LEU B 271 -1.11 1.25 -0.54
C LEU B 271 -1.82 0.42 0.54
N LEU B 272 -2.55 1.09 1.42
CA LEU B 272 -3.21 0.43 2.54
C LEU B 272 -4.37 -0.43 2.08
N GLN B 273 -5.14 0.06 1.11
CA GLN B 273 -6.32 -0.64 0.63
C GLN B 273 -5.96 -1.79 -0.30
N SER B 274 -4.89 -1.62 -1.06
CA SER B 274 -4.45 -2.65 -2.00
C SER B 274 -3.72 -3.78 -1.29
N GLY B 275 -3.14 -3.45 -0.14
CA GLY B 275 -2.39 -4.43 0.64
C GLY B 275 -0.89 -4.31 0.45
N LEU B 276 -0.46 -3.27 -0.25
CA LEU B 276 0.97 -3.04 -0.49
C LEU B 276 1.64 -2.49 0.75
N ALA B 277 0.84 -2.02 1.71
CA ALA B 277 1.37 -1.54 2.98
C ALA B 277 0.34 -1.75 4.08
N THR B 278 0.80 -1.80 5.33
CA THR B 278 -0.09 -1.99 6.48
C THR B 278 0.00 -0.83 7.46
N LYS B 279 1.10 -0.07 7.40
CA LYS B 279 1.25 1.11 8.23
C LYS B 279 2.10 2.16 7.54
N CYS B 280 1.55 3.36 7.39
CA CYS B 280 2.27 4.48 6.79
C CYS B 280 2.56 5.55 7.83
N ILE B 281 3.84 5.86 8.02
CA ILE B 281 4.25 6.87 8.99
C ILE B 281 4.74 8.12 8.28
N PHE B 282 4.14 9.25 8.63
CA PHE B 282 4.47 10.53 8.01
C PHE B 282 5.35 11.37 8.93
N HIS B 283 6.44 11.88 8.38
CA HIS B 283 7.39 12.70 9.14
C HIS B 283 7.28 14.16 8.75
N ALA B 284 6.89 15.00 9.70
CA ALA B 284 6.63 16.40 9.41
C ALA B 284 7.64 17.34 10.08
N LYS B 285 7.60 18.61 9.70
CA LYS B 285 8.44 19.62 10.30
C LYS B 285 7.81 20.14 11.60
N ASP B 286 8.64 20.64 12.51
CA ASP B 286 8.16 21.06 13.82
C ASP B 286 8.06 22.59 13.94
N ILE B 287 8.45 23.30 12.89
CA ILE B 287 8.27 24.75 12.82
C ILE B 287 7.83 25.17 11.42
N PRO B 288 7.24 26.37 11.29
CA PRO B 288 7.03 26.90 9.94
C PRO B 288 8.33 26.87 9.16
N TYR B 289 8.31 26.26 7.98
CA TYR B 289 9.54 25.85 7.31
C TYR B 289 9.36 25.86 5.79
N MET B 290 10.34 26.42 5.09
CA MET B 290 10.31 26.49 3.63
C MET B 290 8.97 27.03 3.11
N VAL B 291 8.40 27.96 3.87
CA VAL B 291 7.09 28.51 3.57
C VAL B 291 6.00 27.47 3.72
N SER B 292 5.97 26.50 2.81
CA SER B 292 4.80 25.63 2.66
C SER B 292 5.01 24.18 3.10
N ASP B 293 6.11 23.87 3.78
CA ASP B 293 6.35 22.50 4.21
C ASP B 293 5.39 22.07 5.32
N VAL B 294 5.08 20.78 5.33
CA VAL B 294 4.07 20.23 6.23
C VAL B 294 4.50 20.27 7.69
N MET B 295 3.58 20.70 8.55
CA MET B 295 3.71 20.54 9.98
C MET B 295 2.59 19.61 10.45
N LEU B 296 2.69 19.11 11.67
CA LEU B 296 1.67 18.20 12.19
C LEU B 296 0.27 18.77 12.00
N LYS B 297 0.09 20.03 12.39
CA LYS B 297 -1.22 20.65 12.37
C LYS B 297 -1.78 20.82 10.96
N ASP B 298 -0.91 20.72 9.95
CA ASP B 298 -1.35 20.89 8.57
C ASP B 298 -2.18 19.69 8.09
N PHE B 299 -2.01 18.55 8.75
CA PHE B 299 -2.80 17.37 8.43
C PHE B 299 -4.24 17.55 8.89
N ASP B 300 -4.42 17.97 10.14
CA ASP B 300 -5.75 18.23 10.68
C ASP B 300 -6.45 19.34 9.90
N ILE B 301 -5.69 20.35 9.50
CA ILE B 301 -6.24 21.46 8.72
C ILE B 301 -6.71 20.97 7.36
N LEU B 302 -5.97 20.03 6.77
CA LEU B 302 -6.34 19.47 5.49
C LEU B 302 -7.70 18.77 5.60
N VAL B 303 -7.83 17.89 6.57
CA VAL B 303 -9.05 17.12 6.75
C VAL B 303 -10.23 18.07 6.98
N HIS B 304 -10.01 19.09 7.80
CA HIS B 304 -11.05 20.09 8.05
C HIS B 304 -11.42 20.81 6.76
N ASP B 305 -10.43 21.12 5.94
CA ASP B 305 -10.67 21.79 4.66
C ASP B 305 -11.56 20.95 3.76
N LEU B 306 -11.34 19.65 3.73
CA LEU B 306 -12.14 18.75 2.91
C LEU B 306 -13.62 18.83 3.30
N ARG B 307 -13.88 19.01 4.59
CA ARG B 307 -15.25 19.05 5.10
C ARG B 307 -15.84 20.46 5.06
N ASP B 308 -15.00 21.47 4.83
CA ASP B 308 -15.46 22.85 4.80
C ASP B 308 -16.02 23.19 3.42
N ARG B 309 -17.32 23.47 3.36
CA ARG B 309 -18.00 23.75 2.10
C ARG B 309 -17.89 25.22 1.72
N GLU B 310 -17.31 26.03 2.62
CA GLU B 310 -17.01 27.42 2.30
C GLU B 310 -15.60 27.48 1.70
N PHE B 311 -14.76 26.55 2.11
CA PHE B 311 -13.40 26.45 1.60
C PHE B 311 -13.41 25.74 0.24
N PHE B 312 -13.93 24.52 0.22
CA PHE B 312 -14.15 23.79 -1.02
C PHE B 312 -15.65 23.77 -1.35
N PRO B 313 -16.11 24.70 -2.21
CA PRO B 313 -17.55 24.78 -2.44
C PRO B 313 -18.06 23.69 -3.38
N SER B 314 -18.51 22.57 -2.81
CA SER B 314 -19.08 21.49 -3.58
C SER B 314 -20.59 21.38 -3.38
N GLY B 315 -21.17 22.39 -2.73
CA GLY B 315 -22.62 22.47 -2.59
C GLY B 315 -23.14 21.73 -1.38
N GLU B 316 -24.40 21.30 -1.45
CA GLU B 316 -25.03 20.58 -0.36
C GLU B 316 -24.37 19.21 -0.16
N PRO B 317 -24.49 18.64 1.05
CA PRO B 317 -23.83 17.37 1.37
C PRO B 317 -24.18 16.20 0.44
N SER B 318 -25.33 16.28 -0.23
CA SER B 318 -25.83 15.17 -1.04
C SER B 318 -25.11 15.03 -2.37
N THR B 319 -24.50 16.11 -2.85
CA THR B 319 -23.81 16.10 -4.14
C THR B 319 -22.73 15.03 -4.20
N LYS B 320 -22.41 14.58 -5.41
CA LYS B 320 -21.38 13.55 -5.59
C LYS B 320 -20.02 14.09 -5.17
N GLU B 321 -19.78 15.38 -5.44
CA GLU B 321 -18.52 16.02 -5.08
C GLU B 321 -18.37 16.09 -3.57
N SER B 322 -19.43 16.52 -2.89
CA SER B 322 -19.41 16.61 -1.44
C SER B 322 -19.20 15.24 -0.79
N ARG B 323 -19.93 14.25 -1.27
CA ARG B 323 -19.86 12.90 -0.71
C ARG B 323 -18.44 12.34 -0.82
N ALA B 324 -17.79 12.59 -1.96
CA ALA B 324 -16.45 12.08 -2.19
C ALA B 324 -15.45 12.68 -1.20
N LEU B 325 -15.51 13.99 -1.03
CA LEU B 325 -14.62 14.66 -0.09
C LEU B 325 -14.83 14.17 1.33
N ASP B 326 -16.09 14.03 1.73
CA ASP B 326 -16.42 13.56 3.07
C ASP B 326 -15.94 12.12 3.26
N LEU B 327 -16.07 11.30 2.22
CA LEU B 327 -15.60 9.92 2.26
C LEU B 327 -14.12 9.89 2.61
N PHE B 328 -13.31 10.58 1.81
CA PHE B 328 -11.87 10.54 1.98
C PHE B 328 -11.46 11.09 3.34
N ALA B 329 -12.08 12.20 3.73
CA ALA B 329 -11.84 12.78 5.05
C ALA B 329 -12.08 11.74 6.14
N GLY B 330 -13.17 10.99 6.00
CA GLY B 330 -13.50 9.94 6.94
C GLY B 330 -12.52 8.79 6.89
N GLU B 331 -11.95 8.55 5.71
CA GLU B 331 -10.96 7.50 5.53
C GLU B 331 -9.65 7.86 6.22
N MET B 332 -9.37 9.16 6.30
CA MET B 332 -8.16 9.63 6.96
C MET B 332 -8.25 9.42 8.47
N GLU B 333 -9.40 9.81 9.04
CA GLU B 333 -9.64 9.63 10.46
C GLU B 333 -9.60 8.16 10.84
N LYS B 334 -10.23 7.33 10.02
CA LYS B 334 -10.30 5.90 10.29
C LYS B 334 -8.90 5.28 10.32
N PHE B 335 -8.05 5.69 9.38
CA PHE B 335 -6.69 5.17 9.30
C PHE B 335 -5.86 5.61 10.51
N VAL B 336 -6.11 6.82 11.01
CA VAL B 336 -5.41 7.31 12.19
C VAL B 336 -5.91 6.55 13.42
N SER B 337 -7.22 6.36 13.52
CA SER B 337 -7.81 5.66 14.66
C SER B 337 -7.27 4.24 14.77
N SER B 338 -7.14 3.57 13.64
CA SER B 338 -6.70 2.19 13.61
C SER B 338 -5.18 2.07 13.61
N GLY B 339 -4.50 3.21 13.58
CA GLY B 339 -3.05 3.23 13.65
C GLY B 339 -2.38 2.85 12.34
N LYS B 340 -3.11 2.97 11.24
CA LYS B 340 -2.57 2.65 9.92
C LYS B 340 -1.87 3.85 9.31
N ILE B 341 -2.27 5.04 9.75
CA ILE B 341 -1.55 6.26 9.42
C ILE B 341 -1.13 6.95 10.70
N GLU B 342 0.15 7.31 10.77
CA GLU B 342 0.69 7.99 11.94
C GLU B 342 1.56 9.15 11.50
N PHE B 343 1.34 10.31 12.11
CA PHE B 343 2.16 11.49 11.83
C PHE B 343 3.15 11.73 12.96
N ARG B 344 4.35 12.19 12.59
CA ARG B 344 5.39 12.45 13.55
C ARG B 344 6.13 13.73 13.20
N GLU B 345 6.82 14.30 14.18
CA GLU B 345 7.69 15.43 13.96
C GLU B 345 8.97 15.22 14.74
N ASP B 346 10.08 15.73 14.19
CA ASP B 346 11.37 15.64 14.85
C ASP B 346 12.16 16.89 14.52
N SER B 347 12.88 17.42 15.50
CA SER B 347 13.66 18.63 15.31
C SER B 347 14.73 18.42 14.25
N PHE B 348 15.16 17.18 14.07
CA PHE B 348 16.22 16.87 13.12
C PHE B 348 15.89 17.37 11.72
N TRP B 349 14.66 17.18 11.29
CA TRP B 349 14.26 17.55 9.93
C TRP B 349 14.39 19.04 9.67
N THR B 350 14.48 19.83 10.74
CA THR B 350 14.56 21.29 10.61
C THR B 350 15.94 21.82 11.00
N THR B 351 16.90 20.92 11.17
CA THR B 351 18.29 21.33 11.34
C THR B 351 18.95 21.48 9.98
N GLU B 352 20.21 21.92 9.96
CA GLU B 352 20.93 22.11 8.71
C GLU B 352 21.55 20.82 8.20
N LEU B 353 21.58 19.80 9.07
CA LEU B 353 22.30 18.56 8.77
C LEU B 353 21.73 17.86 7.53
N ASP B 354 22.63 17.39 6.67
CA ASP B 354 22.21 16.59 5.52
C ASP B 354 21.89 15.18 6.00
N TYR B 355 21.38 14.34 5.10
CA TYR B 355 20.94 13.02 5.51
C TYR B 355 22.07 11.99 5.44
N TRP B 356 23.29 12.47 5.23
CA TRP B 356 24.47 11.64 5.50
C TRP B 356 24.60 11.47 7.02
N ASN B 357 23.90 12.33 7.76
CA ASN B 357 23.88 12.27 9.21
C ASN B 357 22.82 11.32 9.74
N LEU B 358 22.07 10.70 8.83
CA LEU B 358 21.16 9.62 9.21
C LEU B 358 21.98 8.35 9.39
N ASP B 359 22.92 8.41 10.33
CA ASP B 359 23.85 7.32 10.58
C ASP B 359 24.05 7.19 12.09
N ALA B 360 24.58 6.06 12.52
CA ALA B 360 24.71 5.77 13.95
C ALA B 360 25.64 6.73 14.67
N ASN B 361 26.56 7.35 13.93
CA ASN B 361 27.59 8.18 14.56
C ASN B 361 27.14 9.61 14.85
N GLU B 362 25.88 9.92 14.55
CA GLU B 362 25.34 11.24 14.87
C GLU B 362 24.41 11.15 16.07
N THR B 363 24.96 11.39 17.25
CA THR B 363 24.25 11.14 18.50
C THR B 363 23.84 12.42 19.23
N LYS B 364 23.95 13.56 18.55
CA LYS B 364 23.65 14.84 19.17
C LYS B 364 22.26 15.36 18.81
N TYR B 365 21.84 15.12 17.58
CA TYR B 365 20.62 15.76 17.06
C TYR B 365 19.63 14.77 16.45
N HIS B 366 19.49 13.62 17.10
CA HIS B 366 18.47 12.63 16.76
C HIS B 366 18.77 11.87 15.47
N GLY B 367 19.88 12.19 14.82
CA GLY B 367 20.25 11.54 13.58
C GLY B 367 20.32 10.04 13.73
N SER B 368 20.92 9.59 14.82
CA SER B 368 21.07 8.16 15.08
C SER B 368 19.72 7.52 15.46
N ILE B 369 18.88 8.29 16.15
CA ILE B 369 17.57 7.80 16.54
C ILE B 369 16.73 7.47 15.31
N LEU B 370 16.60 8.45 14.42
CA LEU B 370 15.80 8.29 13.22
C LEU B 370 16.35 7.18 12.32
N HIS B 371 17.67 7.11 12.19
CA HIS B 371 18.30 6.07 11.39
C HIS B 371 17.91 4.69 11.90
N LYS B 372 18.03 4.50 13.22
CA LYS B 372 17.68 3.22 13.84
C LYS B 372 16.22 2.90 13.59
N ASP B 373 15.37 3.94 13.60
CA ASP B 373 13.95 3.75 13.41
C ASP B 373 13.58 3.56 11.94
N LEU B 374 14.36 4.18 11.05
CA LEU B 374 14.10 4.09 9.63
C LEU B 374 14.56 2.75 9.04
N GLN B 375 15.42 2.05 9.77
CA GLN B 375 15.85 0.71 9.36
C GLN B 375 14.68 -0.26 9.36
N LYS B 376 13.69 0.00 10.22
CA LYS B 376 12.53 -0.86 10.34
C LYS B 376 11.58 -0.70 9.15
N SER B 377 11.81 0.34 8.36
CA SER B 377 10.93 0.64 7.23
C SER B 377 11.23 -0.25 6.03
N ASN B 378 10.17 -0.74 5.40
CA ASN B 378 10.32 -1.51 4.18
C ASN B 378 10.66 -0.59 3.01
N LEU B 379 10.19 0.64 3.09
CA LEU B 379 10.48 1.64 2.08
C LEU B 379 10.29 3.05 2.63
N VAL B 380 11.33 3.87 2.53
CA VAL B 380 11.26 5.26 2.97
C VAL B 380 11.17 6.18 1.76
N ILE B 381 10.07 6.90 1.64
CA ILE B 381 9.86 7.78 0.51
C ILE B 381 10.24 9.22 0.85
N PHE B 382 11.30 9.72 0.22
CA PHE B 382 11.74 11.09 0.41
C PHE B 382 11.11 12.01 -0.62
N LYS B 383 10.28 12.93 -0.15
CA LYS B 383 9.53 13.81 -1.05
C LYS B 383 10.18 15.18 -1.22
N GLY B 384 10.27 15.61 -2.48
CA GLY B 384 10.61 17.00 -2.77
C GLY B 384 12.08 17.28 -3.03
N ASP B 385 12.35 18.54 -3.35
CA ASP B 385 13.69 18.97 -3.76
C ASP B 385 14.63 19.12 -2.58
N LEU B 386 14.14 19.71 -1.49
CA LEU B 386 14.99 19.91 -0.32
C LEU B 386 15.47 18.58 0.24
N ASN B 387 14.54 17.64 0.38
CA ASN B 387 14.88 16.30 0.86
C ASN B 387 15.91 15.64 -0.05
N TYR B 388 15.80 15.91 -1.34
CA TYR B 388 16.76 15.41 -2.32
C TYR B 388 18.12 16.06 -2.12
N ARG B 389 18.12 17.35 -1.81
CA ARG B 389 19.36 18.09 -1.60
C ARG B 389 20.06 17.63 -0.33
N LYS B 390 19.28 17.26 0.68
CA LYS B 390 19.82 16.77 1.94
C LYS B 390 20.36 15.35 1.76
N LEU B 391 19.74 14.58 0.87
CA LEU B 391 20.22 13.24 0.56
C LEU B 391 21.58 13.29 -0.12
N THR B 392 21.75 14.24 -1.04
CA THR B 392 22.97 14.32 -1.84
C THR B 392 23.96 15.32 -1.27
N GLY B 393 23.68 15.83 -0.07
CA GLY B 393 24.56 16.78 0.58
C GLY B 393 24.60 18.14 -0.10
N ASP B 394 23.76 18.33 -1.11
CA ASP B 394 23.71 19.57 -1.86
C ASP B 394 25.09 19.92 -2.41
N ARG B 395 25.81 18.91 -2.88
CA ARG B 395 27.19 19.08 -3.31
C ARG B 395 27.33 19.14 -4.83
N LYS B 396 28.43 19.73 -5.28
CA LYS B 396 28.66 19.92 -6.71
C LYS B 396 29.16 18.64 -7.36
N TRP B 397 28.32 17.61 -7.34
CA TRP B 397 28.65 16.34 -7.96
C TRP B 397 28.67 16.47 -9.48
N PRO B 398 29.63 15.80 -10.14
CA PRO B 398 29.41 15.62 -11.58
C PRO B 398 28.04 14.98 -11.80
N ARG B 399 27.30 15.45 -12.79
CA ARG B 399 25.90 15.06 -12.94
C ARG B 399 25.73 13.60 -13.39
N THR B 400 26.83 12.95 -13.72
CA THR B 400 26.78 11.53 -14.09
C THR B 400 27.05 10.63 -12.89
N THR B 401 27.37 11.25 -11.75
CA THR B 401 27.70 10.52 -10.53
C THR B 401 26.66 9.46 -10.19
N LYS B 402 27.12 8.27 -9.82
CA LYS B 402 26.23 7.20 -9.39
C LYS B 402 25.42 7.61 -8.16
N TRP B 403 24.15 7.23 -8.13
CA TRP B 403 23.25 7.60 -7.06
C TRP B 403 23.74 7.10 -5.70
N GLU B 404 24.22 5.87 -5.66
CA GLU B 404 24.71 5.28 -4.42
C GLU B 404 25.88 6.08 -3.85
N THR B 405 26.66 6.70 -4.75
CA THR B 405 27.84 7.45 -4.35
C THR B 405 27.46 8.78 -3.69
N ALA B 406 26.45 9.45 -4.24
CA ALA B 406 26.10 10.79 -3.81
C ALA B 406 25.32 10.82 -2.50
N ILE B 407 24.76 9.69 -2.09
CA ILE B 407 23.97 9.64 -0.86
C ILE B 407 24.82 9.22 0.34
N GLY B 408 26.08 8.89 0.10
CA GLY B 408 27.00 8.55 1.18
C GLY B 408 26.55 7.33 1.99
N PRO B 409 26.55 7.45 3.33
CA PRO B 409 26.23 6.30 4.18
C PRO B 409 24.85 5.68 3.93
N LEU B 410 23.92 6.44 3.34
CA LEU B 410 22.57 5.96 3.10
C LEU B 410 22.55 4.79 2.12
N ALA B 411 23.65 4.58 1.42
CA ALA B 411 23.75 3.50 0.44
C ALA B 411 24.00 2.16 1.11
N THR B 412 24.41 2.18 2.38
CA THR B 412 24.86 0.96 3.05
C THR B 412 24.35 0.80 4.48
N ASN B 413 23.93 1.89 5.11
CA ASN B 413 23.57 1.84 6.53
C ASN B 413 22.16 1.30 6.78
N GLY B 414 21.64 0.55 5.82
CA GLY B 414 20.45 -0.25 6.05
C GLY B 414 19.12 0.48 5.94
N ILE B 415 19.05 1.49 5.08
CA ILE B 415 17.80 2.18 4.83
C ILE B 415 17.37 2.02 3.37
N THR B 416 16.18 1.48 3.17
CA THR B 416 15.59 1.39 1.85
C THR B 416 14.89 2.71 1.53
N SER B 417 15.39 3.41 0.51
CA SER B 417 14.92 4.76 0.22
C SER B 417 14.50 4.95 -1.23
N LEU B 418 13.43 5.73 -1.42
CA LEU B 418 12.99 6.15 -2.74
C LEU B 418 12.82 7.66 -2.73
N SER B 419 13.48 8.34 -3.67
CA SER B 419 13.40 9.79 -3.76
C SER B 419 12.53 10.24 -4.92
N LEU B 420 11.39 10.83 -4.60
CA LEU B 420 10.51 11.42 -5.61
C LEU B 420 10.78 12.92 -5.68
N ARG B 421 11.62 13.33 -6.61
CA ARG B 421 12.06 14.72 -6.67
C ARG B 421 11.68 15.43 -7.97
N THR B 422 11.03 16.57 -7.83
CA THR B 422 10.89 17.53 -8.92
C THR B 422 12.13 18.41 -8.92
N CYS B 423 12.84 18.44 -10.05
CA CYS B 423 14.13 19.12 -10.14
C CYS B 423 14.01 20.63 -10.05
N LYS B 424 14.46 21.19 -8.93
CA LYS B 424 14.34 22.63 -8.68
C LYS B 424 15.58 23.19 -8.01
N ALA B 425 16.73 22.54 -8.22
CA ALA B 425 18.00 23.03 -7.66
C ALA B 425 19.18 22.58 -8.52
N ASP B 426 20.31 23.29 -8.40
CA ASP B 426 21.48 23.05 -9.24
C ASP B 426 22.01 21.63 -9.10
N VAL B 427 21.83 21.02 -7.94
CA VAL B 427 22.35 19.68 -7.69
C VAL B 427 21.61 18.66 -8.54
N GLN B 428 22.37 17.71 -9.11
CA GLN B 428 21.79 16.67 -9.93
C GLN B 428 22.79 15.53 -10.11
N VAL B 429 22.31 14.29 -10.00
CA VAL B 429 23.18 13.12 -10.11
C VAL B 429 22.49 11.96 -10.82
N ALA B 430 23.26 10.90 -11.07
CA ALA B 430 22.74 9.65 -11.62
C ALA B 430 22.16 9.80 -13.02
N LEU B 431 22.63 10.81 -13.76
CA LEU B 431 22.21 10.96 -15.15
C LEU B 431 23.03 10.07 -16.07
N PRO B 432 22.39 9.44 -17.06
CA PRO B 432 23.19 8.72 -18.06
C PRO B 432 24.01 9.68 -18.90
N GLU B 433 25.09 9.20 -19.51
CA GLU B 433 25.95 10.05 -20.31
C GLU B 433 25.19 10.71 -21.45
N GLY B 434 25.44 12.00 -21.66
CA GLY B 434 24.86 12.71 -22.79
C GLY B 434 23.51 13.35 -22.50
N LEU B 435 22.81 12.83 -21.49
CA LEU B 435 21.47 13.32 -21.20
C LEU B 435 21.49 14.74 -20.64
N ASP B 436 22.54 15.08 -19.89
CA ASP B 436 22.68 16.42 -19.35
C ASP B 436 22.84 17.43 -20.49
N ALA B 437 23.54 17.01 -21.55
CA ALA B 437 23.76 17.87 -22.71
C ALA B 437 22.47 18.08 -23.48
N LYS B 438 21.71 16.99 -23.67
CA LYS B 438 20.47 17.06 -24.44
C LYS B 438 19.46 17.98 -23.77
N LEU B 439 19.16 17.70 -22.51
CA LEU B 439 18.18 18.49 -21.77
C LEU B 439 18.61 19.95 -21.67
N SER B 440 19.91 20.18 -21.57
CA SER B 440 20.44 21.54 -21.50
C SER B 440 20.16 22.27 -22.81
N GLN B 441 20.28 21.54 -23.92
CA GLN B 441 19.98 22.09 -25.24
C GLN B 441 18.51 22.45 -25.36
N GLU B 442 17.65 21.60 -24.80
CA GLU B 442 16.22 21.84 -24.81
C GLU B 442 15.86 23.10 -24.04
N TRP B 443 16.31 23.15 -22.78
CA TRP B 443 16.00 24.27 -21.89
C TRP B 443 16.70 25.55 -22.33
N GLU B 444 17.71 25.41 -23.19
CA GLU B 444 18.46 26.54 -23.71
C GLU B 444 17.53 27.57 -24.36
N LYS B 445 16.43 27.08 -24.91
CA LYS B 445 15.45 27.95 -25.57
C LYS B 445 14.75 28.85 -24.56
N GLU B 446 14.36 28.28 -23.42
CA GLU B 446 13.66 29.04 -22.38
C GLU B 446 14.61 29.93 -21.58
N ASN B 447 15.80 29.42 -21.28
CA ASN B 447 16.80 30.16 -20.51
C ASN B 447 18.14 30.23 -21.23
N PRO B 448 18.25 31.11 -22.24
CA PRO B 448 19.44 31.19 -23.10
C PRO B 448 20.73 31.40 -22.31
N GLY B 449 21.74 30.59 -22.59
CA GLY B 449 23.03 30.69 -21.92
C GLY B 449 23.07 29.91 -20.63
N ARG B 450 21.94 29.37 -20.21
CA ARG B 450 21.84 28.65 -18.94
C ARG B 450 21.10 27.34 -19.09
N GLY B 451 21.32 26.65 -20.21
CA GLY B 451 20.68 25.37 -20.46
C GLY B 451 20.81 24.42 -19.29
N SER B 452 21.94 24.52 -18.58
CA SER B 452 22.21 23.65 -17.44
C SER B 452 21.19 23.84 -16.32
N TRP B 453 20.46 24.95 -16.34
CA TRP B 453 19.46 25.23 -15.32
C TRP B 453 18.15 24.44 -15.51
N TRP B 454 18.13 23.51 -16.44
CA TRP B 454 16.93 22.73 -16.70
C TRP B 454 16.46 22.02 -15.45
N CYS B 455 17.41 21.59 -14.62
CA CYS B 455 17.09 20.88 -13.40
C CYS B 455 16.76 21.83 -12.25
N CYS B 456 16.54 23.10 -12.58
CA CYS B 456 16.11 24.09 -11.59
C CYS B 456 14.75 24.67 -11.94
N SER B 457 14.15 24.15 -13.02
CA SER B 457 12.92 24.71 -13.56
C SER B 457 11.67 24.01 -13.02
N GLY B 458 11.83 22.79 -12.52
CA GLY B 458 10.71 22.03 -12.02
C GLY B 458 9.95 21.32 -13.12
N LYS B 459 10.42 21.49 -14.36
CA LYS B 459 9.76 20.88 -15.52
C LYS B 459 10.06 19.39 -15.61
N TRP B 460 11.25 19.00 -15.15
CA TRP B 460 11.64 17.60 -15.14
C TRP B 460 11.65 17.03 -13.72
N ALA B 461 11.79 15.72 -13.61
CA ALA B 461 11.78 15.05 -12.31
C ALA B 461 12.60 13.77 -12.34
N VAL B 462 12.92 13.24 -11.17
CA VAL B 462 13.68 12.00 -11.06
C VAL B 462 13.15 11.12 -9.93
N ILE B 463 13.22 9.81 -10.13
CA ILE B 463 12.82 8.85 -9.11
C ILE B 463 13.98 7.88 -8.89
N CYS B 464 14.65 8.02 -7.74
CA CYS B 464 15.86 7.26 -7.46
C CYS B 464 15.69 6.32 -6.28
N PHE B 465 16.15 5.09 -6.43
CA PHE B 465 15.98 4.05 -5.43
C PHE B 465 17.31 3.52 -4.91
N CYS B 466 17.33 3.12 -3.64
CA CYS B 466 18.50 2.48 -3.06
C CYS B 466 18.08 1.54 -1.93
N SER B 467 18.52 0.29 -2.03
CA SER B 467 18.15 -0.74 -1.06
C SER B 467 18.68 -0.43 0.35
N GLY B 468 19.90 0.11 0.40
CA GLY B 468 20.56 0.39 1.66
C GLY B 468 21.66 -0.62 1.93
N ILE B 469 22.00 -1.40 0.91
CA ILE B 469 23.06 -2.40 1.00
C ILE B 469 23.72 -2.61 -0.36
N ILE C 4 -21.35 -5.66 37.17
CA ILE C 4 -20.23 -4.73 37.24
C ILE C 4 -20.41 -3.76 38.41
N PRO C 5 -19.56 -3.88 39.44
CA PRO C 5 -19.64 -2.94 40.57
C PRO C 5 -19.43 -1.50 40.13
N GLY C 6 -20.01 -0.55 40.87
CA GLY C 6 -19.87 0.86 40.54
C GLY C 6 -18.51 1.40 40.95
N ARG C 7 -18.21 2.62 40.52
CA ARG C 7 -16.94 3.25 40.85
C ARG C 7 -16.99 3.87 42.24
N PHE C 8 -15.82 4.04 42.85
CA PHE C 8 -15.73 4.67 44.15
C PHE C 8 -16.15 6.13 44.08
N MET C 9 -16.95 6.55 45.05
CA MET C 9 -17.50 7.90 45.07
C MET C 9 -16.89 8.70 46.21
N THR C 10 -17.03 10.02 46.13
CA THR C 10 -16.54 10.91 47.18
C THR C 10 -17.50 10.92 48.37
N ILE C 11 -18.67 10.29 48.21
CA ILE C 11 -19.66 10.20 49.30
C ILE C 11 -19.69 8.80 49.89
N ASP C 12 -18.87 7.89 49.37
CA ASP C 12 -18.79 6.56 49.94
C ASP C 12 -18.26 6.67 51.37
N LYS C 13 -19.18 6.61 52.32
CA LYS C 13 -18.84 6.83 53.73
C LYS C 13 -17.83 5.82 54.23
N GLY C 14 -16.81 6.32 54.94
CA GLY C 14 -15.81 5.45 55.55
C GLY C 14 -14.67 5.11 54.63
N THR C 15 -14.72 5.56 53.38
CA THR C 15 -13.67 5.26 52.42
C THR C 15 -12.54 6.27 52.51
N PHE C 16 -11.35 5.83 52.12
CA PHE C 16 -10.18 6.71 52.05
C PHE C 16 -10.40 7.78 50.98
N GLY C 17 -11.19 7.43 49.97
CA GLY C 17 -11.49 8.37 48.89
C GLY C 17 -12.31 9.55 49.38
N GLU C 18 -13.25 9.29 50.28
CA GLU C 18 -14.07 10.34 50.86
C GLU C 18 -13.20 11.34 51.61
N TYR C 19 -12.31 10.82 52.45
CA TYR C 19 -11.40 11.65 53.22
C TYR C 19 -10.50 12.47 52.30
N THR C 20 -9.98 11.82 51.26
CA THR C 20 -9.07 12.47 50.32
C THR C 20 -9.73 13.68 49.65
N ALA C 21 -10.91 13.46 49.08
CA ALA C 21 -11.60 14.49 48.31
C ALA C 21 -12.00 15.68 49.19
N SER C 22 -12.15 15.46 50.48
CA SER C 22 -12.61 16.51 51.39
C SER C 22 -11.46 17.14 52.18
N THR C 23 -10.30 16.51 52.17
CA THR C 23 -9.19 16.96 53.00
C THR C 23 -7.92 17.20 52.20
N ARG C 24 -7.51 16.22 51.41
CA ARG C 24 -6.24 16.29 50.70
C ARG C 24 -6.26 17.27 49.54
N TRP C 25 -7.37 17.28 48.80
CA TRP C 25 -7.44 18.06 47.56
C TRP C 25 -7.40 19.57 47.82
N PRO C 26 -8.16 20.06 48.81
CA PRO C 26 -8.03 21.47 49.15
C PRO C 26 -6.60 21.88 49.49
N ILE C 27 -5.88 21.00 50.18
CA ILE C 27 -4.49 21.26 50.56
C ILE C 27 -3.61 21.35 49.33
N ILE C 28 -3.82 20.45 48.37
CA ILE C 28 -3.03 20.43 47.15
C ILE C 28 -3.19 21.75 46.39
N ILE C 29 -4.40 22.29 46.37
CA ILE C 29 -4.64 23.55 45.70
C ILE C 29 -3.95 24.69 46.44
N GLN C 30 -3.94 24.61 47.76
CA GLN C 30 -3.31 25.64 48.57
C GLN C 30 -1.79 25.61 48.40
N ASN C 31 -1.24 24.40 48.30
CA ASN C 31 0.19 24.24 48.02
C ASN C 31 0.55 24.92 46.71
N ALA C 32 -0.34 24.83 45.73
CA ALA C 32 -0.12 25.46 44.44
C ALA C 32 -0.06 26.98 44.59
N ILE C 33 -1.05 27.55 45.26
CA ILE C 33 -1.09 28.99 45.50
C ILE C 33 0.17 29.44 46.21
N ASP C 34 0.63 28.64 47.17
CA ASP C 34 1.82 28.97 47.93
C ASP C 34 3.07 28.89 47.07
N ASP C 35 3.24 27.78 46.36
CA ASP C 35 4.40 27.60 45.49
C ASP C 35 4.45 28.68 44.42
N LEU C 36 3.29 29.09 43.94
CA LEU C 36 3.19 30.16 42.95
C LEU C 36 3.67 31.48 43.55
N SER C 37 3.26 31.75 44.79
CA SER C 37 3.67 32.96 45.48
C SER C 37 5.17 32.97 45.72
N LYS C 38 5.71 31.86 46.20
CA LYS C 38 7.13 31.72 46.43
C LYS C 38 7.91 31.92 45.12
N HIS C 39 7.26 31.57 44.02
CA HIS C 39 7.87 31.73 42.69
C HIS C 39 7.88 33.19 42.26
N GLN C 40 6.84 33.92 42.66
CA GLN C 40 6.71 35.33 42.27
C GLN C 40 7.61 36.23 43.12
N GLU C 41 8.11 35.68 44.23
CA GLU C 41 9.08 36.40 45.06
C GLU C 41 10.44 36.39 44.38
N THR C 42 10.62 35.46 43.45
CA THR C 42 11.86 35.35 42.69
C THR C 42 11.74 36.08 41.34
N GLU C 43 10.76 36.96 41.24
CA GLU C 43 10.49 37.68 39.99
C GLU C 43 10.88 39.15 40.09
N GLY C 47 5.07 44.08 35.53
CA GLY C 47 5.35 42.97 34.64
C GLY C 47 4.07 42.24 34.22
N THR C 48 3.95 41.97 32.93
CA THR C 48 2.80 41.24 32.41
C THR C 48 2.74 39.84 33.03
N LYS C 49 3.90 39.21 33.15
CA LYS C 49 3.97 37.88 33.75
C LYS C 49 3.51 37.91 35.20
N PHE C 50 3.82 39.01 35.89
CA PHE C 50 3.46 39.14 37.30
C PHE C 50 1.96 39.37 37.47
N GLU C 51 1.39 40.22 36.61
CA GLU C 51 -0.04 40.50 36.66
C GLU C 51 -0.85 39.24 36.41
N GLN C 52 -0.37 38.41 35.48
CA GLN C 52 -1.05 37.17 35.14
C GLN C 52 -0.93 36.14 36.27
N GLY C 53 0.23 36.12 36.93
CA GLY C 53 0.45 35.20 38.03
C GLY C 53 -0.51 35.44 39.17
N GLU C 54 -0.88 36.70 39.38
CA GLU C 54 -1.81 37.06 40.44
C GLU C 54 -3.23 36.61 40.09
N VAL C 55 -3.58 36.71 38.81
CA VAL C 55 -4.89 36.26 38.36
C VAL C 55 -5.06 34.78 38.66
N ILE C 56 -4.00 34.00 38.45
CA ILE C 56 -4.02 32.57 38.71
C ILE C 56 -4.13 32.31 40.21
N LYS C 57 -3.34 33.04 41.00
CA LYS C 57 -3.38 32.89 42.45
C LYS C 57 -4.80 33.13 42.96
N LYS C 58 -5.46 34.12 42.39
CA LYS C 58 -6.83 34.45 42.78
C LYS C 58 -7.79 33.37 42.29
N GLU C 59 -7.56 32.87 41.08
CA GLU C 59 -8.42 31.84 40.50
C GLU C 59 -8.21 30.49 41.18
N LEU C 60 -7.01 30.26 41.71
CA LEU C 60 -6.74 29.05 42.47
C LEU C 60 -7.42 29.12 43.84
N LYS C 61 -7.50 30.32 44.40
CA LYS C 61 -8.17 30.53 45.68
C LYS C 61 -9.66 30.25 45.55
N GLU C 62 -10.26 30.79 44.49
CA GLU C 62 -11.68 30.59 44.24
C GLU C 62 -12.00 29.13 43.95
N PHE C 63 -11.11 28.48 43.21
CA PHE C 63 -11.30 27.08 42.85
C PHE C 63 -11.20 26.19 44.08
N ARG C 64 -10.32 26.55 45.00
CA ARG C 64 -10.17 25.81 46.25
C ARG C 64 -11.46 25.90 47.06
N GLN C 65 -12.08 27.07 47.05
CA GLN C 65 -13.33 27.28 47.76
C GLN C 65 -14.46 26.52 47.08
N GLU C 66 -14.38 26.38 45.76
CA GLU C 66 -15.38 25.63 45.00
C GLU C 66 -15.41 24.18 45.48
N ILE C 67 -14.23 23.62 45.73
CA ILE C 67 -14.13 22.23 46.18
C ILE C 67 -14.66 22.11 47.61
N ILE C 68 -14.32 23.08 48.45
CA ILE C 68 -14.76 23.07 49.84
C ILE C 68 -16.27 23.24 49.92
N ASP C 69 -16.82 24.10 49.06
CA ASP C 69 -18.25 24.38 49.06
C ASP C 69 -19.03 23.29 48.31
N ARG C 70 -18.31 22.32 47.76
CA ARG C 70 -18.92 21.20 47.07
C ARG C 70 -19.90 21.65 45.99
N VAL C 71 -19.45 22.57 45.14
CA VAL C 71 -20.28 23.07 44.06
C VAL C 71 -20.31 22.06 42.91
N PRO C 72 -21.38 22.08 42.09
CA PRO C 72 -21.42 21.24 40.89
C PRO C 72 -20.20 21.44 39.98
N LEU C 73 -19.65 20.34 39.47
CA LEU C 73 -18.55 20.42 38.52
C LEU C 73 -19.07 20.92 37.17
N ARG C 74 -18.57 22.07 36.73
CA ARG C 74 -19.04 22.68 35.50
C ARG C 74 -18.31 22.16 34.27
N PRO C 75 -18.95 22.23 33.10
CA PRO C 75 -18.23 21.88 31.86
C PRO C 75 -17.15 22.91 31.55
N PHE C 76 -16.27 22.58 30.60
CA PHE C 76 -15.31 23.55 30.09
C PHE C 76 -15.93 24.34 28.95
N THR C 77 -15.68 25.65 28.93
CA THR C 77 -16.21 26.50 27.88
C THR C 77 -15.45 26.30 26.58
N GLU C 78 -16.01 26.76 25.47
CA GLU C 78 -15.36 26.66 24.17
C GLU C 78 -13.99 27.31 24.20
N GLU C 79 -13.85 28.39 24.95
CA GLU C 79 -12.60 29.13 25.03
C GLU C 79 -11.53 28.33 25.77
N GLU C 80 -11.91 27.74 26.90
CA GLU C 80 -10.97 26.95 27.69
C GLU C 80 -10.47 25.75 26.89
N ILE C 81 -11.37 25.14 26.13
CA ILE C 81 -11.02 23.97 25.32
C ILE C 81 -10.02 24.33 24.23
N LYS C 82 -10.25 25.45 23.56
CA LYS C 82 -9.38 25.88 22.47
C LYS C 82 -7.99 26.26 22.99
N ILE C 83 -7.97 27.11 24.02
CA ILE C 83 -6.71 27.67 24.52
C ILE C 83 -5.87 26.63 25.26
N ALA C 84 -6.52 25.66 25.89
CA ALA C 84 -5.80 24.69 26.72
C ALA C 84 -5.77 23.30 26.08
N ASN C 85 -6.31 23.17 24.87
CA ASN C 85 -6.35 21.90 24.17
C ASN C 85 -6.94 20.79 25.04
N VAL C 86 -8.08 21.09 25.67
CA VAL C 86 -8.71 20.15 26.59
C VAL C 86 -9.42 19.04 25.82
N PRO C 87 -9.17 17.77 26.20
CA PRO C 87 -9.92 16.69 25.56
C PRO C 87 -11.42 16.87 25.74
N LEU C 88 -12.20 16.51 24.73
CA LEU C 88 -13.65 16.68 24.78
C LEU C 88 -14.33 15.57 25.60
N SER C 89 -13.54 14.60 26.04
CA SER C 89 -14.07 13.49 26.84
C SER C 89 -14.65 13.98 28.16
N PHE C 90 -14.08 15.04 28.71
CA PHE C 90 -14.52 15.57 30.00
C PHE C 90 -15.95 16.09 29.95
N ASN C 91 -16.25 16.93 28.96
CA ASN C 91 -17.58 17.52 28.84
C ASN C 91 -18.64 16.47 28.51
N GLU C 92 -18.25 15.43 27.77
CA GLU C 92 -19.15 14.33 27.49
C GLU C 92 -19.56 13.62 28.76
N TYR C 93 -18.59 13.33 29.61
CA TYR C 93 -18.84 12.69 30.90
C TYR C 93 -19.87 13.46 31.70
N LEU C 94 -19.68 14.78 31.79
CA LEU C 94 -20.55 15.63 32.59
C LEU C 94 -21.98 15.64 32.05
N LYS C 95 -22.12 15.45 30.73
CA LYS C 95 -23.44 15.35 30.13
C LYS C 95 -24.15 14.09 30.61
N LYS C 96 -23.39 13.02 30.80
CA LYS C 96 -23.95 11.76 31.26
C LYS C 96 -24.13 11.73 32.78
N HIS C 97 -23.42 12.62 33.47
CA HIS C 97 -23.48 12.69 34.93
C HIS C 97 -23.87 14.09 35.40
N PRO C 98 -25.12 14.49 35.13
CA PRO C 98 -25.59 15.84 35.48
C PRO C 98 -25.64 16.11 36.98
N GLU C 99 -25.40 17.37 37.36
CA GLU C 99 -25.58 17.81 38.73
C GLU C 99 -24.60 17.20 39.72
N VAL C 100 -23.54 16.58 39.22
CA VAL C 100 -22.52 16.01 40.12
C VAL C 100 -21.69 17.13 40.72
N ASN C 101 -21.45 17.04 42.03
CA ASN C 101 -20.63 18.01 42.74
C ASN C 101 -19.46 17.33 43.42
N TRP C 102 -18.51 18.12 43.92
CA TRP C 102 -17.33 17.56 44.58
C TRP C 102 -17.73 16.69 45.75
N GLY C 103 -18.87 16.99 46.33
CA GLY C 103 -19.42 16.18 47.42
C GLY C 103 -19.70 14.77 46.95
N ALA C 104 -20.54 14.64 45.93
CA ALA C 104 -20.96 13.33 45.43
C ALA C 104 -20.64 13.15 43.96
N VAL C 105 -19.43 12.67 43.68
CA VAL C 105 -18.97 12.43 42.31
C VAL C 105 -17.98 11.27 42.32
N GLU C 106 -17.78 10.64 41.17
CA GLU C 106 -16.82 9.56 41.07
C GLU C 106 -15.41 10.05 41.38
N TRP C 107 -14.72 9.31 42.24
CA TRP C 107 -13.38 9.66 42.69
C TRP C 107 -12.41 9.86 41.53
N LEU C 108 -12.31 8.85 40.67
CA LEU C 108 -11.37 8.89 39.55
C LEU C 108 -11.58 10.14 38.69
N PHE C 109 -12.79 10.33 38.17
CA PHE C 109 -13.06 11.46 37.30
C PHE C 109 -12.70 12.79 37.94
N SER C 110 -13.24 13.03 39.13
CA SER C 110 -13.05 14.31 39.81
C SER C 110 -11.58 14.61 40.04
N GLU C 111 -10.79 13.58 40.32
CA GLU C 111 -9.36 13.76 40.57
C GLU C 111 -8.68 14.21 39.28
N VAL C 112 -9.00 13.55 38.18
CA VAL C 112 -8.48 13.93 36.87
C VAL C 112 -8.98 15.32 36.51
N TYR C 113 -10.28 15.55 36.73
CA TYR C 113 -10.92 16.82 36.43
C TYR C 113 -10.25 17.97 37.18
N LEU C 114 -9.82 17.70 38.41
CA LEU C 114 -9.21 18.71 39.25
C LEU C 114 -7.96 19.30 38.59
N TYR C 115 -7.06 18.43 38.14
CA TYR C 115 -5.80 18.87 37.59
C TYR C 115 -5.97 19.50 36.22
N ARG C 116 -7.00 19.08 35.50
CA ARG C 116 -7.32 19.70 34.22
C ARG C 116 -7.77 21.15 34.47
N ARG C 117 -8.61 21.34 35.47
CA ARG C 117 -9.07 22.67 35.84
C ARG C 117 -7.89 23.58 36.20
N VAL C 118 -6.93 23.03 36.94
CA VAL C 118 -5.73 23.76 37.31
C VAL C 118 -4.96 24.17 36.06
N ASN C 119 -4.61 23.18 35.24
CA ASN C 119 -3.80 23.41 34.05
C ASN C 119 -4.41 24.47 33.14
N VAL C 120 -5.74 24.50 33.05
CA VAL C 120 -6.43 25.47 32.20
C VAL C 120 -6.12 26.89 32.65
N LEU C 121 -6.13 27.13 33.96
CA LEU C 121 -5.89 28.47 34.48
C LEU C 121 -4.55 29.01 34.00
N PHE C 122 -3.55 28.14 33.98
CA PHE C 122 -2.22 28.54 33.54
C PHE C 122 -2.16 28.78 32.02
N GLN C 123 -2.72 27.85 31.24
CA GLN C 123 -2.69 27.98 29.79
C GLN C 123 -3.52 29.16 29.33
N ARG C 124 -4.47 29.59 30.15
CA ARG C 124 -5.28 30.76 29.82
C ARG C 124 -4.41 32.02 29.87
N GLN C 125 -3.37 31.97 30.71
CA GLN C 125 -2.42 33.07 30.81
C GLN C 125 -1.21 32.77 29.95
N CYS C 126 -0.97 33.62 28.96
CA CYS C 126 0.04 33.37 27.94
C CYS C 126 1.40 33.01 28.54
N GLU C 127 1.90 33.86 29.43
CA GLU C 127 3.26 33.72 29.94
C GLU C 127 3.43 32.45 30.80
N TRP C 128 2.32 31.89 31.27
CA TRP C 128 2.36 30.77 32.21
C TRP C 128 1.92 29.45 31.60
N ALA C 129 1.74 29.43 30.28
CA ALA C 129 1.17 28.27 29.60
C ALA C 129 2.04 27.02 29.77
N LYS C 130 3.33 27.21 29.96
CA LYS C 130 4.27 26.09 30.03
C LYS C 130 4.81 25.88 31.44
N PHE C 131 4.33 26.66 32.40
CA PHE C 131 4.82 26.56 33.76
C PHE C 131 4.22 25.36 34.47
N ASP C 132 5.09 24.49 34.98
CA ASP C 132 4.65 23.36 35.80
C ASP C 132 4.60 23.79 37.26
N ILE C 133 3.40 23.95 37.79
CA ILE C 133 3.21 24.45 39.14
C ILE C 133 3.73 23.48 40.20
N PHE C 134 3.96 22.23 39.81
CA PHE C 134 4.39 21.20 40.74
C PHE C 134 5.90 20.90 40.65
N ASN C 135 6.58 21.55 39.71
CA ASN C 135 7.99 21.27 39.48
C ASN C 135 8.86 21.58 40.68
N ARG C 136 8.55 22.67 41.38
CA ARG C 136 9.33 23.08 42.53
C ARG C 136 9.30 21.99 43.59
N LEU C 137 8.16 21.32 43.72
CA LEU C 137 8.02 20.22 44.67
C LEU C 137 8.74 18.97 44.17
N LYS C 138 8.60 18.67 42.88
CA LYS C 138 9.26 17.52 42.28
C LYS C 138 10.75 17.51 42.56
N GLN C 139 11.39 18.66 42.37
CA GLN C 139 12.83 18.78 42.50
C GLN C 139 13.31 18.63 43.95
N SER C 140 12.68 19.35 44.86
CA SER C 140 13.08 19.31 46.26
C SER C 140 12.98 17.90 46.81
N THR C 141 11.90 17.20 46.45
CA THR C 141 11.71 15.81 46.85
C THR C 141 12.83 14.94 46.28
N PHE C 142 13.19 15.18 45.02
CA PHE C 142 14.21 14.38 44.37
C PHE C 142 15.61 14.77 44.87
N GLU C 143 15.77 16.02 45.28
CA GLU C 143 17.04 16.47 45.83
C GLU C 143 17.34 15.78 47.16
N SER C 144 16.30 15.58 47.96
CA SER C 144 16.46 15.00 49.29
C SER C 144 16.54 13.47 49.25
N SER C 145 16.48 12.92 48.04
CA SER C 145 16.71 11.49 47.87
C SER C 145 18.16 11.23 47.47
N PHE C 146 18.98 12.28 47.58
CA PHE C 146 20.37 12.27 47.12
C PHE C 146 21.11 10.98 47.42
N TYR C 147 21.11 10.55 48.68
CA TYR C 147 21.87 9.38 49.08
C TYR C 147 21.42 8.13 48.33
N GLY C 148 20.10 7.98 48.18
CA GLY C 148 19.55 6.83 47.48
C GLY C 148 19.94 6.79 46.02
N VAL C 149 20.16 7.97 45.43
CA VAL C 149 20.54 8.06 44.02
C VAL C 149 21.98 7.59 43.84
N VAL C 150 22.81 7.90 44.82
CA VAL C 150 24.23 7.54 44.78
C VAL C 150 24.41 6.03 44.94
N GLU C 151 23.70 5.44 45.89
CA GLU C 151 23.82 4.00 46.15
C GLU C 151 23.52 3.21 44.89
N LEU C 152 22.45 3.59 44.20
CA LEU C 152 22.05 2.91 42.97
C LEU C 152 23.03 3.21 41.83
N ALA C 153 23.43 4.47 41.70
CA ALA C 153 24.39 4.87 40.68
C ALA C 153 25.71 4.15 40.89
N LEU C 154 26.04 3.87 42.15
CA LEU C 154 27.26 3.15 42.48
C LEU C 154 27.08 1.65 42.31
N ARG C 155 25.93 1.13 42.73
CA ARG C 155 25.59 -0.26 42.51
C ARG C 155 25.69 -0.57 41.02
N TYR C 156 25.02 0.26 40.23
CA TYR C 156 24.97 0.09 38.79
C TYR C 156 26.36 0.16 38.17
N GLU C 157 27.14 1.15 38.59
CA GLU C 157 28.49 1.34 38.07
C GLU C 157 29.32 0.07 38.22
N ASN C 158 29.18 -0.58 39.36
CA ASN C 158 29.94 -1.80 39.63
C ASN C 158 29.35 -3.02 38.93
N LEU C 159 28.06 -2.96 38.64
CA LEU C 159 27.35 -4.07 38.01
C LEU C 159 27.52 -4.08 36.49
N LEU C 160 27.73 -2.91 35.91
CA LEU C 160 27.75 -2.77 34.45
C LEU C 160 28.70 -3.77 33.78
N PRO C 161 29.98 -3.80 34.19
CA PRO C 161 30.92 -4.71 33.52
C PRO C 161 30.45 -6.16 33.55
N GLN C 162 29.89 -6.57 34.68
CA GLN C 162 29.44 -7.95 34.85
C GLN C 162 28.35 -8.29 33.86
N LEU C 163 27.30 -7.45 33.82
CA LEU C 163 26.13 -7.71 32.98
C LEU C 163 26.52 -7.91 31.51
N ARG C 164 27.44 -7.09 31.02
CA ARG C 164 27.88 -7.19 29.63
C ARG C 164 28.41 -8.60 29.37
N GLU C 165 29.25 -9.09 30.28
CA GLU C 165 29.78 -10.44 30.19
C GLU C 165 28.66 -11.47 30.27
N MET C 166 27.64 -11.16 31.07
CA MET C 166 26.52 -12.07 31.25
C MET C 166 25.68 -12.17 29.98
N LYS C 167 25.49 -11.05 29.30
CA LYS C 167 24.66 -10.98 28.10
C LYS C 167 25.07 -12.03 27.06
N GLN C 168 26.32 -12.46 27.10
CA GLN C 168 26.83 -13.45 26.16
C GLN C 168 26.07 -14.77 26.25
N ASN C 169 26.02 -15.34 27.44
CA ASN C 169 25.38 -16.63 27.65
C ASN C 169 23.89 -16.58 27.37
N ASP C 175 20.19 -17.48 32.74
CA ASP C 175 21.10 -17.39 33.87
C ASP C 175 20.33 -17.07 35.16
N ASP C 176 20.76 -17.66 36.27
CA ASP C 176 20.04 -17.55 37.53
C ASP C 176 20.47 -16.35 38.35
N ILE C 177 21.71 -15.90 38.17
CA ILE C 177 22.21 -14.72 38.86
C ILE C 177 21.43 -13.50 38.38
N LEU C 178 20.96 -13.56 37.14
CA LEU C 178 20.19 -12.48 36.54
C LEU C 178 18.82 -12.38 37.22
N LYS C 179 18.22 -13.54 37.48
CA LYS C 179 16.89 -13.60 38.07
C LYS C 179 16.87 -13.02 39.48
N VAL C 180 18.03 -13.00 40.14
CA VAL C 180 18.14 -12.39 41.45
C VAL C 180 18.10 -10.87 41.31
N LEU C 181 18.87 -10.37 40.35
CA LEU C 181 18.90 -8.94 40.08
C LEU C 181 17.57 -8.46 39.51
N PHE C 182 16.95 -9.29 38.67
CA PHE C 182 15.66 -8.97 38.08
C PHE C 182 14.65 -8.61 39.16
N LYS C 183 14.46 -9.51 40.13
CA LYS C 183 13.50 -9.30 41.20
C LYS C 183 13.82 -8.05 42.00
N GLU C 184 15.10 -7.77 42.21
CA GLU C 184 15.52 -6.58 42.94
C GLU C 184 15.11 -5.31 42.19
N PHE C 185 15.61 -5.16 40.97
CA PHE C 185 15.31 -3.98 40.17
C PHE C 185 13.80 -3.79 40.02
N ILE C 186 13.07 -4.89 39.88
CA ILE C 186 11.61 -4.84 39.85
C ILE C 186 11.10 -4.24 41.15
N GLU C 187 11.51 -4.82 42.27
CA GLU C 187 11.03 -4.41 43.59
C GLU C 187 11.43 -2.97 43.91
N ILE C 188 12.62 -2.56 43.47
CA ILE C 188 13.07 -1.20 43.71
C ILE C 188 12.19 -0.23 42.92
N SER C 189 11.85 -0.61 41.69
CA SER C 189 10.96 0.19 40.87
C SER C 189 9.58 0.27 41.53
N LEU C 190 9.20 -0.83 42.19
CA LEU C 190 7.89 -0.93 42.84
C LEU C 190 7.74 0.06 43.99
N TRP C 191 8.69 0.07 44.91
CA TRP C 191 8.56 0.85 46.14
C TRP C 191 8.98 2.31 45.95
N GLY C 192 9.65 2.61 44.84
CA GLY C 192 10.03 3.97 44.51
C GLY C 192 10.74 4.68 45.65
N THR C 204 28.01 -4.56 45.58
CA THR C 204 28.37 -5.40 44.44
C THR C 204 27.63 -6.73 44.48
N LEU C 205 27.65 -7.45 43.38
CA LEU C 205 26.88 -8.69 43.23
C LEU C 205 27.11 -9.65 44.40
N GLU C 206 28.35 -9.75 44.85
CA GLU C 206 28.69 -10.65 45.94
C GLU C 206 27.95 -10.30 47.22
N ASP C 207 27.95 -9.01 47.57
CA ASP C 207 27.26 -8.55 48.77
C ASP C 207 25.75 -8.53 48.59
N ILE C 208 25.30 -8.57 47.33
CA ILE C 208 23.88 -8.72 47.04
C ILE C 208 23.48 -10.18 47.26
N LYS C 209 24.43 -11.08 47.04
CA LYS C 209 24.23 -12.50 47.29
C LYS C 209 24.29 -12.81 48.78
N SER C 210 24.96 -11.94 49.53
CA SER C 210 25.21 -12.17 50.95
C SER C 210 23.93 -12.40 51.75
N ILE C 211 24.09 -12.65 53.05
CA ILE C 211 22.96 -12.92 53.92
C ILE C 211 22.16 -11.64 54.17
N GLN C 212 22.86 -10.51 54.19
CA GLN C 212 22.22 -9.22 54.39
C GLN C 212 21.30 -8.89 53.22
N GLY C 213 21.67 -9.36 52.03
CA GLY C 213 20.86 -9.15 50.85
C GLY C 213 19.69 -10.11 50.78
N ALA C 214 19.85 -11.27 51.42
CA ALA C 214 18.80 -12.28 51.45
C ALA C 214 17.59 -11.76 52.23
N LYS C 215 17.84 -11.17 53.38
CA LYS C 215 16.78 -10.61 54.21
C LYS C 215 16.11 -9.43 53.54
N ALA C 216 16.91 -8.56 52.93
CA ALA C 216 16.41 -7.36 52.27
C ALA C 216 15.28 -7.72 51.29
N ARG C 217 15.51 -8.74 50.47
CA ARG C 217 14.50 -9.20 49.53
C ARG C 217 13.36 -9.89 50.24
N ALA C 218 13.69 -10.70 51.23
CA ALA C 218 12.69 -11.42 52.02
C ALA C 218 11.80 -10.44 52.78
N ALA C 219 12.36 -9.29 53.14
CA ALA C 219 11.60 -8.26 53.84
C ALA C 219 10.70 -7.52 52.86
N SER C 220 11.17 -7.38 51.63
CA SER C 220 10.39 -6.70 50.59
C SER C 220 9.18 -7.53 50.20
N GLU C 221 9.42 -8.77 49.81
CA GLU C 221 8.37 -9.64 49.27
C GLU C 221 7.37 -10.09 50.33
N SER C 222 7.70 -9.84 51.59
CA SER C 222 6.80 -10.19 52.69
C SER C 222 5.56 -9.30 52.66
N LYS C 223 5.74 -8.04 52.25
CA LYS C 223 4.64 -7.09 52.18
C LYS C 223 3.97 -7.10 50.80
N ILE C 224 4.61 -7.73 49.83
CA ILE C 224 4.04 -7.86 48.49
C ILE C 224 3.05 -9.02 48.47
N VAL C 225 1.80 -8.72 48.83
CA VAL C 225 0.80 -9.75 49.09
C VAL C 225 0.43 -10.55 47.84
N VAL C 226 0.68 -9.98 46.67
CA VAL C 226 0.53 -10.72 45.41
C VAL C 226 1.76 -10.47 44.54
N ASN C 227 2.40 -11.54 44.12
CA ASN C 227 3.67 -11.45 43.42
C ASN C 227 3.71 -12.32 42.17
N ASP C 228 3.54 -11.68 41.01
CA ASP C 228 3.62 -12.37 39.73
C ASP C 228 4.87 -11.99 38.97
N THR C 229 5.97 -11.79 39.70
CA THR C 229 7.24 -11.41 39.09
C THR C 229 7.77 -12.56 38.23
N GLU C 230 7.51 -13.79 38.65
CA GLU C 230 7.98 -14.97 37.94
C GLU C 230 7.49 -14.98 36.50
N LYS C 231 6.21 -14.68 36.30
CA LYS C 231 5.64 -14.67 34.96
C LYS C 231 6.25 -13.57 34.10
N ALA C 232 6.64 -12.46 34.73
CA ALA C 232 7.31 -11.38 34.01
C ALA C 232 8.68 -11.85 33.54
N TRP C 233 9.40 -12.54 34.41
CA TRP C 233 10.70 -13.09 34.09
C TRP C 233 10.60 -14.11 32.95
N GLU C 234 9.64 -15.02 33.06
CA GLU C 234 9.48 -16.06 32.05
C GLU C 234 9.24 -15.49 30.66
N VAL C 235 8.36 -14.50 30.56
CA VAL C 235 8.00 -13.91 29.28
C VAL C 235 9.22 -13.31 28.58
N LEU C 236 10.05 -12.59 29.34
CA LEU C 236 11.21 -11.90 28.77
C LEU C 236 12.29 -12.89 28.37
N THR C 237 12.43 -13.97 29.12
CA THR C 237 13.41 -15.00 28.81
C THR C 237 13.02 -15.74 27.54
N LYS C 238 11.73 -16.07 27.42
CA LYS C 238 11.22 -16.73 26.22
C LYS C 238 11.46 -15.87 25.00
N ALA C 239 11.30 -14.56 25.17
CA ALA C 239 11.57 -13.61 24.11
C ALA C 239 13.04 -13.64 23.71
N ARG C 240 13.91 -13.51 24.71
CA ARG C 240 15.34 -13.57 24.49
C ARG C 240 15.73 -14.89 23.83
N ALA C 241 15.17 -15.97 24.34
CA ALA C 241 15.44 -17.31 23.80
C ALA C 241 14.54 -17.59 22.61
N ASP C 242 14.63 -16.75 21.58
CA ASP C 242 13.78 -16.88 20.40
C ASP C 242 14.57 -16.58 19.13
N ARG C 246 13.29 -11.00 17.13
CA ARG C 246 14.29 -9.98 16.82
C ARG C 246 14.39 -8.95 17.95
N GLU C 247 13.43 -8.02 17.98
CA GLU C 247 13.42 -6.97 18.98
C GLU C 247 12.57 -7.35 20.19
N ILE C 248 13.02 -6.98 21.37
CA ILE C 248 12.25 -7.15 22.59
C ILE C 248 11.80 -5.78 23.11
N ARG C 249 10.50 -5.52 23.06
CA ARG C 249 9.97 -4.23 23.46
C ARG C 249 9.30 -4.29 24.83
N VAL C 250 9.73 -3.40 25.71
CA VAL C 250 9.12 -3.23 27.02
C VAL C 250 8.58 -1.81 27.16
N ASP C 251 7.36 -1.69 27.66
CA ASP C 251 6.72 -0.38 27.82
C ASP C 251 6.57 -0.01 29.28
N PHE C 252 6.82 1.25 29.58
CA PHE C 252 6.62 1.79 30.92
C PHE C 252 5.52 2.85 30.92
N VAL C 253 4.37 2.51 31.49
CA VAL C 253 3.32 3.51 31.73
C VAL C 253 3.61 4.10 33.10
N LEU C 254 4.12 5.32 33.11
CA LEU C 254 4.77 5.88 34.28
C LEU C 254 3.85 6.46 35.34
N ASP C 255 4.41 6.65 36.53
CA ASP C 255 3.70 7.27 37.63
C ASP C 255 4.45 8.53 38.07
N ASN C 256 5.09 8.49 39.23
CA ASN C 256 5.76 9.68 39.76
C ASN C 256 7.16 9.84 39.21
N SER C 257 7.64 11.09 39.23
CA SER C 257 9.00 11.39 38.78
C SER C 257 9.95 11.31 39.97
N GLY C 258 11.06 12.03 39.90
CA GLY C 258 12.04 12.01 40.96
C GLY C 258 12.71 10.64 41.07
N PHE C 259 12.69 10.06 42.26
CA PHE C 259 13.40 8.82 42.50
C PHE C 259 12.74 7.61 41.83
N GLU C 260 11.41 7.59 41.83
CA GLU C 260 10.69 6.47 41.21
C GLU C 260 11.04 6.36 39.74
N LEU C 261 11.05 7.50 39.04
CA LEU C 261 11.46 7.53 37.65
C LEU C 261 12.89 7.05 37.53
N TYR C 262 13.74 7.53 38.42
CA TYR C 262 15.14 7.12 38.46
C TYR C 262 15.23 5.60 38.64
N ALA C 263 14.29 5.04 39.38
CA ALA C 263 14.24 3.60 39.62
C ALA C 263 13.73 2.86 38.38
N ASP C 264 12.85 3.50 37.62
CA ASP C 264 12.33 2.90 36.39
C ASP C 264 13.41 2.87 35.31
N LEU C 265 14.16 3.96 35.20
CA LEU C 265 15.27 4.04 34.25
C LEU C 265 16.34 3.02 34.61
N MET C 266 16.48 2.75 35.91
CA MET C 266 17.47 1.80 36.39
C MET C 266 17.07 0.37 36.01
N LEU C 267 15.76 0.10 36.08
CA LEU C 267 15.23 -1.19 35.63
C LEU C 267 15.43 -1.34 34.13
N ALA C 268 15.03 -0.31 33.38
CA ALA C 268 15.19 -0.32 31.93
C ALA C 268 16.64 -0.59 31.56
N ALA C 269 17.56 0.11 32.23
CA ALA C 269 18.99 -0.05 31.97
C ALA C 269 19.42 -1.50 32.16
N PHE C 270 18.96 -2.11 33.25
CA PHE C 270 19.28 -3.51 33.53
C PHE C 270 18.81 -4.42 32.41
N LEU C 271 17.52 -4.32 32.07
CA LEU C 271 16.94 -5.14 31.01
C LEU C 271 17.73 -4.99 29.71
N LEU C 272 18.15 -3.77 29.42
CA LEU C 272 18.89 -3.50 28.18
C LEU C 272 20.26 -4.16 28.17
N GLN C 273 21.05 -3.91 29.21
CA GLN C 273 22.42 -4.45 29.29
C GLN C 273 22.42 -5.98 29.35
N SER C 274 21.45 -6.54 30.06
CA SER C 274 21.38 -7.98 30.25
C SER C 274 20.89 -8.70 28.99
N GLY C 275 20.36 -7.93 28.05
CA GLY C 275 19.85 -8.49 26.81
C GLY C 275 18.41 -8.95 26.93
N LEU C 276 17.83 -8.73 28.09
CA LEU C 276 16.42 -9.06 28.32
C LEU C 276 15.50 -8.08 27.59
N ALA C 277 16.09 -7.00 27.05
CA ALA C 277 15.32 -6.02 26.31
C ALA C 277 16.18 -5.34 25.25
N THR C 278 15.53 -4.84 24.20
CA THR C 278 16.22 -4.10 23.14
C THR C 278 15.75 -2.66 23.09
N LYS C 279 14.46 -2.45 23.32
CA LYS C 279 13.89 -1.10 23.33
C LYS C 279 12.92 -0.93 24.49
N CYS C 280 13.10 0.16 25.23
CA CYS C 280 12.21 0.50 26.34
C CYS C 280 11.50 1.82 26.06
N ILE C 281 10.17 1.77 26.03
CA ILE C 281 9.37 2.94 25.71
C ILE C 281 8.63 3.46 26.94
N PHE C 282 8.88 4.71 27.28
CA PHE C 282 8.28 5.34 28.45
C PHE C 282 7.13 6.26 28.07
N HIS C 283 5.99 6.08 28.73
CA HIS C 283 4.80 6.89 28.46
C HIS C 283 4.54 7.85 29.60
N ALA C 284 4.76 9.14 29.34
CA ALA C 284 4.61 10.17 30.36
C ALA C 284 3.33 10.98 30.16
N LYS C 285 3.06 11.89 31.10
CA LYS C 285 1.88 12.74 31.03
C LYS C 285 2.18 14.03 30.28
N ASP C 286 1.17 14.59 29.62
CA ASP C 286 1.36 15.76 28.77
C ASP C 286 1.11 17.08 29.49
N ILE C 287 0.60 17.00 30.71
CA ILE C 287 0.40 18.20 31.52
C ILE C 287 0.78 17.92 32.97
N PRO C 288 0.99 18.98 33.77
CA PRO C 288 1.17 18.79 35.21
C PRO C 288 0.02 17.96 35.78
N TYR C 289 0.34 16.79 36.31
CA TYR C 289 -0.66 15.78 36.62
C TYR C 289 -0.37 15.15 37.97
N MET C 290 -1.42 14.93 38.76
CA MET C 290 -1.30 14.24 40.04
C MET C 290 -0.09 14.75 40.85
N VAL C 291 0.17 16.05 40.74
CA VAL C 291 1.30 16.69 41.39
C VAL C 291 2.64 16.21 40.83
N SER C 292 3.05 15.00 41.18
CA SER C 292 4.43 14.56 40.93
C SER C 292 4.58 13.57 39.77
N ASP C 293 3.58 13.46 38.91
CA ASP C 293 3.65 12.51 37.80
C ASP C 293 4.63 12.98 36.71
N VAL C 294 5.29 12.01 36.09
CA VAL C 294 6.31 12.28 35.09
C VAL C 294 5.76 12.98 33.86
N MET C 295 6.48 13.99 33.39
CA MET C 295 6.23 14.59 32.08
C MET C 295 7.48 14.37 31.23
N LEU C 296 7.37 14.60 29.93
CA LEU C 296 8.52 14.45 29.04
C LEU C 296 9.70 15.26 29.55
N LYS C 297 9.42 16.51 29.91
CA LYS C 297 10.48 17.41 30.38
C LYS C 297 11.19 16.86 31.62
N ASP C 298 10.45 16.10 32.43
CA ASP C 298 10.98 15.61 33.69
C ASP C 298 12.09 14.58 33.52
N PHE C 299 12.27 14.09 32.30
CA PHE C 299 13.36 13.18 32.01
C PHE C 299 14.66 13.94 31.81
N ASP C 300 14.58 15.03 31.04
CA ASP C 300 15.73 15.89 30.81
C ASP C 300 16.20 16.51 32.13
N ILE C 301 15.23 16.98 32.92
CA ILE C 301 15.53 17.57 34.22
C ILE C 301 16.27 16.57 35.09
N LEU C 302 15.80 15.32 35.08
CA LEU C 302 16.40 14.28 35.90
C LEU C 302 17.87 14.08 35.53
N VAL C 303 18.15 13.95 34.24
CA VAL C 303 19.53 13.78 33.78
C VAL C 303 20.35 15.01 34.16
N HIS C 304 19.77 16.18 33.97
CA HIS C 304 20.47 17.42 34.29
C HIS C 304 20.73 17.50 35.80
N ASP C 305 19.78 17.01 36.58
CA ASP C 305 19.92 16.99 38.03
C ASP C 305 21.13 16.17 38.46
N LEU C 306 21.37 15.07 37.77
CA LEU C 306 22.47 14.17 38.13
C LEU C 306 23.83 14.84 37.89
N ARG C 307 23.87 15.82 37.01
CA ARG C 307 25.11 16.52 36.69
C ARG C 307 25.23 17.84 37.45
N ASP C 308 24.16 18.24 38.13
CA ASP C 308 24.16 19.47 38.91
C ASP C 308 24.71 19.21 40.31
N ARG C 309 25.75 19.94 40.68
CA ARG C 309 26.42 19.71 41.95
C ARG C 309 25.86 20.58 43.07
N GLU C 310 25.14 21.64 42.70
CA GLU C 310 24.41 22.43 43.68
C GLU C 310 23.14 21.68 44.08
N PHE C 311 22.66 20.84 43.17
CA PHE C 311 21.48 20.02 43.40
C PHE C 311 21.86 18.78 44.19
N PHE C 312 22.71 17.94 43.58
CA PHE C 312 23.25 16.76 44.25
C PHE C 312 24.71 17.03 44.63
N PRO C 313 24.98 17.33 45.91
CA PRO C 313 26.34 17.70 46.28
C PRO C 313 27.25 16.51 46.51
N SER C 314 27.97 16.09 45.47
CA SER C 314 28.94 15.01 45.57
C SER C 314 30.37 15.54 45.42
N GLY C 315 30.49 16.84 45.17
CA GLY C 315 31.78 17.49 45.15
C GLY C 315 32.54 17.37 43.83
N GLU C 316 33.81 17.00 43.94
CA GLU C 316 34.71 16.97 42.78
C GLU C 316 34.25 15.93 41.75
N PRO C 317 34.41 16.25 40.45
CA PRO C 317 34.18 15.23 39.42
C PRO C 317 35.06 14.00 39.61
N SER C 318 36.13 14.15 40.38
CA SER C 318 37.06 13.05 40.65
C SER C 318 36.48 12.03 41.63
N THR C 319 35.58 12.49 42.50
CA THR C 319 35.02 11.63 43.54
C THR C 319 34.45 10.34 42.97
N LYS C 320 34.32 9.34 43.83
CA LYS C 320 33.77 8.03 43.44
C LYS C 320 32.29 8.16 43.12
N GLU C 321 31.60 9.04 43.83
CA GLU C 321 30.16 9.20 43.69
C GLU C 321 29.80 10.01 42.46
N SER C 322 30.43 11.17 42.29
CA SER C 322 30.18 12.01 41.13
C SER C 322 30.44 11.22 39.85
N ARG C 323 31.48 10.40 39.87
CA ARG C 323 31.84 9.56 38.73
C ARG C 323 30.71 8.58 38.42
N ALA C 324 29.99 8.17 39.46
CA ALA C 324 28.91 7.21 39.31
C ALA C 324 27.67 7.84 38.70
N LEU C 325 27.41 9.10 39.04
CA LEU C 325 26.26 9.81 38.51
C LEU C 325 26.47 10.14 37.04
N ASP C 326 27.62 10.72 36.73
CA ASP C 326 27.93 11.12 35.36
C ASP C 326 27.95 9.92 34.42
N LEU C 327 28.27 8.74 34.94
CA LEU C 327 28.25 7.53 34.14
C LEU C 327 26.82 7.17 33.77
N PHE C 328 25.95 7.07 34.77
CA PHE C 328 24.56 6.73 34.53
C PHE C 328 23.88 7.82 33.70
N ALA C 329 24.20 9.07 34.01
CA ALA C 329 23.65 10.20 33.26
C ALA C 329 24.07 10.11 31.79
N GLY C 330 25.30 9.63 31.58
CA GLY C 330 25.81 9.44 30.23
C GLY C 330 25.23 8.19 29.58
N GLU C 331 24.86 7.23 30.42
CA GLU C 331 24.23 6.00 29.94
C GLU C 331 22.87 6.30 29.31
N MET C 332 22.10 7.15 29.99
CA MET C 332 20.78 7.51 29.51
C MET C 332 20.85 8.21 28.16
N GLU C 333 21.82 9.10 28.00
CA GLU C 333 22.00 9.79 26.73
C GLU C 333 22.38 8.81 25.63
N LYS C 334 23.21 7.84 25.97
CA LYS C 334 23.63 6.82 25.01
C LYS C 334 22.43 5.99 24.56
N PHE C 335 21.63 5.53 25.51
CA PHE C 335 20.46 4.73 25.21
C PHE C 335 19.47 5.48 24.32
N VAL C 336 19.21 6.74 24.65
CA VAL C 336 18.30 7.56 23.86
C VAL C 336 18.81 7.69 22.42
N SER C 337 20.09 8.05 22.29
CA SER C 337 20.70 8.28 20.97
C SER C 337 20.70 7.02 20.12
N SER C 338 20.82 5.86 20.77
CA SER C 338 20.84 4.58 20.06
C SER C 338 19.43 4.06 19.81
N GLY C 339 18.44 4.72 20.40
CA GLY C 339 17.05 4.34 20.21
C GLY C 339 16.62 3.20 21.12
N LYS C 340 17.42 2.92 22.14
CA LYS C 340 17.11 1.86 23.09
C LYS C 340 16.15 2.37 24.17
N ILE C 341 16.14 3.68 24.39
CA ILE C 341 15.17 4.31 25.28
C ILE C 341 14.44 5.41 24.53
N GLU C 342 13.11 5.40 24.62
CA GLU C 342 12.28 6.39 23.96
C GLU C 342 11.17 6.87 24.89
N PHE C 343 11.03 8.20 25.00
CA PHE C 343 9.97 8.78 25.81
C PHE C 343 8.88 9.35 24.93
N ARG C 344 7.63 9.07 25.29
CA ARG C 344 6.47 9.57 24.55
C ARG C 344 5.47 10.21 25.49
N GLU C 345 4.53 10.96 24.92
CA GLU C 345 3.42 11.53 25.68
C GLU C 345 2.14 11.45 24.87
N ASP C 346 1.03 11.20 25.55
CA ASP C 346 -0.27 11.14 24.89
C ASP C 346 -1.33 11.72 25.82
N SER C 347 -2.25 12.48 25.24
CA SER C 347 -3.30 13.14 26.01
C SER C 347 -4.22 12.13 26.67
N PHE C 348 -4.26 10.92 26.12
CA PHE C 348 -5.11 9.86 26.64
C PHE C 348 -4.83 9.60 28.11
N TRP C 349 -3.56 9.62 28.49
CA TRP C 349 -3.15 9.29 29.86
C TRP C 349 -3.67 10.30 30.88
N THR C 350 -3.97 11.51 30.42
CA THR C 350 -4.46 12.56 31.32
C THR C 350 -5.95 12.82 31.15
N THR C 351 -6.65 11.89 30.52
CA THR C 351 -8.12 11.93 30.48
C THR C 351 -8.68 11.12 31.64
N GLU C 352 -9.99 11.24 31.85
CA GLU C 352 -10.67 10.52 32.92
C GLU C 352 -10.87 9.05 32.56
N LEU C 353 -10.64 8.71 31.29
CA LEU C 353 -10.89 7.37 30.80
C LEU C 353 -10.01 6.33 31.46
N ASP C 354 -10.62 5.24 31.93
CA ASP C 354 -9.87 4.12 32.48
C ASP C 354 -9.36 3.24 31.35
N TYR C 355 -8.46 2.32 31.69
CA TYR C 355 -7.74 1.55 30.67
C TYR C 355 -8.55 0.39 30.10
N TRP C 356 -9.84 0.36 30.41
CA TRP C 356 -10.74 -0.51 29.66
C TRP C 356 -10.93 0.09 28.27
N ASN C 357 -10.57 1.36 28.12
CA ASN C 357 -10.67 2.06 26.86
C ASN C 357 -9.44 1.88 25.98
N LEU C 358 -8.41 1.23 26.52
CA LEU C 358 -7.29 0.78 25.70
C LEU C 358 -7.79 -0.35 24.82
N ASP C 359 -8.64 0.00 23.86
CA ASP C 359 -9.34 -0.99 23.06
C ASP C 359 -9.67 -0.42 21.69
N ALA C 360 -9.91 -1.30 20.72
CA ALA C 360 -10.17 -0.89 19.35
C ALA C 360 -11.41 0.00 19.25
N ASN C 361 -12.33 -0.15 20.20
CA ASN C 361 -13.58 0.60 20.18
C ASN C 361 -13.41 2.09 20.47
N GLU C 362 -12.35 2.44 21.19
CA GLU C 362 -12.14 3.84 21.58
C GLU C 362 -11.39 4.59 20.49
N THR C 363 -12.15 5.16 19.56
CA THR C 363 -11.58 5.81 18.38
C THR C 363 -11.61 7.34 18.44
N LYS C 364 -11.95 7.89 19.61
CA LYS C 364 -12.10 9.33 19.74
C LYS C 364 -10.90 9.97 20.44
N TYR C 365 -10.39 9.28 21.46
CA TYR C 365 -9.37 9.87 22.34
C TYR C 365 -8.07 9.08 22.39
N HIS C 366 -7.72 8.46 21.26
CA HIS C 366 -6.43 7.78 21.09
C HIS C 366 -6.35 6.44 21.81
N GLY C 367 -7.47 6.02 22.41
CA GLY C 367 -7.50 4.75 23.11
C GLY C 367 -7.18 3.59 22.20
N SER C 368 -7.74 3.61 21.00
CA SER C 368 -7.54 2.55 20.02
C SER C 368 -6.13 2.57 19.44
N ILE C 369 -5.57 3.76 19.28
CA ILE C 369 -4.22 3.93 18.76
C ILE C 369 -3.21 3.30 19.71
N LEU C 370 -3.33 3.62 21.00
CA LEU C 370 -2.42 3.09 22.00
C LEU C 370 -2.57 1.58 22.13
N HIS C 371 -3.80 1.09 21.99
CA HIS C 371 -4.05 -0.34 22.03
C HIS C 371 -3.27 -1.07 20.96
N LYS C 372 -3.40 -0.62 19.71
CA LYS C 372 -2.69 -1.22 18.58
C LYS C 372 -1.18 -1.25 18.83
N ASP C 373 -0.65 -0.17 19.37
CA ASP C 373 0.79 -0.05 19.56
C ASP C 373 1.27 -0.91 20.72
N LEU C 374 0.51 -0.95 21.80
CA LEU C 374 0.87 -1.72 22.98
C LEU C 374 0.78 -3.22 22.75
N GLN C 375 0.09 -3.62 21.67
CA GLN C 375 0.02 -5.04 21.32
C GLN C 375 1.39 -5.59 20.93
N LYS C 376 2.15 -4.78 20.19
CA LYS C 376 3.47 -5.18 19.74
C LYS C 376 4.43 -5.38 20.89
N SER C 377 4.11 -4.78 22.03
CA SER C 377 4.96 -4.85 23.21
C SER C 377 5.01 -6.26 23.77
N ASN C 378 6.18 -6.65 24.26
CA ASN C 378 6.33 -7.93 24.94
C ASN C 378 5.89 -7.81 26.40
N LEU C 379 5.97 -6.59 26.93
CA LEU C 379 5.58 -6.34 28.32
C LEU C 379 5.27 -4.88 28.54
N VAL C 380 4.08 -4.59 29.04
CA VAL C 380 3.70 -3.23 29.42
C VAL C 380 3.63 -3.13 30.93
N ILE C 381 4.55 -2.35 31.51
CA ILE C 381 4.63 -2.19 32.96
C ILE C 381 3.86 -0.94 33.40
N PHE C 382 2.75 -1.17 34.10
CA PHE C 382 1.97 -0.07 34.67
C PHE C 382 2.45 0.24 36.09
N LYS C 383 2.92 1.46 36.29
CA LYS C 383 3.49 1.88 37.57
C LYS C 383 2.51 2.71 38.39
N GLY C 384 2.46 2.44 39.69
CA GLY C 384 1.77 3.32 40.61
C GLY C 384 0.32 2.97 40.89
N ASP C 385 -0.31 3.79 41.73
CA ASP C 385 -1.66 3.52 42.21
C ASP C 385 -2.72 3.93 41.19
N LEU C 386 -2.57 5.10 40.59
CA LEU C 386 -3.56 5.61 39.65
C LEU C 386 -3.71 4.68 38.44
N ASN C 387 -2.61 4.25 37.87
CA ASN C 387 -2.63 3.29 36.77
C ASN C 387 -3.43 2.06 37.16
N TYR C 388 -3.14 1.53 38.34
CA TYR C 388 -3.85 0.37 38.87
C TYR C 388 -5.34 0.65 38.95
N ARG C 389 -5.69 1.84 39.45
CA ARG C 389 -7.09 2.24 39.56
C ARG C 389 -7.74 2.27 38.18
N LYS C 390 -7.02 2.80 37.21
CA LYS C 390 -7.53 2.87 35.84
C LYS C 390 -7.58 1.49 35.19
N LEU C 391 -6.68 0.60 35.60
CA LEU C 391 -6.72 -0.77 35.12
C LEU C 391 -7.98 -1.47 35.59
N THR C 392 -8.39 -1.20 36.83
CA THR C 392 -9.56 -1.85 37.41
C THR C 392 -10.83 -1.04 37.24
N GLY C 393 -10.71 0.15 36.67
CA GLY C 393 -11.84 1.05 36.54
C GLY C 393 -12.22 1.69 37.85
N ASP C 394 -11.38 1.51 38.87
CA ASP C 394 -11.59 2.13 40.17
C ASP C 394 -12.94 1.72 40.76
N ARG C 395 -13.29 0.45 40.58
CA ARG C 395 -14.60 -0.05 40.99
C ARG C 395 -14.54 -0.82 42.31
N LYS C 396 -15.70 -0.96 42.94
CA LYS C 396 -15.80 -1.64 44.23
C LYS C 396 -15.90 -3.15 44.08
N TRP C 397 -14.86 -3.76 43.51
CA TRP C 397 -14.81 -5.20 43.38
C TRP C 397 -14.58 -5.86 44.73
N PRO C 398 -15.20 -7.03 44.96
CA PRO C 398 -14.73 -7.85 46.09
C PRO C 398 -13.23 -8.06 45.99
N ARG C 399 -12.52 -7.98 47.12
CA ARG C 399 -11.07 -7.96 47.08
C ARG C 399 -10.45 -9.32 46.73
N THR C 400 -11.29 -10.34 46.60
CA THR C 400 -10.83 -11.64 46.13
C THR C 400 -11.05 -11.79 44.63
N THR C 401 -11.63 -10.77 44.00
CA THR C 401 -11.92 -10.79 42.57
C THR C 401 -10.68 -11.13 41.77
N LYS C 402 -10.85 -11.94 40.72
CA LYS C 402 -9.75 -12.35 39.88
C LYS C 402 -9.20 -11.17 39.09
N TRP C 403 -7.89 -11.14 38.90
CA TRP C 403 -7.23 -10.05 38.22
C TRP C 403 -7.80 -9.85 36.81
N GLU C 404 -7.96 -10.95 36.08
CA GLU C 404 -8.46 -10.89 34.72
C GLU C 404 -9.86 -10.30 34.63
N THR C 405 -10.65 -10.50 35.69
CA THR C 405 -12.01 -9.98 35.73
C THR C 405 -12.01 -8.47 35.94
N ALA C 406 -11.10 -8.00 36.77
CA ALA C 406 -11.06 -6.59 37.16
C ALA C 406 -10.55 -5.69 36.05
N ILE C 407 -9.71 -6.22 35.17
CA ILE C 407 -9.10 -5.42 34.11
C ILE C 407 -9.89 -5.51 32.80
N GLY C 408 -11.06 -6.16 32.85
CA GLY C 408 -11.97 -6.18 31.72
C GLY C 408 -11.35 -6.63 30.40
N PRO C 409 -11.46 -5.80 29.34
CA PRO C 409 -10.92 -6.18 28.03
C PRO C 409 -9.42 -6.40 27.99
N LEU C 410 -8.67 -5.81 28.93
CA LEU C 410 -7.22 -5.94 28.93
C LEU C 410 -6.79 -7.38 29.24
N ALA C 411 -7.74 -8.24 29.54
CA ALA C 411 -7.45 -9.64 29.79
C ALA C 411 -7.35 -10.43 28.49
N THR C 412 -7.95 -9.91 27.42
CA THR C 412 -8.15 -10.67 26.20
C THR C 412 -7.65 -9.96 24.94
N ASN C 413 -7.52 -8.65 24.98
CA ASN C 413 -7.28 -7.88 23.76
C ASN C 413 -5.80 -7.78 23.38
N GLY C 414 -5.01 -8.77 23.77
CA GLY C 414 -3.67 -8.93 23.24
C GLY C 414 -2.59 -8.03 23.82
N ILE C 415 -2.83 -7.48 25.01
CA ILE C 415 -1.80 -6.71 25.69
C ILE C 415 -1.24 -7.50 26.86
N THR C 416 0.06 -7.76 26.84
CA THR C 416 0.75 -8.39 27.96
C THR C 416 1.09 -7.31 29.00
N SER C 417 0.45 -7.40 30.16
CA SER C 417 0.54 -6.34 31.16
C SER C 417 1.16 -6.81 32.47
N LEU C 418 1.78 -5.86 33.18
CA LEU C 418 2.33 -6.11 34.50
C LEU C 418 2.13 -4.88 35.38
N SER C 419 1.35 -5.03 36.45
CA SER C 419 1.05 -3.91 37.32
C SER C 419 1.86 -3.95 38.61
N LEU C 420 2.79 -3.00 38.74
CA LEU C 420 3.54 -2.83 39.98
C LEU C 420 2.88 -1.71 40.78
N ARG C 421 2.28 -2.07 41.91
CA ARG C 421 1.45 -1.14 42.65
C ARG C 421 1.73 -1.13 44.15
N THR C 422 2.08 0.05 44.66
CA THR C 422 2.05 0.30 46.09
C THR C 422 0.61 0.66 46.45
N CYS C 423 0.00 -0.13 47.32
CA CYS C 423 -1.43 -0.01 47.60
C CYS C 423 -1.75 1.28 48.35
N LYS C 424 -2.44 2.19 47.67
CA LYS C 424 -2.72 3.50 48.24
C LYS C 424 -4.14 3.99 47.92
N ALA C 425 -5.04 3.05 47.62
CA ALA C 425 -6.43 3.40 47.35
C ALA C 425 -7.36 2.25 47.76
N ASP C 426 -8.63 2.58 47.99
CA ASP C 426 -9.60 1.62 48.49
C ASP C 426 -9.76 0.41 47.57
N VAL C 427 -9.52 0.61 46.27
CA VAL C 427 -9.69 -0.46 45.31
C VAL C 427 -8.59 -1.51 45.48
N GLN C 428 -8.98 -2.77 45.45
CA GLN C 428 -8.04 -3.88 45.62
C GLN C 428 -8.67 -5.18 45.15
N VAL C 429 -7.89 -6.00 44.45
CA VAL C 429 -8.39 -7.28 43.94
C VAL C 429 -7.28 -8.33 43.91
N ALA C 430 -7.63 -9.54 43.48
CA ALA C 430 -6.69 -10.63 43.31
C ALA C 430 -6.03 -11.05 44.62
N LEU C 431 -6.77 -10.96 45.72
CA LEU C 431 -6.25 -11.38 47.01
C LEU C 431 -6.65 -12.83 47.31
N PRO C 432 -5.73 -13.61 47.92
CA PRO C 432 -6.14 -14.94 48.34
C PRO C 432 -7.24 -14.87 49.39
N GLU C 433 -8.04 -15.93 49.50
CA GLU C 433 -9.17 -15.94 50.42
C GLU C 433 -8.75 -15.64 51.85
N GLY C 434 -9.40 -14.66 52.47
CA GLY C 434 -9.23 -14.38 53.88
C GLY C 434 -8.09 -13.45 54.22
N LEU C 435 -7.30 -13.06 53.23
CA LEU C 435 -6.14 -12.21 53.48
C LEU C 435 -6.55 -10.77 53.77
N ASP C 436 -7.70 -10.36 53.24
CA ASP C 436 -8.22 -9.02 53.49
C ASP C 436 -8.48 -8.82 54.97
N ALA C 437 -9.13 -9.79 55.61
CA ALA C 437 -9.49 -9.70 57.01
C ALA C 437 -8.24 -9.76 57.90
N LYS C 438 -7.27 -10.56 57.49
CA LYS C 438 -6.03 -10.71 58.25
C LYS C 438 -5.28 -9.39 58.36
N LEU C 439 -5.03 -8.76 57.21
CA LEU C 439 -4.29 -7.51 57.18
C LEU C 439 -5.09 -6.37 57.82
N SER C 440 -6.41 -6.48 57.75
CA SER C 440 -7.28 -5.44 58.33
C SER C 440 -7.13 -5.44 59.85
N GLN C 441 -7.16 -6.62 60.45
CA GLN C 441 -7.03 -6.75 61.90
C GLN C 441 -5.67 -6.21 62.35
N GLU C 442 -4.65 -6.46 61.55
CA GLU C 442 -3.31 -5.98 61.85
C GLU C 442 -3.23 -4.46 61.77
N TRP C 443 -3.75 -3.90 60.68
CA TRP C 443 -3.68 -2.46 60.46
C TRP C 443 -4.62 -1.70 61.39
N GLU C 444 -5.53 -2.43 62.04
CA GLU C 444 -6.46 -1.83 62.99
C GLU C 444 -5.70 -1.16 64.14
N LYS C 445 -4.47 -1.60 64.37
CA LYS C 445 -3.68 -1.11 65.49
C LYS C 445 -3.16 0.31 65.25
N GLU C 446 -2.84 0.64 64.00
CA GLU C 446 -2.31 1.96 63.68
C GLU C 446 -3.41 2.91 63.23
N ASN C 447 -4.49 2.35 62.67
CA ASN C 447 -5.63 3.15 62.28
C ASN C 447 -6.94 2.54 62.77
N PRO C 448 -7.20 2.66 64.09
CA PRO C 448 -8.38 2.03 64.71
C PRO C 448 -9.70 2.46 64.06
N GLY C 449 -10.57 1.49 63.82
CA GLY C 449 -11.86 1.75 63.22
C GLY C 449 -11.84 1.66 61.70
N ARG C 450 -10.65 1.69 61.13
CA ARG C 450 -10.49 1.64 59.68
C ARG C 450 -9.44 0.62 59.27
N GLY C 451 -9.56 -0.60 59.78
CA GLY C 451 -8.61 -1.65 59.44
C GLY C 451 -8.51 -1.87 57.95
N SER C 452 -9.61 -1.62 57.25
CA SER C 452 -9.68 -1.88 55.81
C SER C 452 -8.82 -0.92 54.99
N TRP C 453 -8.28 0.10 55.65
CA TRP C 453 -7.47 1.10 54.96
C TRP C 453 -6.01 0.64 54.80
N TRP C 454 -5.74 -0.63 55.07
CA TRP C 454 -4.39 -1.15 54.96
C TRP C 454 -3.88 -1.01 53.53
N CYS C 455 -4.77 -1.18 52.56
CA CYS C 455 -4.41 -1.06 51.15
C CYS C 455 -4.44 0.39 50.68
N CYS C 456 -4.47 1.32 51.63
CA CYS C 456 -4.46 2.74 51.33
C CYS C 456 -3.23 3.42 51.93
N SER C 457 -2.47 2.67 52.73
CA SER C 457 -1.36 3.22 53.48
C SER C 457 -0.02 3.10 52.76
N GLY C 458 -0.02 2.40 51.63
CA GLY C 458 1.17 2.25 50.83
C GLY C 458 2.30 1.46 51.49
N LYS C 459 1.98 0.75 52.57
CA LYS C 459 2.97 -0.09 53.23
C LYS C 459 2.96 -1.50 52.62
N TRP C 460 1.88 -1.84 51.93
CA TRP C 460 1.79 -3.10 51.19
C TRP C 460 1.81 -2.84 49.68
N ALA C 461 2.02 -3.89 48.91
CA ALA C 461 2.06 -3.77 47.45
C ALA C 461 1.64 -5.05 46.75
N VAL C 462 1.41 -4.95 45.44
CA VAL C 462 1.04 -6.11 44.64
C VAL C 462 1.71 -6.07 43.28
N ILE C 463 1.92 -7.24 42.69
CA ILE C 463 2.48 -7.35 41.35
C ILE C 463 1.61 -8.32 40.53
N CYS C 464 0.78 -7.77 39.66
CA CYS C 464 -0.20 -8.56 38.92
C CYS C 464 0.13 -8.64 37.44
N PHE C 465 0.01 -9.84 36.88
CA PHE C 465 0.37 -10.11 35.50
C PHE C 465 -0.81 -10.63 34.69
N CYS C 466 -0.82 -10.30 33.39
CA CYS C 466 -1.81 -10.86 32.47
C CYS C 466 -1.24 -10.87 31.04
N SER C 467 -1.39 -12.01 30.37
CA SER C 467 -0.82 -12.19 29.03
C SER C 467 -1.66 -11.47 27.98
N GLY C 468 -2.97 -11.41 28.21
CA GLY C 468 -3.87 -10.74 27.31
C GLY C 468 -4.58 -11.72 26.39
N ILE C 469 -4.66 -12.97 26.83
CA ILE C 469 -5.27 -14.03 26.05
C ILE C 469 -6.20 -14.85 26.94
#